data_8TQ6
#
_entry.id   8TQ6
#
_cell.length_a   89.500
_cell.length_b   92.840
_cell.length_c   229.810
_cell.angle_alpha   90.000
_cell.angle_beta   90.000
_cell.angle_gamma   90.000
#
_symmetry.space_group_name_H-M   'P 21 21 21'
#
loop_
_entity.id
_entity.type
_entity.pdbx_description
1 polymer 'HLA class I histocompatibility antigen B alpha chain (HLA-B*44:05)'
2 polymer Beta-2-microglobulin
3 polymer 'MHC class II antigen peptide'
4 polymer 'Fab B1.23.2 Heavy Chain'
5 polymer 'Fab B1.23.2 Light Chain'
#
loop_
_entity_poly.entity_id
_entity_poly.type
_entity_poly.pdbx_seq_one_letter_code
_entity_poly.pdbx_strand_id
1 'polypeptide(L)'
;GSHSMRYFYTAMSRPGRGEPRFITVGYVDDTLFVRFDSDATSPRKEPRAPWIEQEGPEYWDRETQISKTNTQTYRENLRT
ALRYYNQSEAGSHIIQRMYGCDVGPDGRLLRGYDQYAYDGKDYIALNEDLSSWTAADTAAQITQRKWEAARVAEQDRAYL
EGLCVESLRRYLENGKETLQRADPPKTHVTHHPISDHEVTLRCWALGFYPAEITLTWQRDGEDQTQDTELVETRPAGDRT
FQKWAAVVVPSGEEQRYTCHVQHEGLPKPLTLRW
;
A,C
2 'polypeptide(L)'
;MIQRTPKIQVYSRHPAENGKSNFLNCYVSGFHPSDIEVDLLKNGERIEKVEHSDLSFSKDWSFYLLYYTEFTPTEKDEYA
CRVNHVTLSQPKIVKWDRDM
;
B,D
3 'polypeptide(L)' EEFGRAFSF E,P
4 'polypeptide(L)'
;VQLEQSGTVLARPGSSVKMSCKASGYSFTSYWMHWVKQRPGQGLEWIGAIYPGNSDATYNQKFKGKAKLTAVTSANTAYM
ELSSLTNEDSAVYYCTNYFDQWGQGTTLTVSSAKTTAPSVYPLAPVCGDTTGSSVTLGCLVKGYFPEPVTLTWNSGSLSS
GVHTFPAVLQSDLYTLSSSVTVTSSTWPSQSITCNVAHPASSTKVDKKIEPAA
;
F,H
5 'polypeptide(L)'
;TTVTQTPSSMYASLGERVTITCKASQDINSYLNWFQLKPGKSPKTLIYRANRLVDGVPSRFSGSGSGQDYSLTISSLEYE
DMGIYYCLQYDELYTFGGGTKLEMKRADAAPTVSIFPPSSEQLTSGGASVVCFLNNFYPKDINVKWKIDGSERQNGVLNS
WTDQDSKDSTYSMSSTLTLTKDEYERHNSYTCEATHKTSTSPIVKSFNRNEC
;
G,L
#
# COMPACT_ATOMS: atom_id res chain seq x y z
N GLY A 1 22.23 8.05 37.67
CA GLY A 1 20.97 7.77 37.02
C GLY A 1 21.11 6.77 35.89
N SER A 2 20.25 6.90 34.88
CA SER A 2 20.33 6.04 33.71
C SER A 2 21.46 6.49 32.80
N HIS A 3 22.21 5.52 32.28
CA HIS A 3 23.37 5.82 31.45
C HIS A 3 23.23 5.12 30.10
N SER A 4 24.15 5.43 29.19
CA SER A 4 23.97 5.01 27.80
C SER A 4 25.32 4.84 27.13
N MET A 5 25.33 4.00 26.10
CA MET A 5 26.53 3.81 25.27
C MET A 5 26.10 3.68 23.81
N ARG A 6 26.77 4.43 22.94
CA ARG A 6 26.44 4.49 21.52
C ARG A 6 27.70 4.39 20.68
N TYR A 7 27.50 4.04 19.41
CA TYR A 7 28.56 3.92 18.42
C TYR A 7 28.06 4.58 17.14
N PHE A 8 28.89 5.44 16.56
CA PHE A 8 28.57 6.18 15.36
C PHE A 8 29.53 5.77 14.24
N TYR A 9 28.97 5.48 13.07
CA TYR A 9 29.67 5.08 11.86
C TYR A 9 29.44 6.16 10.81
N THR A 10 30.50 6.53 10.10
CA THR A 10 30.45 7.55 9.07
C THR A 10 31.20 7.04 7.85
N ALA A 11 30.51 6.87 6.73
CA ALA A 11 31.11 6.40 5.49
C ALA A 11 30.88 7.44 4.40
N MET A 12 31.96 7.93 3.80
CA MET A 12 31.89 9.00 2.81
C MET A 12 32.52 8.53 1.51
N SER A 13 31.73 8.51 0.43
CA SER A 13 32.30 8.25 -0.88
C SER A 13 32.96 9.51 -1.42
N ARG A 14 34.08 9.33 -2.12
CA ARG A 14 34.84 10.44 -2.70
C ARG A 14 35.43 10.00 -4.03
N PRO A 15 34.64 10.07 -5.11
CA PRO A 15 35.13 9.63 -6.42
C PRO A 15 36.30 10.49 -6.88
N GLY A 16 37.43 9.83 -7.17
CA GLY A 16 38.63 10.51 -7.58
C GLY A 16 39.56 10.91 -6.44
N ARG A 17 39.07 10.92 -5.20
CA ARG A 17 39.89 11.23 -4.04
C ARG A 17 40.32 9.99 -3.28
N GLY A 18 40.15 8.81 -3.87
CA GLY A 18 40.51 7.56 -3.23
C GLY A 18 39.29 6.68 -2.99
N GLU A 19 39.41 5.75 -2.06
CA GLU A 19 38.30 4.89 -1.70
C GLU A 19 37.48 5.54 -0.59
N PRO A 20 36.23 5.12 -0.41
CA PRO A 20 35.38 5.75 0.62
C PRO A 20 36.00 5.65 2.00
N ARG A 21 35.81 6.70 2.78
CA ARG A 21 36.35 6.83 4.12
C ARG A 21 35.37 6.30 5.16
N PHE A 22 35.88 5.52 6.11
CA PHE A 22 35.07 4.96 7.19
C PHE A 22 35.62 5.45 8.52
N ILE A 23 34.73 5.95 9.38
CA ILE A 23 35.09 6.50 10.67
C ILE A 23 34.12 5.96 11.72
N THR A 24 34.66 5.53 12.86
CA THR A 24 33.85 5.07 13.98
C THR A 24 34.22 5.84 15.23
N VAL A 25 33.21 6.31 15.96
CA VAL A 25 33.44 6.92 17.26
C VAL A 25 32.51 6.26 18.27
N GLY A 26 33.06 5.91 19.42
CA GLY A 26 32.30 5.27 20.49
C GLY A 26 32.11 6.25 21.64
N TYR A 27 30.90 6.31 22.16
CA TYR A 27 30.56 7.21 23.26
C TYR A 27 29.93 6.40 24.39
N VAL A 28 30.32 6.72 25.62
CA VAL A 28 29.60 6.29 26.82
C VAL A 28 29.12 7.55 27.51
N ASP A 29 27.79 7.69 27.63
CA ASP A 29 27.16 8.91 28.12
C ASP A 29 27.63 10.04 27.20
N ASP A 30 28.13 11.15 27.73
CA ASP A 30 28.68 12.22 26.90
C ASP A 30 30.20 12.20 26.87
N THR A 31 30.81 11.01 26.89
CA THR A 31 32.27 10.88 26.86
C THR A 31 32.66 9.97 25.72
N LEU A 32 33.43 10.51 24.77
CA LEU A 32 34.00 9.68 23.72
C LEU A 32 35.14 8.84 24.29
N PHE A 33 35.20 7.57 23.90
CA PHE A 33 36.15 6.64 24.49
C PHE A 33 36.94 5.82 23.48
N VAL A 34 36.54 5.79 22.20
CA VAL A 34 37.25 5.01 21.20
C VAL A 34 37.10 5.70 19.86
N ARG A 35 38.01 5.40 18.93
CA ARG A 35 38.06 6.09 17.65
C ARG A 35 38.62 5.16 16.56
N PHE A 36 38.09 5.31 15.35
CA PHE A 36 38.62 4.61 14.19
C PHE A 36 38.53 5.51 12.97
N ASP A 37 39.56 5.47 12.13
CA ASP A 37 39.57 6.25 10.90
C ASP A 37 40.34 5.45 9.86
N SER A 38 39.68 5.16 8.73
CA SER A 38 40.33 4.36 7.69
C SER A 38 41.44 5.12 6.98
N ASP A 39 41.46 6.44 7.06
CA ASP A 39 42.50 7.26 6.45
C ASP A 39 43.60 7.64 7.44
N ALA A 40 44.11 6.66 8.18
CA ALA A 40 45.25 6.86 9.05
C ALA A 40 46.45 6.12 8.48
N THR A 41 47.65 6.52 8.92
CA THR A 41 48.86 5.81 8.51
C THR A 41 48.77 4.35 8.90
N SER A 42 48.09 4.04 10.00
CA SER A 42 47.78 2.67 10.39
C SER A 42 46.32 2.61 10.80
N PRO A 43 45.41 2.17 9.89
CA PRO A 43 43.99 2.03 10.27
C PRO A 43 43.81 1.17 11.51
N ARG A 44 43.44 1.79 12.62
CA ARG A 44 43.27 1.02 13.85
C ARG A 44 42.31 1.74 14.79
N LYS A 45 41.57 0.94 15.55
CA LYS A 45 40.70 1.45 16.61
C LYS A 45 41.64 1.82 17.73
N GLU A 46 41.39 2.92 18.41
CA GLU A 46 42.26 3.42 19.48
C GLU A 46 41.43 4.06 20.59
N PRO A 47 41.83 3.87 21.84
CA PRO A 47 41.10 4.46 22.97
C PRO A 47 41.25 5.97 23.03
N ARG A 48 40.31 6.56 23.75
CA ARG A 48 40.34 8.00 23.97
C ARG A 48 39.91 8.36 25.39
N ALA A 49 40.07 7.45 26.35
CA ALA A 49 39.73 7.72 27.75
C ALA A 49 40.67 6.93 28.64
N PRO A 50 40.96 7.42 29.85
CA PRO A 50 41.96 6.72 30.69
C PRO A 50 41.52 5.33 31.12
N TRP A 51 40.21 5.06 31.21
CA TRP A 51 39.73 3.80 31.77
C TRP A 51 39.55 2.69 30.74
N ILE A 52 39.64 3.00 29.45
CA ILE A 52 39.67 1.97 28.42
C ILE A 52 41.09 1.57 28.00
N GLU A 53 42.10 2.34 28.40
CA GLU A 53 43.47 1.87 28.21
C GLU A 53 43.73 0.60 29.02
N GLN A 54 42.98 0.42 30.12
CA GLN A 54 43.17 -0.73 31.00
C GLN A 54 42.96 -2.06 30.28
N GLU A 55 42.22 -2.06 29.18
CA GLU A 55 41.83 -3.30 28.53
C GLU A 55 43.03 -3.99 27.89
N GLY A 56 42.82 -5.22 27.46
CA GLY A 56 43.89 -6.07 26.98
C GLY A 56 43.97 -6.16 25.47
N PRO A 57 45.11 -6.66 24.98
CA PRO A 57 45.30 -6.79 23.52
C PRO A 57 44.16 -7.46 22.79
N GLU A 58 43.51 -8.47 23.39
CA GLU A 58 42.43 -9.15 22.69
C GLU A 58 41.30 -8.20 22.35
N TYR A 59 40.97 -7.29 23.27
CA TYR A 59 39.93 -6.29 23.02
C TYR A 59 40.27 -5.43 21.82
N TRP A 60 41.50 -4.90 21.79
CA TRP A 60 41.91 -3.99 20.72
C TRP A 60 42.01 -4.71 19.38
N ASP A 61 42.52 -5.94 19.39
CA ASP A 61 42.54 -6.75 18.18
C ASP A 61 41.12 -6.97 17.65
N ARG A 62 40.21 -7.32 18.55
CA ARG A 62 38.81 -7.54 18.16
C ARG A 62 38.23 -6.29 17.52
N GLU A 63 38.37 -5.15 18.20
CA GLU A 63 37.78 -3.92 17.69
C GLU A 63 38.39 -3.50 16.36
N THR A 64 39.72 -3.59 16.25
CA THR A 64 40.35 -3.21 15.00
C THR A 64 39.89 -4.11 13.86
N GLN A 65 39.73 -5.41 14.11
CA GLN A 65 39.24 -6.29 13.04
C GLN A 65 37.80 -5.98 12.67
N ILE A 66 36.96 -5.72 13.68
CA ILE A 66 35.56 -5.34 13.49
C ILE A 66 35.44 -4.05 12.72
N SER A 67 36.46 -3.18 12.79
CA SER A 67 36.45 -1.96 11.99
C SER A 67 37.07 -2.10 10.61
N LYS A 68 38.11 -2.93 10.47
CA LYS A 68 38.74 -3.12 9.17
C LYS A 68 37.82 -3.90 8.24
N THR A 69 36.98 -4.78 8.79
CA THR A 69 35.99 -5.44 7.97
C THR A 69 34.82 -4.52 7.69
N ASN A 70 34.53 -3.61 8.63
CA ASN A 70 33.47 -2.63 8.49
C ASN A 70 33.77 -1.65 7.38
N THR A 71 35.03 -1.23 7.24
CA THR A 71 35.46 -0.37 6.16
C THR A 71 34.99 -0.90 4.81
N GLN A 72 35.37 -2.13 4.48
CA GLN A 72 35.03 -2.69 3.18
C GLN A 72 33.53 -3.00 3.07
N THR A 73 32.90 -3.46 4.16
CA THR A 73 31.48 -3.77 4.04
C THR A 73 30.67 -2.50 3.78
N TYR A 74 31.09 -1.35 4.32
CA TYR A 74 30.38 -0.10 4.02
C TYR A 74 30.82 0.50 2.69
N ARG A 75 32.05 0.24 2.26
CA ARG A 75 32.42 0.61 0.89
C ARG A 75 31.54 -0.13 -0.11
N GLU A 76 31.08 -1.32 0.25
CA GLU A 76 30.12 -2.03 -0.60
C GLU A 76 28.69 -1.57 -0.34
N ASN A 77 28.37 -1.18 0.90
CA ASN A 77 27.06 -0.62 1.21
C ASN A 77 26.79 0.64 0.38
N LEU A 78 27.82 1.47 0.17
CA LEU A 78 27.66 2.66 -0.66
C LEU A 78 27.36 2.27 -2.10
N ARG A 79 28.04 1.24 -2.62
CA ARG A 79 27.74 0.75 -3.96
C ARG A 79 26.30 0.27 -4.05
N THR A 80 25.84 -0.46 -3.03
CA THR A 80 24.46 -0.95 -3.05
C THR A 80 23.46 0.20 -2.96
N ALA A 81 23.79 1.27 -2.24
CA ALA A 81 22.89 2.42 -2.18
C ALA A 81 22.83 3.14 -3.51
N LEU A 82 23.99 3.35 -4.15
CA LEU A 82 24.00 3.91 -5.50
C LEU A 82 23.19 3.05 -6.46
N ARG A 83 23.22 1.74 -6.26
CA ARG A 83 22.40 0.84 -7.07
C ARG A 83 20.91 1.05 -6.78
N TYR A 84 20.56 1.15 -5.50
CA TYR A 84 19.15 1.26 -5.12
C TYR A 84 18.53 2.55 -5.65
N TYR A 85 19.26 3.66 -5.59
CA TYR A 85 18.72 4.95 -5.97
C TYR A 85 19.04 5.36 -7.40
N ASN A 86 19.74 4.51 -8.16
CA ASN A 86 20.17 4.82 -9.52
C ASN A 86 20.92 6.15 -9.58
N GLN A 87 22.03 6.20 -8.85
CA GLN A 87 22.87 7.38 -8.76
C GLN A 87 24.20 7.13 -9.47
N SER A 88 24.99 8.20 -9.59
CA SER A 88 26.26 8.16 -10.29
C SER A 88 27.38 7.78 -9.34
N GLU A 89 28.28 6.91 -9.80
CA GLU A 89 29.47 6.59 -9.03
C GLU A 89 30.36 7.81 -8.84
N ALA A 90 30.17 8.85 -9.66
CA ALA A 90 30.94 10.08 -9.57
C ALA A 90 30.41 11.05 -8.53
N GLY A 91 29.38 10.67 -7.76
CA GLY A 91 28.85 11.51 -6.71
C GLY A 91 29.39 11.11 -5.34
N SER A 92 29.33 12.06 -4.41
CA SER A 92 29.83 11.87 -3.06
C SER A 92 28.65 11.75 -2.12
N HIS A 93 28.45 10.54 -1.58
CA HIS A 93 27.35 10.28 -0.66
C HIS A 93 27.87 9.79 0.68
N ILE A 94 27.01 9.87 1.70
CA ILE A 94 27.37 9.52 3.07
C ILE A 94 26.37 8.51 3.62
N ILE A 95 26.89 7.46 4.24
CA ILE A 95 26.09 6.51 5.01
C ILE A 95 26.48 6.66 6.47
N GLN A 96 25.50 6.94 7.32
CA GLN A 96 25.71 7.10 8.75
C GLN A 96 24.99 5.99 9.50
N ARG A 97 25.48 5.71 10.71
CA ARG A 97 24.80 4.72 11.54
C ARG A 97 25.05 5.05 13.00
N MET A 98 24.02 4.89 13.83
CA MET A 98 24.14 5.04 15.27
C MET A 98 23.45 3.88 15.97
N TYR A 99 24.16 3.22 16.88
CA TYR A 99 23.51 2.14 17.61
C TYR A 99 24.09 2.01 19.00
N GLY A 100 23.27 1.54 19.92
CA GLY A 100 23.72 1.40 21.30
C GLY A 100 22.57 1.02 22.22
N CYS A 101 22.81 1.23 23.52
CA CYS A 101 21.90 0.77 24.55
C CYS A 101 21.96 1.66 25.78
N ASP A 102 20.81 1.84 26.42
CA ASP A 102 20.72 2.52 27.70
C ASP A 102 20.44 1.51 28.81
N VAL A 103 20.86 1.86 30.03
CA VAL A 103 20.62 1.05 31.22
C VAL A 103 20.18 1.96 32.36
N GLY A 104 19.48 1.36 33.33
CA GLY A 104 19.01 2.07 34.49
C GLY A 104 19.91 1.88 35.69
N PRO A 105 19.48 2.37 36.85
CA PRO A 105 20.29 2.19 38.08
C PRO A 105 20.53 0.74 38.45
N ASP A 106 19.70 -0.19 37.96
CA ASP A 106 19.87 -1.59 38.25
C ASP A 106 20.80 -2.30 37.26
N GLY A 107 21.16 -1.63 36.17
CA GLY A 107 22.11 -2.18 35.22
C GLY A 107 21.51 -3.07 34.15
N ARG A 108 20.19 -3.08 34.01
CA ARG A 108 19.53 -3.88 33.00
C ARG A 108 19.06 -3.01 31.84
N LEU A 109 18.90 -3.64 30.68
CA LEU A 109 18.57 -2.92 29.46
C LEU A 109 17.24 -2.18 29.57
N LEU A 110 17.22 -0.94 29.08
CA LEU A 110 16.00 -0.14 29.02
C LEU A 110 15.54 0.04 27.57
N ARG A 111 16.34 0.71 26.75
CA ARG A 111 16.04 0.83 25.33
C ARG A 111 17.32 0.65 24.52
N GLY A 112 17.19 0.01 23.38
CA GLY A 112 18.30 -0.21 22.46
C GLY A 112 17.98 0.38 21.10
N TYR A 113 18.96 1.08 20.52
CA TYR A 113 18.76 1.80 19.27
C TYR A 113 19.70 1.25 18.20
N ASP A 114 19.23 1.27 16.95
CA ASP A 114 20.07 0.95 15.80
C ASP A 114 19.46 1.62 14.57
N GLN A 115 19.99 2.78 14.20
CA GLN A 115 19.49 3.59 13.10
C GLN A 115 20.56 3.74 12.03
N TYR A 116 20.13 3.74 10.77
CA TYR A 116 20.99 3.93 9.62
C TYR A 116 20.40 5.05 8.76
N ALA A 117 21.27 5.91 8.23
CA ALA A 117 20.87 7.04 7.43
C ALA A 117 21.70 7.08 6.14
N TYR A 118 21.07 7.57 5.07
CA TYR A 118 21.74 7.75 3.79
C TYR A 118 21.58 9.20 3.35
N ASP A 119 22.71 9.89 3.16
CA ASP A 119 22.74 11.28 2.68
C ASP A 119 21.98 12.20 3.63
N GLY A 120 22.20 12.03 4.94
CA GLY A 120 21.60 12.86 5.95
C GLY A 120 20.15 12.57 6.26
N LYS A 121 19.47 11.79 5.43
CA LYS A 121 18.08 11.42 5.67
C LYS A 121 18.00 10.06 6.35
N ASP A 122 16.99 9.90 7.19
CA ASP A 122 16.73 8.59 7.81
C ASP A 122 16.55 7.53 6.74
N TYR A 123 17.28 6.42 6.89
CA TYR A 123 17.22 5.31 5.95
C TYR A 123 16.43 4.14 6.51
N ILE A 124 16.90 3.53 7.60
CA ILE A 124 16.22 2.37 8.18
C ILE A 124 16.54 2.30 9.66
N ALA A 125 15.53 2.04 10.48
CA ALA A 125 15.71 2.04 11.92
C ALA A 125 15.15 0.75 12.52
N LEU A 126 15.75 0.33 13.62
CA LEU A 126 15.22 -0.77 14.42
C LEU A 126 14.28 -0.21 15.46
N ASN A 127 13.10 -0.80 15.58
CA ASN A 127 12.10 -0.31 16.51
C ASN A 127 12.46 -0.71 17.95
N GLU A 128 11.72 -0.13 18.90
CA GLU A 128 11.95 -0.45 20.31
C GLU A 128 11.71 -1.92 20.60
N ASP A 129 10.83 -2.57 19.84
CA ASP A 129 10.53 -3.98 20.06
C ASP A 129 11.69 -4.90 19.67
N LEU A 130 12.72 -4.38 19.02
CA LEU A 130 13.91 -5.16 18.66
C LEU A 130 13.54 -6.35 17.78
N SER A 131 12.57 -6.16 16.89
CA SER A 131 12.14 -7.26 16.03
C SER A 131 11.71 -6.78 14.65
N SER A 132 11.23 -5.54 14.55
CA SER A 132 10.72 -5.00 13.30
C SER A 132 11.63 -3.89 12.79
N TRP A 133 11.44 -3.54 11.52
CA TRP A 133 12.27 -2.55 10.83
C TRP A 133 11.39 -1.45 10.25
N THR A 134 11.84 -0.20 10.40
CA THR A 134 11.13 0.97 9.88
C THR A 134 11.96 1.58 8.76
N ALA A 135 11.45 1.46 7.53
CA ALA A 135 12.04 2.05 6.35
C ALA A 135 11.37 3.37 6.03
N ALA A 136 12.14 4.33 5.50
CA ALA A 136 11.62 5.65 5.18
C ALA A 136 11.38 5.88 3.69
N ASP A 137 11.96 5.05 2.82
CA ASP A 137 11.78 5.19 1.39
C ASP A 137 11.63 3.80 0.77
N THR A 138 11.20 3.76 -0.49
CA THR A 138 11.04 2.49 -1.16
C THR A 138 12.36 1.80 -1.49
N ALA A 139 13.49 2.46 -1.24
CA ALA A 139 14.78 1.80 -1.38
C ALA A 139 15.22 1.12 -0.10
N ALA A 140 14.91 1.70 1.05
CA ALA A 140 15.13 1.01 2.31
C ALA A 140 14.18 -0.17 2.50
N GLN A 141 13.12 -0.23 1.70
CA GLN A 141 12.20 -1.36 1.80
C GLN A 141 12.87 -2.65 1.35
N ILE A 142 13.73 -2.58 0.33
CA ILE A 142 14.50 -3.76 -0.08
C ILE A 142 15.36 -4.25 1.07
N THR A 143 16.06 -3.33 1.73
CA THR A 143 16.91 -3.70 2.86
C THR A 143 16.10 -4.30 3.98
N GLN A 144 14.94 -3.72 4.30
CA GLN A 144 14.13 -4.24 5.40
C GLN A 144 13.57 -5.61 5.06
N ARG A 145 13.14 -5.82 3.81
CA ARG A 145 12.58 -7.11 3.41
C ARG A 145 13.62 -8.20 3.48
N LYS A 146 14.82 -7.94 2.96
CA LYS A 146 15.87 -8.95 3.04
C LYS A 146 16.41 -9.09 4.47
N TRP A 147 16.29 -8.05 5.28
CA TRP A 147 16.82 -8.07 6.64
C TRP A 147 15.92 -8.84 7.61
N GLU A 148 14.60 -8.82 7.37
CA GLU A 148 13.73 -9.62 8.20
C GLU A 148 13.46 -11.01 7.62
N ALA A 149 13.66 -11.19 6.31
CA ALA A 149 13.61 -12.55 5.75
C ALA A 149 14.77 -13.41 6.24
N ALA A 150 15.78 -12.81 6.86
CA ALA A 150 16.86 -13.53 7.51
C ALA A 150 16.82 -13.38 9.02
N ARG A 151 15.85 -12.64 9.55
CA ARG A 151 15.69 -12.41 10.99
C ARG A 151 16.99 -11.92 11.62
N VAL A 152 17.53 -10.86 11.03
CA VAL A 152 18.75 -10.22 11.53
C VAL A 152 18.48 -9.47 12.83
N ALA A 153 17.25 -8.95 12.97
CA ALA A 153 16.86 -8.30 14.22
C ALA A 153 17.01 -9.23 15.41
N GLU A 154 16.98 -10.55 15.18
CA GLU A 154 17.29 -11.49 16.26
C GLU A 154 18.71 -11.28 16.76
N GLN A 155 19.69 -11.26 15.85
CA GLN A 155 21.07 -11.00 16.23
C GLN A 155 21.21 -9.64 16.90
N ASP A 156 20.54 -8.62 16.35
CA ASP A 156 20.59 -7.29 16.95
C ASP A 156 20.09 -7.31 18.39
N ARG A 157 18.93 -7.92 18.62
CA ARG A 157 18.38 -8.01 19.96
C ARG A 157 19.31 -8.80 20.88
N ALA A 158 19.91 -9.87 20.36
CA ALA A 158 20.84 -10.66 21.16
C ALA A 158 22.04 -9.83 21.61
N TYR A 159 22.61 -9.02 20.72
CA TYR A 159 23.75 -8.19 21.11
C TYR A 159 23.32 -7.10 22.09
N LEU A 160 22.20 -6.43 21.80
CA LEU A 160 21.77 -5.31 22.65
C LEU A 160 21.41 -5.80 24.04
N GLU A 161 20.69 -6.92 24.15
CA GLU A 161 20.35 -7.48 25.44
C GLU A 161 21.55 -8.13 26.12
N GLY A 162 22.55 -8.54 25.34
CA GLY A 162 23.69 -9.22 25.90
C GLY A 162 24.92 -8.34 26.04
N LEU A 163 25.83 -8.49 25.08
CA LEU A 163 27.16 -7.91 25.19
C LEU A 163 27.14 -6.41 25.44
N CYS A 164 26.14 -5.70 24.88
CA CYS A 164 26.01 -4.26 25.06
C CYS A 164 26.02 -3.87 26.53
N VAL A 165 25.03 -4.35 27.29
CA VAL A 165 24.89 -3.94 28.69
C VAL A 165 26.03 -4.48 29.53
N GLU A 166 26.52 -5.68 29.19
CA GLU A 166 27.65 -6.28 29.89
C GLU A 166 28.85 -5.35 29.85
N SER A 167 29.30 -5.04 28.64
CA SER A 167 30.46 -4.18 28.46
C SER A 167 30.19 -2.78 29.01
N LEU A 168 28.98 -2.26 28.82
CA LEU A 168 28.67 -0.91 29.29
C LEU A 168 28.86 -0.83 30.79
N ARG A 169 28.23 -1.76 31.52
CA ARG A 169 28.42 -1.88 32.97
C ARG A 169 29.90 -1.98 33.34
N ARG A 170 30.67 -2.79 32.59
CA ARG A 170 32.10 -2.89 32.86
C ARG A 170 32.78 -1.53 32.76
N TYR A 171 32.46 -0.77 31.70
CA TYR A 171 33.03 0.55 31.51
C TYR A 171 32.64 1.50 32.64
N LEU A 172 31.37 1.47 33.08
CA LEU A 172 30.97 2.34 34.20
C LEU A 172 31.69 1.97 35.48
N GLU A 173 31.89 0.68 35.73
CA GLU A 173 32.56 0.28 36.96
C GLU A 173 34.04 0.63 36.91
N ASN A 174 34.65 0.51 35.73
CA ASN A 174 36.08 0.79 35.60
C ASN A 174 36.38 2.28 35.74
N GLY A 175 35.43 3.13 35.40
CA GLY A 175 35.64 4.57 35.48
C GLY A 175 34.62 5.30 36.33
N LYS A 176 34.22 4.73 37.47
CA LYS A 176 33.20 5.37 38.28
C LYS A 176 33.63 6.74 38.79
N GLU A 177 34.93 7.01 38.84
CA GLU A 177 35.42 8.31 39.27
C GLU A 177 35.20 9.39 38.23
N THR A 178 34.95 9.01 36.97
CA THR A 178 34.73 9.99 35.91
C THR A 178 33.33 9.92 35.33
N LEU A 179 32.85 8.72 34.97
CA LEU A 179 31.56 8.62 34.30
C LEU A 179 30.38 8.70 35.25
N GLN A 180 30.52 8.20 36.47
CA GLN A 180 29.42 8.20 37.43
C GLN A 180 29.53 9.31 38.46
N ARG A 181 30.47 10.24 38.30
CA ARG A 181 30.55 11.42 39.14
C ARG A 181 29.92 12.60 38.41
N ALA A 182 29.23 13.45 39.15
CA ALA A 182 28.57 14.63 38.61
C ALA A 182 29.35 15.86 39.06
N ASP A 183 29.92 16.58 38.09
CA ASP A 183 30.71 17.77 38.37
C ASP A 183 29.88 19.01 38.04
N PRO A 184 29.52 19.82 39.03
CA PRO A 184 28.64 20.95 38.75
C PRO A 184 29.35 22.02 37.95
N PRO A 185 28.62 22.80 37.15
CA PRO A 185 29.25 23.88 36.39
C PRO A 185 29.69 25.03 37.29
N LYS A 186 30.65 25.80 36.79
CA LYS A 186 31.14 26.98 37.47
C LYS A 186 30.55 28.20 36.77
N THR A 187 29.79 28.99 37.52
CA THR A 187 28.94 30.02 36.93
C THR A 187 29.31 31.41 37.43
N HIS A 188 29.12 32.39 36.55
CA HIS A 188 29.28 33.78 36.94
C HIS A 188 28.54 34.69 35.95
N VAL A 189 28.27 35.90 36.39
CA VAL A 189 27.55 36.89 35.58
C VAL A 189 28.52 37.96 35.14
N THR A 190 28.47 38.29 33.83
CA THR A 190 29.40 39.29 33.26
C THR A 190 28.61 40.38 32.52
N HIS A 191 28.68 41.61 33.03
CA HIS A 191 27.97 42.76 32.40
C HIS A 191 28.85 43.44 31.34
N HIS A 192 28.28 43.75 30.18
CA HIS A 192 28.95 44.31 29.01
C HIS A 192 28.13 45.45 28.42
N PRO A 193 28.48 46.70 28.70
CA PRO A 193 27.71 47.84 28.17
C PRO A 193 27.88 47.97 26.65
N ILE A 194 26.77 47.89 25.91
CA ILE A 194 26.83 48.13 24.48
C ILE A 194 26.61 49.60 24.15
N SER A 195 25.70 50.27 24.85
CA SER A 195 25.48 51.70 24.69
C SER A 195 25.33 52.32 26.07
N ASP A 196 24.86 53.57 26.12
CA ASP A 196 24.66 54.26 27.39
C ASP A 196 23.42 53.79 28.12
N HIS A 197 22.43 53.24 27.41
CA HIS A 197 21.18 52.83 28.00
C HIS A 197 20.91 51.34 27.81
N GLU A 198 21.91 50.57 27.39
CA GLU A 198 21.73 49.14 27.14
C GLU A 198 23.00 48.40 27.54
N VAL A 199 22.84 47.38 28.37
CA VAL A 199 23.95 46.53 28.80
C VAL A 199 23.51 45.08 28.61
N THR A 200 24.48 44.22 28.27
CA THR A 200 24.22 42.79 28.14
C THR A 200 24.68 42.10 29.42
N LEU A 201 23.77 41.38 30.07
CA LEU A 201 24.12 40.55 31.21
C LEU A 201 24.20 39.11 30.73
N ARG A 202 25.30 38.44 31.05
CA ARG A 202 25.57 37.11 30.57
C ARG A 202 25.86 36.15 31.72
N CYS A 203 25.16 35.02 31.70
CA CYS A 203 25.40 33.91 32.61
C CYS A 203 26.36 32.93 31.94
N TRP A 204 27.47 32.66 32.62
CA TRP A 204 28.54 31.81 32.13
C TRP A 204 28.58 30.54 32.98
N ALA A 205 28.58 29.39 32.30
CA ALA A 205 28.72 28.08 32.93
C ALA A 205 29.89 27.37 32.28
N LEU A 206 30.87 26.98 33.10
CA LEU A 206 32.16 26.49 32.64
C LEU A 206 32.43 25.13 33.28
N GLY A 207 32.97 24.19 32.49
CA GLY A 207 33.48 22.96 33.04
C GLY A 207 32.46 22.09 33.75
N PHE A 208 31.57 21.44 32.99
CA PHE A 208 30.56 20.58 33.59
C PHE A 208 30.35 19.36 32.71
N TYR A 209 29.78 18.32 33.32
CA TYR A 209 29.53 17.03 32.70
C TYR A 209 28.30 16.45 33.37
N PRO A 210 27.32 15.92 32.62
CA PRO A 210 27.24 15.83 31.15
C PRO A 210 26.85 17.15 30.48
N ALA A 211 26.42 17.07 29.21
CA ALA A 211 26.09 18.27 28.45
C ALA A 211 24.71 18.83 28.81
N GLU A 212 23.82 17.99 29.35
CA GLU A 212 22.48 18.44 29.70
C GLU A 212 22.55 19.55 30.74
N ILE A 213 21.87 20.67 30.46
CA ILE A 213 21.88 21.82 31.35
C ILE A 213 20.79 22.78 30.89
N THR A 214 20.38 23.69 31.78
CA THR A 214 19.39 24.71 31.49
C THR A 214 19.83 26.02 32.12
N LEU A 215 19.75 27.11 31.35
CA LEU A 215 20.16 28.43 31.83
C LEU A 215 19.06 29.43 31.48
N THR A 216 18.43 30.02 32.49
CA THR A 216 17.35 30.96 32.26
C THR A 216 17.57 32.28 33.01
N TRP A 217 17.11 33.37 32.40
CA TRP A 217 17.13 34.73 32.99
C TRP A 217 15.70 35.05 33.43
N GLN A 218 15.46 35.22 34.73
CA GLN A 218 14.06 35.42 35.22
C GLN A 218 13.96 36.81 35.83
N ARG A 219 12.87 37.55 35.60
CA ARG A 219 12.75 38.93 36.18
C ARG A 219 11.90 38.88 37.45
N ASP A 220 12.52 39.10 38.63
CA ASP A 220 11.79 39.09 39.89
C ASP A 220 10.88 37.86 40.03
N GLY A 221 11.19 36.75 39.36
CA GLY A 221 10.46 35.51 39.49
C GLY A 221 9.81 35.03 38.21
N GLU A 222 9.40 35.96 37.36
CA GLU A 222 8.71 35.60 36.12
C GLU A 222 9.71 35.15 35.05
N ASP A 223 9.36 34.06 34.37
CA ASP A 223 10.27 33.46 33.40
C ASP A 223 10.15 34.23 32.09
N GLN A 224 11.26 34.79 31.63
CA GLN A 224 11.32 35.52 30.37
C GLN A 224 12.24 34.80 29.40
N THR A 225 11.79 33.65 28.91
CA THR A 225 12.59 32.87 27.98
C THR A 225 12.47 33.36 26.54
N GLN A 226 12.05 34.62 26.36
CA GLN A 226 11.81 35.18 25.04
C GLN A 226 12.86 36.19 24.61
N ASP A 227 13.48 36.90 25.55
CA ASP A 227 14.51 37.88 25.26
C ASP A 227 15.89 37.38 25.68
N THR A 228 16.14 36.08 25.57
CA THR A 228 17.38 35.47 26.00
C THR A 228 18.12 34.89 24.80
N GLU A 229 19.34 35.38 24.57
CA GLU A 229 20.21 34.81 23.55
C GLU A 229 20.94 33.60 24.14
N LEU A 230 20.81 32.46 23.48
CA LEU A 230 21.41 31.22 23.95
C LEU A 230 22.34 30.67 22.87
N VAL A 231 23.41 30.02 23.32
CA VAL A 231 24.38 29.38 22.44
C VAL A 231 24.25 27.87 22.62
N GLU A 232 24.38 27.14 21.52
CA GLU A 232 24.38 25.69 21.60
C GLU A 232 25.55 25.23 22.45
N THR A 233 25.29 24.23 23.31
CA THR A 233 26.32 23.78 24.24
C THR A 233 27.56 23.33 23.48
N ARG A 234 28.72 23.76 23.97
CA ARG A 234 29.97 23.58 23.26
C ARG A 234 30.98 22.84 24.13
N PRO A 235 31.70 21.87 23.56
CA PRO A 235 32.75 21.20 24.31
C PRO A 235 33.90 22.14 24.58
N ALA A 236 34.49 22.01 25.78
CA ALA A 236 35.65 22.82 26.11
C ALA A 236 36.92 22.26 25.50
N GLY A 237 36.92 20.98 25.13
CA GLY A 237 38.08 20.31 24.60
C GLY A 237 38.75 19.37 25.58
N ASP A 238 38.51 19.55 26.88
CA ASP A 238 39.00 18.66 27.92
C ASP A 238 37.92 17.74 28.46
N ARG A 239 36.94 17.38 27.64
CA ARG A 239 35.83 16.47 27.94
C ARG A 239 34.79 17.08 28.87
N THR A 240 34.83 18.39 29.09
CA THR A 240 33.80 19.15 29.79
C THR A 240 33.06 20.02 28.79
N PHE A 241 32.18 20.89 29.29
CA PHE A 241 31.30 21.66 28.43
C PHE A 241 31.17 23.10 28.94
N GLN A 242 30.68 23.96 28.05
CA GLN A 242 30.56 25.38 28.32
C GLN A 242 29.27 25.90 27.72
N LYS A 243 28.70 26.94 28.35
CA LYS A 243 27.44 27.49 27.85
C LYS A 243 27.18 28.84 28.50
N TRP A 244 26.70 29.80 27.72
CA TRP A 244 26.32 31.10 28.26
C TRP A 244 24.96 31.51 27.71
N ALA A 245 24.32 32.42 28.47
CA ALA A 245 23.03 32.99 28.09
C ALA A 245 23.05 34.50 28.37
N ALA A 246 22.51 35.28 27.44
CA ALA A 246 22.61 36.73 27.54
C ALA A 246 21.24 37.39 27.45
N VAL A 247 21.11 38.53 28.11
CA VAL A 247 19.91 39.36 28.05
C VAL A 247 20.31 40.82 27.99
N VAL A 248 19.72 41.57 27.06
CA VAL A 248 19.94 43.01 26.95
C VAL A 248 18.96 43.72 27.86
N VAL A 249 19.47 44.60 28.72
CA VAL A 249 18.65 45.28 29.71
C VAL A 249 19.03 46.75 29.76
N PRO A 250 18.10 47.60 30.18
CA PRO A 250 18.45 49.00 30.41
C PRO A 250 19.35 49.14 31.63
N SER A 251 20.09 50.24 31.65
CA SER A 251 20.96 50.54 32.79
C SER A 251 20.11 50.81 34.03
N GLY A 252 20.39 50.07 35.10
CA GLY A 252 19.67 50.19 36.36
C GLY A 252 18.82 48.97 36.70
N GLU A 253 18.30 48.28 35.67
CA GLU A 253 17.49 47.10 35.88
C GLU A 253 18.36 45.86 36.04
N GLU A 254 19.56 46.03 36.62
CA GLU A 254 20.48 44.92 36.80
C GLU A 254 20.19 44.10 38.04
N GLN A 255 19.41 44.61 38.97
CA GLN A 255 19.07 43.86 40.19
C GLN A 255 17.87 42.96 39.99
N ARG A 256 16.90 43.37 39.16
CA ARG A 256 15.70 42.55 38.94
C ARG A 256 16.02 41.27 38.20
N TYR A 257 17.09 41.25 37.42
CA TYR A 257 17.46 40.08 36.62
C TYR A 257 18.30 39.11 37.44
N THR A 258 17.87 37.85 37.49
CA THR A 258 18.54 36.78 38.19
C THR A 258 18.70 35.60 37.24
N CYS A 259 19.68 34.74 37.53
CA CYS A 259 20.02 33.62 36.67
C CYS A 259 19.76 32.30 37.38
N HIS A 260 19.04 31.40 36.72
CA HIS A 260 18.73 30.08 37.27
C HIS A 260 19.38 29.02 36.39
N VAL A 261 20.28 28.25 37.00
CA VAL A 261 21.04 27.18 36.37
C VAL A 261 20.45 25.85 36.81
N GLN A 262 20.49 24.87 35.91
CA GLN A 262 19.92 23.55 36.17
C GLN A 262 20.86 22.51 35.57
N HIS A 263 21.56 21.79 36.43
CA HIS A 263 22.42 20.67 36.03
C HIS A 263 22.12 19.48 36.92
N GLU A 264 22.38 18.28 36.38
CA GLU A 264 22.26 17.06 37.17
C GLU A 264 23.27 17.04 38.31
N GLY A 265 24.43 17.64 38.09
CA GLY A 265 25.48 17.65 39.10
C GLY A 265 25.24 18.73 40.12
N LEU A 266 24.08 19.39 40.04
CA LEU A 266 23.69 20.45 41.02
C LEU A 266 22.64 19.86 41.96
N PRO A 267 22.95 19.67 43.27
CA PRO A 267 21.99 19.10 44.22
C PRO A 267 20.66 19.87 44.19
N LYS A 268 20.74 21.20 44.13
CA LYS A 268 19.54 22.08 44.07
C LYS A 268 19.77 23.15 42.99
N PRO A 269 18.74 23.62 42.26
CA PRO A 269 18.91 24.65 41.23
C PRO A 269 19.67 25.86 41.79
N LEU A 270 20.69 26.33 41.06
CA LEU A 270 21.50 27.48 41.53
C LEU A 270 20.83 28.75 41.02
N THR A 271 20.70 29.74 41.90
CA THR A 271 20.08 31.04 41.60
C THR A 271 21.22 32.04 41.75
N LEU A 272 21.42 32.94 40.77
CA LEU A 272 22.53 33.92 40.83
C LEU A 272 22.21 35.15 39.98
N ARG A 273 22.83 36.28 40.33
CA ARG A 273 22.66 37.57 39.69
C ARG A 273 23.65 38.60 40.22
N TRP A 274 24.82 38.70 39.59
CA TRP A 274 25.81 39.67 40.00
C TRP A 274 26.25 40.58 38.85
N MET B 1 22.03 15.18 -1.52
CA MET B 1 20.80 15.59 -0.87
C MET B 1 21.06 16.02 0.58
N ILE B 2 20.20 16.90 1.10
CA ILE B 2 20.28 17.42 2.46
C ILE B 2 21.59 18.13 2.74
N GLN B 3 21.60 19.45 2.58
CA GLN B 3 22.73 20.28 2.95
C GLN B 3 22.35 21.17 4.13
N ARG B 4 23.22 21.23 5.14
CA ARG B 4 22.94 22.05 6.32
C ARG B 4 24.13 22.96 6.58
N THR B 5 23.85 24.25 6.75
CA THR B 5 24.93 25.22 6.97
C THR B 5 25.50 25.07 8.38
N PRO B 6 26.82 25.14 8.54
CA PRO B 6 27.41 24.96 9.86
C PRO B 6 27.17 26.15 10.78
N LYS B 7 27.29 25.89 12.07
CA LYS B 7 27.23 26.90 13.11
C LYS B 7 28.61 26.97 13.76
N ILE B 8 29.16 28.18 13.82
CA ILE B 8 30.55 28.38 14.25
C ILE B 8 30.58 29.13 15.57
N GLN B 9 31.42 28.66 16.48
CA GLN B 9 31.69 29.34 17.73
C GLN B 9 33.19 29.36 17.97
N VAL B 10 33.72 30.50 18.40
CA VAL B 10 35.13 30.65 18.70
C VAL B 10 35.27 31.08 20.15
N TYR B 11 36.09 30.36 20.91
CA TYR B 11 36.19 30.58 22.34
C TYR B 11 37.50 30.00 22.85
N SER B 12 37.69 30.08 24.16
CA SER B 12 38.83 29.48 24.83
C SER B 12 38.35 28.47 25.87
N ARG B 13 39.29 27.70 26.41
CA ARG B 13 38.98 26.77 27.48
C ARG B 13 38.66 27.55 28.75
N HIS B 14 39.69 28.08 29.38
CA HIS B 14 39.53 28.91 30.57
C HIS B 14 39.41 30.37 30.16
N PRO B 15 38.85 31.21 31.03
CA PRO B 15 38.73 32.64 30.70
C PRO B 15 40.05 33.21 30.18
N ALA B 16 39.94 34.05 29.15
CA ALA B 16 41.12 34.60 28.49
C ALA B 16 41.82 35.60 29.42
N GLU B 17 43.02 35.24 29.87
CA GLU B 17 43.86 36.14 30.65
C GLU B 17 45.18 36.33 29.91
N ASN B 18 45.49 37.59 29.59
CA ASN B 18 46.70 37.88 28.82
C ASN B 18 47.94 37.48 29.59
N GLY B 19 48.79 36.65 28.94
CA GLY B 19 50.02 36.17 29.51
C GLY B 19 49.99 34.70 29.87
N LYS B 20 48.84 34.19 30.31
CA LYS B 20 48.69 32.80 30.68
C LYS B 20 48.25 31.98 29.47
N SER B 21 48.87 30.81 29.30
CA SER B 21 48.58 29.97 28.15
C SER B 21 47.12 29.52 28.15
N ASN B 22 46.60 29.24 26.97
CA ASN B 22 45.20 28.86 26.83
C ASN B 22 45.04 28.05 25.54
N PHE B 23 43.79 27.65 25.27
CA PHE B 23 43.46 26.81 24.11
C PHE B 23 42.36 27.48 23.31
N LEU B 24 42.65 27.80 22.06
CA LEU B 24 41.65 28.35 21.15
C LEU B 24 40.84 27.21 20.53
N ASN B 25 39.52 27.34 20.58
CA ASN B 25 38.60 26.34 20.07
C ASN B 25 37.63 26.97 19.09
N CYS B 26 37.40 26.28 17.99
CA CYS B 26 36.41 26.63 16.97
C CYS B 26 35.50 25.42 16.84
N TYR B 27 34.26 25.55 17.31
CA TYR B 27 33.28 24.48 17.27
C TYR B 27 32.33 24.74 16.11
N VAL B 28 32.34 23.84 15.12
CA VAL B 28 31.47 23.93 13.96
C VAL B 28 30.51 22.74 14.01
N SER B 29 29.23 23.02 14.19
CA SER B 29 28.24 21.98 14.43
C SER B 29 27.04 22.16 13.52
N GLY B 30 26.27 21.08 13.37
CA GLY B 30 25.02 21.16 12.64
C GLY B 30 25.14 21.26 11.14
N PHE B 31 26.19 20.70 10.55
CA PHE B 31 26.40 20.78 9.11
C PHE B 31 26.30 19.42 8.46
N HIS B 32 26.03 19.44 7.15
CA HIS B 32 25.92 18.27 6.30
C HIS B 32 26.00 18.77 4.86
N PRO B 33 26.76 18.12 3.98
CA PRO B 33 27.60 16.92 4.15
C PRO B 33 28.82 17.09 5.06
N SER B 34 29.76 16.14 4.95
CA SER B 34 30.90 16.10 5.85
C SER B 34 32.00 17.07 5.45
N ASP B 35 32.18 17.32 4.15
CA ASP B 35 33.28 18.14 3.63
C ASP B 35 33.24 19.56 4.19
N ILE B 36 34.23 19.90 5.02
CA ILE B 36 34.35 21.24 5.58
C ILE B 36 35.84 21.60 5.61
N GLU B 37 36.11 22.91 5.65
CA GLU B 37 37.47 23.41 5.80
C GLU B 37 37.47 24.46 6.89
N VAL B 38 38.36 24.32 7.86
CA VAL B 38 38.39 25.20 9.03
C VAL B 38 39.85 25.56 9.32
N ASP B 39 40.13 26.85 9.42
CA ASP B 39 41.44 27.35 9.79
C ASP B 39 41.32 28.32 10.95
N LEU B 40 42.31 28.30 11.84
CA LEU B 40 42.40 29.27 12.93
C LEU B 40 43.49 30.27 12.58
N LEU B 41 43.13 31.54 12.50
CA LEU B 41 44.03 32.59 12.02
C LEU B 41 44.35 33.56 13.15
N LYS B 42 45.62 33.96 13.21
CA LYS B 42 46.07 34.98 14.15
C LYS B 42 46.48 36.22 13.37
N ASN B 43 45.81 37.34 13.64
CA ASN B 43 46.04 38.62 12.95
C ASN B 43 45.93 38.46 11.43
N GLY B 44 45.15 37.48 10.98
CA GLY B 44 45.04 37.20 9.57
C GLY B 44 45.97 36.12 9.05
N GLU B 45 46.89 35.65 9.88
CA GLU B 45 47.84 34.60 9.49
C GLU B 45 47.32 33.27 10.02
N ARG B 46 47.01 32.35 9.10
CA ARG B 46 46.50 31.05 9.52
C ARG B 46 47.54 30.29 10.31
N ILE B 47 47.16 29.82 11.49
CA ILE B 47 48.08 29.15 12.40
C ILE B 47 48.20 27.69 11.99
N GLU B 48 49.44 27.22 11.89
CA GLU B 48 49.71 25.84 11.52
C GLU B 48 49.82 24.97 12.77
N LYS B 49 49.79 23.67 12.56
CA LYS B 49 49.78 22.67 13.64
C LYS B 49 48.55 22.86 14.52
N VAL B 50 47.39 22.74 13.89
CA VAL B 50 46.10 22.79 14.57
C VAL B 50 45.58 21.37 14.71
N GLU B 51 45.09 21.03 15.89
CA GLU B 51 44.50 19.73 16.14
C GLU B 51 42.98 19.83 16.03
N HIS B 52 42.35 18.71 15.72
CA HIS B 52 40.90 18.66 15.61
C HIS B 52 40.41 17.33 16.14
N SER B 53 39.10 17.19 16.22
CA SER B 53 38.47 16.03 16.83
C SER B 53 38.07 15.04 15.74
N ASP B 54 37.24 14.06 16.12
CA ASP B 54 36.79 13.02 15.22
C ASP B 54 35.36 13.30 14.77
N LEU B 55 35.03 12.83 13.58
CA LEU B 55 33.75 13.15 12.96
C LEU B 55 32.63 12.43 13.70
N SER B 56 31.89 13.19 14.50
CA SER B 56 30.69 12.72 15.15
C SER B 56 29.51 13.57 14.69
N PHE B 57 28.30 13.08 14.95
CA PHE B 57 27.08 13.77 14.54
C PHE B 57 26.07 13.71 15.68
N SER B 58 24.87 14.23 15.42
CA SER B 58 23.87 14.38 16.45
C SER B 58 22.57 13.69 16.04
N LYS B 59 21.47 14.00 16.74
CA LYS B 59 20.21 13.30 16.51
C LYS B 59 19.65 13.58 15.13
N ASP B 60 19.93 14.76 14.56
CA ASP B 60 19.43 15.14 13.25
C ASP B 60 20.33 14.69 12.11
N TRP B 61 21.33 13.85 12.40
CA TRP B 61 22.32 13.34 11.46
C TRP B 61 23.32 14.40 11.01
N SER B 62 23.37 15.57 11.66
CA SER B 62 24.28 16.63 11.29
C SER B 62 25.57 16.52 12.09
N PHE B 63 26.70 16.65 11.41
CA PHE B 63 28.00 16.42 12.03
C PHE B 63 28.35 17.57 12.98
N TYR B 64 29.51 17.43 13.63
CA TYR B 64 30.04 18.48 14.46
C TYR B 64 31.51 18.18 14.74
N LEU B 65 32.34 19.22 14.65
CA LEU B 65 33.78 19.10 14.81
C LEU B 65 34.29 20.24 15.68
N LEU B 66 35.43 20.00 16.32
CA LEU B 66 36.07 20.98 17.20
C LEU B 66 37.53 21.10 16.82
N TYR B 67 37.92 22.25 16.27
CA TYR B 67 39.29 22.55 15.91
C TYR B 67 39.95 23.36 17.02
N TYR B 68 41.08 22.87 17.52
CA TYR B 68 41.66 23.47 18.71
C TYR B 68 43.17 23.60 18.54
N THR B 69 43.74 24.53 19.29
CA THR B 69 45.20 24.73 19.28
C THR B 69 45.59 25.50 20.52
N GLU B 70 46.90 25.48 20.81
CA GLU B 70 47.42 26.20 21.97
C GLU B 70 47.80 27.62 21.56
N PHE B 71 47.69 28.54 22.53
CA PHE B 71 48.02 29.93 22.26
C PHE B 71 48.27 30.65 23.57
N THR B 72 48.70 31.91 23.46
CA THR B 72 48.84 32.79 24.61
C THR B 72 48.18 34.11 24.22
N PRO B 73 47.16 34.56 24.94
CA PRO B 73 46.43 35.76 24.52
C PRO B 73 47.16 37.05 24.87
N THR B 74 47.08 38.01 23.95
CA THR B 74 47.52 39.38 24.21
C THR B 74 46.37 40.32 23.86
N GLU B 75 46.48 41.56 24.33
CA GLU B 75 45.40 42.52 24.13
C GLU B 75 45.31 43.01 22.69
N LYS B 76 46.37 42.86 21.90
CA LYS B 76 46.45 43.46 20.57
C LYS B 76 46.68 42.41 19.48
N ASP B 77 46.16 41.20 19.67
CA ASP B 77 46.30 40.12 18.68
C ASP B 77 44.92 39.70 18.22
N GLU B 78 44.66 39.83 16.92
CA GLU B 78 43.38 39.45 16.33
C GLU B 78 43.36 37.94 16.09
N TYR B 79 42.40 37.25 16.69
CA TYR B 79 42.23 35.81 16.52
C TYR B 79 40.88 35.54 15.90
N ALA B 80 40.83 34.61 14.94
CA ALA B 80 39.60 34.36 14.22
C ALA B 80 39.58 32.93 13.69
N CYS B 81 38.42 32.54 13.17
CA CYS B 81 38.21 31.23 12.57
C CYS B 81 37.59 31.42 11.18
N ARG B 82 38.18 30.77 10.18
CA ARG B 82 37.66 30.79 8.82
C ARG B 82 37.10 29.41 8.50
N VAL B 83 35.81 29.36 8.18
CA VAL B 83 35.08 28.12 7.94
C VAL B 83 34.47 28.20 6.55
N ASN B 84 34.75 27.20 5.73
CA ASN B 84 34.23 27.12 4.37
C ASN B 84 33.54 25.78 4.20
N HIS B 85 32.32 25.81 3.68
CA HIS B 85 31.48 24.65 3.47
C HIS B 85 30.89 24.72 2.07
N VAL B 86 30.24 23.63 1.63
CA VAL B 86 29.56 23.64 0.34
C VAL B 86 28.29 24.47 0.38
N THR B 87 27.82 24.83 1.57
CA THR B 87 26.62 25.64 1.74
C THR B 87 26.92 27.12 1.90
N LEU B 88 28.20 27.51 1.90
CA LEU B 88 28.60 28.91 2.03
C LEU B 88 29.13 29.40 0.70
N SER B 89 28.77 30.63 0.33
CA SER B 89 29.24 31.22 -0.90
C SER B 89 30.75 31.49 -0.82
N GLN B 90 31.15 32.31 0.13
CA GLN B 90 32.54 32.61 0.39
C GLN B 90 32.90 32.14 1.81
N PRO B 91 34.18 31.86 2.06
CA PRO B 91 34.59 31.45 3.42
C PRO B 91 34.15 32.43 4.50
N LYS B 92 33.39 31.93 5.47
CA LYS B 92 32.88 32.75 6.56
C LYS B 92 33.94 32.93 7.63
N ILE B 93 34.15 34.17 8.07
CA ILE B 93 35.13 34.48 9.10
C ILE B 93 34.39 34.90 10.36
N VAL B 94 34.84 34.38 11.50
CA VAL B 94 34.22 34.68 12.79
C VAL B 94 35.34 35.12 13.74
N LYS B 95 35.19 36.31 14.31
CA LYS B 95 36.20 36.87 15.20
C LYS B 95 36.06 36.32 16.60
N TRP B 96 37.20 36.11 17.27
CA TRP B 96 37.20 35.66 18.64
C TRP B 96 36.97 36.84 19.58
N ASP B 97 35.89 36.78 20.35
CA ASP B 97 35.62 37.75 21.41
C ASP B 97 35.86 37.06 22.75
N ARG B 98 36.84 37.55 23.50
CA ARG B 98 37.17 36.95 24.80
C ARG B 98 36.00 36.99 25.76
N ASP B 99 35.07 37.93 25.58
CA ASP B 99 33.88 38.05 26.41
C ASP B 99 32.70 37.29 25.83
N MET B 100 32.92 36.44 24.83
CA MET B 100 31.84 35.69 24.20
C MET B 100 32.23 34.23 23.99
N GLY C 1 -22.02 -18.58 -19.58
CA GLY C 1 -23.45 -18.35 -19.59
C GLY C 1 -24.13 -18.89 -20.84
N SER C 2 -25.21 -18.24 -21.25
CA SER C 2 -25.91 -18.64 -22.47
C SER C 2 -25.17 -18.15 -23.70
N HIS C 3 -25.08 -19.01 -24.71
CA HIS C 3 -24.38 -18.70 -25.95
C HIS C 3 -25.36 -18.87 -27.10
N SER C 4 -24.95 -18.44 -28.29
CA SER C 4 -25.89 -18.37 -29.40
C SER C 4 -25.15 -18.48 -30.73
N MET C 5 -25.89 -18.94 -31.75
CA MET C 5 -25.37 -19.00 -33.11
C MET C 5 -26.46 -18.55 -34.06
N ARG C 6 -26.12 -17.62 -34.96
CA ARG C 6 -27.08 -17.02 -35.87
C ARG C 6 -26.55 -17.01 -37.30
N TYR C 7 -27.49 -16.85 -38.24
CA TYR C 7 -27.21 -16.74 -39.66
C TYR C 7 -28.04 -15.59 -40.20
N PHE C 8 -27.39 -14.70 -40.95
CA PHE C 8 -28.04 -13.51 -41.51
C PHE C 8 -28.03 -13.61 -43.03
N TYR C 9 -29.20 -13.36 -43.63
CA TYR C 9 -29.42 -13.38 -45.07
C TYR C 9 -29.84 -11.99 -45.54
N THR C 10 -29.28 -11.56 -46.66
CA THR C 10 -29.66 -10.29 -47.31
C THR C 10 -29.76 -10.51 -48.81
N ALA C 11 -30.93 -10.27 -49.38
CA ALA C 11 -31.17 -10.37 -50.83
C ALA C 11 -31.61 -9.00 -51.34
N MET C 12 -30.88 -8.45 -52.30
CA MET C 12 -31.09 -7.10 -52.79
C MET C 12 -31.39 -7.11 -54.28
N SER C 13 -32.55 -6.60 -54.67
CA SER C 13 -32.86 -6.40 -56.08
C SER C 13 -32.16 -5.14 -56.58
N ARG C 14 -31.69 -5.18 -57.82
CA ARG C 14 -31.00 -4.06 -58.45
C ARG C 14 -31.40 -4.00 -59.91
N PRO C 15 -32.55 -3.41 -60.20
CA PRO C 15 -33.04 -3.37 -61.59
C PRO C 15 -32.11 -2.55 -62.48
N GLY C 16 -31.63 -3.20 -63.56
CA GLY C 16 -30.72 -2.57 -64.49
C GLY C 16 -29.26 -2.69 -64.13
N ARG C 17 -28.94 -3.05 -62.89
CA ARG C 17 -27.56 -3.24 -62.44
C ARG C 17 -27.16 -4.70 -62.36
N GLY C 18 -27.96 -5.60 -62.93
CA GLY C 18 -27.66 -7.03 -62.86
C GLY C 18 -28.72 -7.83 -62.14
N GLU C 19 -28.34 -9.01 -61.65
CA GLU C 19 -29.24 -9.87 -60.90
C GLU C 19 -29.19 -9.53 -59.41
N PRO C 20 -30.21 -9.92 -58.65
CA PRO C 20 -30.21 -9.62 -57.21
C PRO C 20 -29.01 -10.24 -56.51
N ARG C 21 -28.48 -9.50 -55.55
CA ARG C 21 -27.31 -9.93 -54.80
C ARG C 21 -27.74 -10.65 -53.53
N PHE C 22 -27.07 -11.76 -53.23
CA PHE C 22 -27.34 -12.55 -52.03
C PHE C 22 -26.10 -12.59 -51.16
N ILE C 23 -26.27 -12.32 -49.87
CA ILE C 23 -25.17 -12.29 -48.91
C ILE C 23 -25.60 -13.05 -47.67
N THR C 24 -24.74 -13.93 -47.17
CA THR C 24 -24.96 -14.69 -45.95
C THR C 24 -23.77 -14.48 -45.04
N VAL C 25 -24.03 -14.18 -43.77
CA VAL C 25 -22.98 -14.08 -42.76
C VAL C 25 -23.37 -14.92 -41.56
N GLY C 26 -22.42 -15.71 -41.05
CA GLY C 26 -22.63 -16.57 -39.90
C GLY C 26 -21.94 -16.02 -38.67
N TYR C 27 -22.66 -16.04 -37.55
CA TYR C 27 -22.16 -15.53 -36.29
C TYR C 27 -22.27 -16.62 -35.23
N VAL C 28 -21.24 -16.74 -34.41
CA VAL C 28 -21.30 -17.47 -33.16
C VAL C 28 -21.05 -16.46 -32.05
N ASP C 29 -22.06 -16.25 -31.20
CA ASP C 29 -22.04 -15.19 -30.19
C ASP C 29 -21.83 -13.87 -30.95
N ASP C 30 -20.90 -13.03 -30.55
CA ASP C 30 -20.56 -11.80 -31.27
C ASP C 30 -19.30 -11.97 -32.11
N THR C 31 -19.11 -13.15 -32.70
CA THR C 31 -17.93 -13.46 -33.49
C THR C 31 -18.35 -13.92 -34.87
N LEU C 32 -17.93 -13.21 -35.90
CA LEU C 32 -18.18 -13.64 -37.28
C LEU C 32 -17.31 -14.84 -37.61
N PHE C 33 -17.89 -15.83 -38.27
CA PHE C 33 -17.16 -17.07 -38.55
C PHE C 33 -17.26 -17.57 -39.98
N VAL C 34 -18.20 -17.08 -40.80
CA VAL C 34 -18.34 -17.54 -42.17
C VAL C 34 -18.95 -16.42 -43.00
N ARG C 35 -18.76 -16.50 -44.32
CA ARG C 35 -19.24 -15.45 -45.21
C ARG C 35 -19.57 -16.04 -46.57
N PHE C 36 -20.55 -15.42 -47.23
CA PHE C 36 -20.93 -15.74 -48.60
C PHE C 36 -21.32 -14.47 -49.32
N ASP C 37 -20.95 -14.39 -50.60
CA ASP C 37 -21.30 -13.23 -51.43
C ASP C 37 -21.54 -13.70 -52.85
N SER C 38 -22.73 -13.43 -53.37
CA SER C 38 -23.06 -13.81 -54.74
C SER C 38 -22.32 -12.95 -55.75
N ASP C 39 -21.79 -11.80 -55.33
CA ASP C 39 -21.05 -10.90 -56.20
C ASP C 39 -19.56 -11.20 -56.18
N ALA C 40 -19.22 -12.47 -56.31
CA ALA C 40 -17.85 -12.92 -56.48
C ALA C 40 -17.67 -13.55 -57.85
N THR C 41 -16.41 -13.57 -58.33
CA THR C 41 -16.10 -14.31 -59.54
C THR C 41 -16.34 -15.81 -59.35
N SER C 42 -16.13 -16.30 -58.14
CA SER C 42 -16.43 -17.69 -57.78
C SER C 42 -17.28 -17.67 -56.53
N PRO C 43 -18.60 -17.72 -56.66
CA PRO C 43 -19.49 -17.72 -55.48
C PRO C 43 -19.20 -18.88 -54.54
N ARG C 44 -18.36 -18.65 -53.53
CA ARG C 44 -17.96 -19.69 -52.60
C ARG C 44 -18.19 -19.22 -51.17
N LYS C 45 -18.41 -20.18 -50.28
CA LYS C 45 -18.48 -19.91 -48.85
C LYS C 45 -17.07 -19.89 -48.28
N GLU C 46 -16.78 -18.89 -47.45
CA GLU C 46 -15.41 -18.72 -46.98
C GLU C 46 -15.37 -18.52 -45.48
N PRO C 47 -14.34 -19.02 -44.82
CA PRO C 47 -14.22 -18.86 -43.37
C PRO C 47 -13.81 -17.45 -42.99
N ARG C 48 -14.08 -17.10 -41.73
CA ARG C 48 -13.66 -15.82 -41.19
C ARG C 48 -13.23 -15.94 -39.73
N ALA C 49 -12.84 -17.13 -39.29
CA ALA C 49 -12.39 -17.37 -37.92
C ALA C 49 -11.41 -18.53 -37.95
N PRO C 50 -10.44 -18.56 -37.03
CA PRO C 50 -9.42 -19.62 -37.10
C PRO C 50 -9.96 -21.02 -36.83
N TRP C 51 -11.02 -21.17 -36.05
CA TRP C 51 -11.46 -22.48 -35.61
C TRP C 51 -12.47 -23.13 -36.56
N ILE C 52 -12.98 -22.39 -37.55
CA ILE C 52 -13.85 -23.00 -38.56
C ILE C 52 -13.04 -23.47 -39.76
N GLU C 53 -11.77 -23.09 -39.85
CA GLU C 53 -10.90 -23.62 -40.90
C GLU C 53 -10.71 -25.13 -40.78
N GLN C 54 -10.85 -25.67 -39.57
CA GLN C 54 -10.57 -27.08 -39.32
C GLN C 54 -11.42 -28.02 -40.16
N GLU C 55 -12.58 -27.57 -40.65
CA GLU C 55 -13.51 -28.46 -41.32
C GLU C 55 -12.99 -28.93 -42.67
N GLY C 56 -13.67 -29.91 -43.24
CA GLY C 56 -13.22 -30.58 -44.44
C GLY C 56 -13.93 -30.12 -45.71
N PRO C 57 -13.35 -30.48 -46.85
CA PRO C 57 -13.94 -30.06 -48.15
C PRO C 57 -15.42 -30.34 -48.29
N GLU C 58 -15.92 -31.46 -47.76
CA GLU C 58 -17.33 -31.78 -47.90
C GLU C 58 -18.20 -30.73 -47.22
N TYR C 59 -17.77 -30.25 -46.05
CA TYR C 59 -18.50 -29.19 -45.35
C TYR C 59 -18.64 -27.95 -46.23
N TRP C 60 -17.53 -27.50 -46.82
CA TRP C 60 -17.56 -26.29 -47.62
C TRP C 60 -18.38 -26.49 -48.89
N ASP C 61 -18.29 -27.68 -49.49
CA ASP C 61 -19.14 -27.99 -50.64
C ASP C 61 -20.61 -27.88 -50.28
N ARG C 62 -20.99 -28.47 -49.14
CA ARG C 62 -22.38 -28.41 -48.68
C ARG C 62 -22.83 -26.97 -48.45
N GLU C 63 -22.03 -26.19 -47.71
CA GLU C 63 -22.41 -24.82 -47.40
C GLU C 63 -22.51 -23.97 -48.65
N THR C 64 -21.54 -24.13 -49.57
CA THR C 64 -21.55 -23.37 -50.81
C THR C 64 -22.77 -23.72 -51.66
N GLN C 65 -23.13 -25.00 -51.71
CA GLN C 65 -24.33 -25.36 -52.47
C GLN C 65 -25.58 -24.81 -51.80
N ILE C 66 -25.62 -24.80 -50.47
CA ILE C 66 -26.78 -24.26 -49.76
C ILE C 66 -26.95 -22.79 -50.07
N SER C 67 -25.84 -22.06 -50.17
CA SER C 67 -25.97 -20.62 -50.38
C SER C 67 -26.18 -20.32 -51.85
N LYS C 68 -25.65 -21.17 -52.73
CA LYS C 68 -25.85 -20.99 -54.15
C LYS C 68 -27.31 -21.26 -54.53
N THR C 69 -27.98 -22.18 -53.81
CA THR C 69 -29.40 -22.39 -54.09
C THR C 69 -30.25 -21.34 -53.40
N ASN C 70 -29.81 -20.83 -52.24
CA ASN C 70 -30.55 -19.77 -51.58
C ASN C 70 -30.54 -18.49 -52.40
N THR C 71 -29.42 -18.22 -53.09
CA THR C 71 -29.34 -17.08 -54.00
C THR C 71 -30.54 -17.03 -54.93
N GLN C 72 -30.74 -18.10 -55.72
CA GLN C 72 -31.82 -18.09 -56.69
C GLN C 72 -33.18 -18.18 -56.01
N THR C 73 -33.28 -18.90 -54.88
CA THR C 73 -34.55 -18.99 -54.19
C THR C 73 -35.00 -17.62 -53.69
N TYR C 74 -34.06 -16.77 -53.27
CA TYR C 74 -34.44 -15.43 -52.85
C TYR C 74 -34.62 -14.48 -54.04
N ARG C 75 -33.91 -14.73 -55.15
CA ARG C 75 -34.22 -13.97 -56.36
C ARG C 75 -35.65 -14.22 -56.83
N GLU C 76 -36.20 -15.40 -56.56
CA GLU C 76 -37.60 -15.64 -56.84
C GLU C 76 -38.52 -15.16 -55.72
N ASN C 77 -38.04 -15.22 -54.47
CA ASN C 77 -38.79 -14.67 -53.35
C ASN C 77 -39.08 -13.19 -53.54
N LEU C 78 -38.12 -12.45 -54.09
CA LEU C 78 -38.34 -11.02 -54.32
C LEU C 78 -39.42 -10.79 -55.38
N ARG C 79 -39.43 -11.60 -56.43
CA ARG C 79 -40.51 -11.51 -57.43
C ARG C 79 -41.86 -11.80 -56.79
N THR C 80 -41.92 -12.81 -55.92
CA THR C 80 -43.18 -13.12 -55.23
C THR C 80 -43.60 -11.99 -54.29
N ALA C 81 -42.64 -11.30 -53.68
CA ALA C 81 -42.97 -10.15 -52.86
C ALA C 81 -43.54 -9.02 -53.70
N LEU C 82 -42.94 -8.76 -54.87
CA LEU C 82 -43.50 -7.80 -55.81
C LEU C 82 -44.92 -8.20 -56.22
N ARG C 83 -45.19 -9.50 -56.32
CA ARG C 83 -46.55 -9.94 -56.61
C ARG C 83 -47.49 -9.59 -55.46
N TYR C 84 -47.09 -9.92 -54.23
CA TYR C 84 -47.96 -9.71 -53.08
C TYR C 84 -48.25 -8.24 -52.82
N TYR C 85 -47.26 -7.37 -53.01
CA TYR C 85 -47.40 -5.97 -52.65
C TYR C 85 -47.83 -5.08 -53.81
N ASN C 86 -48.03 -5.64 -55.00
CA ASN C 86 -48.37 -4.88 -56.20
C ASN C 86 -47.36 -3.74 -56.42
N GLN C 87 -46.10 -4.14 -56.55
CA GLN C 87 -45.00 -3.21 -56.72
C GLN C 87 -44.41 -3.36 -58.12
N SER C 88 -43.51 -2.44 -58.45
CA SER C 88 -42.86 -2.45 -59.76
C SER C 88 -41.58 -3.27 -59.71
N GLU C 89 -41.38 -4.10 -60.73
CA GLU C 89 -40.14 -4.85 -60.85
C GLU C 89 -38.94 -3.94 -61.04
N ALA C 90 -39.16 -2.68 -61.43
CA ALA C 90 -38.07 -1.74 -61.64
C ALA C 90 -37.61 -1.06 -60.36
N GLY C 91 -38.18 -1.44 -59.21
CA GLY C 91 -37.75 -0.91 -57.93
C GLY C 91 -36.79 -1.86 -57.24
N SER C 92 -36.00 -1.30 -56.33
CA SER C 92 -34.97 -2.05 -55.62
C SER C 92 -35.44 -2.26 -54.17
N HIS C 93 -35.74 -3.51 -53.82
CA HIS C 93 -36.16 -3.88 -52.49
C HIS C 93 -35.20 -4.91 -51.90
N ILE C 94 -35.27 -5.08 -50.58
CA ILE C 94 -34.38 -5.97 -49.84
C ILE C 94 -35.22 -6.95 -49.03
N ILE C 95 -34.85 -8.23 -49.09
CA ILE C 95 -35.42 -9.28 -48.24
C ILE C 95 -34.33 -9.71 -47.26
N GLN C 96 -34.63 -9.61 -45.98
CA GLN C 96 -33.67 -9.95 -44.93
C GLN C 96 -34.17 -11.16 -44.15
N ARG C 97 -33.23 -11.86 -43.51
CA ARG C 97 -33.58 -13.01 -42.68
C ARG C 97 -32.54 -13.17 -41.59
N MET C 98 -33.00 -13.49 -40.38
CA MET C 98 -32.12 -13.84 -39.28
C MET C 98 -32.64 -15.09 -38.60
N TYR C 99 -31.80 -16.11 -38.48
CA TYR C 99 -32.29 -17.33 -37.84
C TYR C 99 -31.16 -18.02 -37.11
N GLY C 100 -31.50 -18.71 -36.03
CA GLY C 100 -30.48 -19.41 -35.27
C GLY C 100 -31.02 -19.93 -33.95
N CYS C 101 -30.10 -20.24 -33.05
CA CYS C 101 -30.47 -20.91 -31.81
C CYS C 101 -29.53 -20.52 -30.69
N ASP C 102 -30.09 -20.40 -29.48
CA ASP C 102 -29.33 -20.18 -28.25
C ASP C 102 -29.32 -21.44 -27.40
N VAL C 103 -28.29 -21.54 -26.57
CA VAL C 103 -28.14 -22.63 -25.61
C VAL C 103 -27.72 -22.05 -24.27
N GLY C 104 -27.96 -22.81 -23.22
CA GLY C 104 -27.58 -22.42 -21.89
C GLY C 104 -26.26 -23.05 -21.48
N PRO C 105 -25.88 -22.89 -20.21
CA PRO C 105 -24.63 -23.52 -19.74
C PRO C 105 -24.63 -25.03 -19.89
N ASP C 106 -25.80 -25.66 -20.01
CA ASP C 106 -25.91 -27.11 -20.16
C ASP C 106 -25.80 -27.58 -21.61
N GLY C 107 -25.86 -26.69 -22.58
CA GLY C 107 -25.66 -27.05 -23.97
C GLY C 107 -26.88 -27.55 -24.72
N ARG C 108 -28.07 -27.49 -24.12
CA ARG C 108 -29.29 -27.87 -24.80
C ARG C 108 -30.05 -26.64 -25.27
N LEU C 109 -30.99 -26.86 -26.20
CA LEU C 109 -31.69 -25.76 -26.84
C LEU C 109 -32.41 -24.89 -25.82
N LEU C 110 -32.24 -23.57 -25.95
CA LEU C 110 -32.91 -22.59 -25.11
C LEU C 110 -33.92 -21.78 -25.89
N ARG C 111 -33.49 -21.10 -26.95
CA ARG C 111 -34.35 -20.27 -27.78
C ARG C 111 -34.07 -20.59 -29.24
N GLY C 112 -35.12 -20.50 -30.07
CA GLY C 112 -34.95 -20.65 -31.50
C GLY C 112 -35.62 -19.54 -32.28
N TYR C 113 -34.89 -18.97 -33.24
CA TYR C 113 -35.38 -17.84 -34.02
C TYR C 113 -35.36 -18.17 -35.51
N ASP C 114 -36.35 -17.64 -36.23
CA ASP C 114 -36.35 -17.66 -37.69
C ASP C 114 -37.25 -16.50 -38.13
N GLN C 115 -36.64 -15.37 -38.47
CA GLN C 115 -37.34 -14.14 -38.81
C GLN C 115 -37.02 -13.75 -40.24
N TYR C 116 -38.04 -13.22 -40.93
CA TYR C 116 -37.95 -12.71 -42.28
C TYR C 116 -38.48 -11.28 -42.28
N ALA C 117 -37.81 -10.41 -43.02
CA ALA C 117 -38.17 -9.00 -43.12
C ALA C 117 -38.18 -8.57 -44.57
N TYR C 118 -39.02 -7.60 -44.88
CA TYR C 118 -39.11 -7.00 -46.21
C TYR C 118 -38.91 -5.50 -46.09
N ASP C 119 -37.85 -4.99 -46.72
CA ASP C 119 -37.58 -3.56 -46.78
C ASP C 119 -37.44 -2.96 -45.39
N GLY C 120 -36.72 -3.64 -44.51
CA GLY C 120 -36.50 -3.16 -43.16
C GLY C 120 -37.65 -3.36 -42.20
N LYS C 121 -38.83 -3.75 -42.69
CA LYS C 121 -39.99 -3.97 -41.85
C LYS C 121 -40.10 -5.44 -41.48
N ASP C 122 -40.58 -5.71 -40.27
CA ASP C 122 -40.86 -7.07 -39.86
C ASP C 122 -41.86 -7.70 -40.82
N TYR C 123 -41.53 -8.89 -41.34
CA TYR C 123 -42.42 -9.59 -42.28
C TYR C 123 -43.07 -10.80 -41.66
N ILE C 124 -42.31 -11.81 -41.24
CA ILE C 124 -42.88 -13.02 -40.66
C ILE C 124 -41.86 -13.67 -39.74
N ALA C 125 -42.30 -14.12 -38.57
CA ALA C 125 -41.41 -14.66 -37.54
C ALA C 125 -41.90 -16.01 -37.05
N LEU C 126 -40.96 -16.84 -36.62
CA LEU C 126 -41.26 -18.11 -35.96
C LEU C 126 -41.37 -17.87 -34.45
N ASN C 127 -42.42 -18.44 -33.85
CA ASN C 127 -42.66 -18.23 -32.43
C ASN C 127 -41.72 -19.09 -31.59
N GLU C 128 -41.70 -18.80 -30.28
CA GLU C 128 -40.87 -19.58 -29.37
C GLU C 128 -41.28 -21.04 -29.33
N ASP C 129 -42.57 -21.32 -29.54
CA ASP C 129 -43.06 -22.69 -29.52
C ASP C 129 -42.59 -23.50 -30.73
N LEU C 130 -41.98 -22.86 -31.72
CA LEU C 130 -41.43 -23.54 -32.89
C LEU C 130 -42.52 -24.33 -33.63
N SER C 131 -43.72 -23.75 -33.70
CA SER C 131 -44.83 -24.42 -34.37
C SER C 131 -45.76 -23.44 -35.08
N SER C 132 -45.87 -22.22 -34.56
CA SER C 132 -46.76 -21.21 -35.11
C SER C 132 -45.97 -20.07 -35.74
N TRP C 133 -46.67 -19.28 -36.54
CA TRP C 133 -46.07 -18.20 -37.32
C TRP C 133 -46.75 -16.87 -36.98
N THR C 134 -45.94 -15.82 -36.87
CA THR C 134 -46.44 -14.48 -36.58
C THR C 134 -46.20 -13.61 -37.82
N ALA C 135 -47.28 -13.20 -38.47
CA ALA C 135 -47.20 -12.31 -39.62
C ALA C 135 -47.44 -10.88 -39.17
N ALA C 136 -46.73 -9.94 -39.81
CA ALA C 136 -46.83 -8.52 -39.49
C ALA C 136 -47.62 -7.73 -40.52
N ASP C 137 -47.89 -8.29 -41.69
CA ASP C 137 -48.62 -7.60 -42.75
C ASP C 137 -49.65 -8.55 -43.32
N THR C 138 -50.63 -8.00 -44.04
CA THR C 138 -51.67 -8.82 -44.64
C THR C 138 -51.18 -9.56 -45.88
N ALA C 139 -49.97 -9.27 -46.36
CA ALA C 139 -49.35 -10.04 -47.43
C ALA C 139 -48.51 -11.17 -46.88
N ALA C 140 -47.89 -10.97 -45.71
CA ALA C 140 -47.19 -12.06 -45.04
C ALA C 140 -48.15 -13.13 -44.53
N GLN C 141 -49.44 -12.82 -44.45
CA GLN C 141 -50.41 -13.82 -44.06
C GLN C 141 -50.54 -14.90 -45.12
N ILE C 142 -50.40 -14.53 -46.40
CA ILE C 142 -50.36 -15.53 -47.46
C ILE C 142 -49.23 -16.51 -47.20
N THR C 143 -48.05 -15.99 -46.88
CA THR C 143 -46.91 -16.84 -46.55
C THR C 143 -47.19 -17.68 -45.31
N GLN C 144 -47.87 -17.10 -44.32
CA GLN C 144 -48.17 -17.83 -43.10
C GLN C 144 -49.07 -19.03 -43.36
N ARG C 145 -50.11 -18.84 -44.19
CA ARG C 145 -50.98 -19.95 -44.55
C ARG C 145 -50.24 -20.96 -45.42
N LYS C 146 -49.36 -20.49 -46.31
CA LYS C 146 -48.61 -21.39 -47.16
C LYS C 146 -47.66 -22.26 -46.36
N TRP C 147 -47.13 -21.72 -45.25
CA TRP C 147 -46.21 -22.46 -44.40
C TRP C 147 -46.94 -23.34 -43.39
N GLU C 148 -48.16 -22.94 -43.00
CA GLU C 148 -48.91 -23.70 -42.02
C GLU C 148 -49.56 -24.94 -42.64
N ALA C 149 -49.99 -24.85 -43.90
CA ALA C 149 -50.53 -26.01 -44.60
C ALA C 149 -49.45 -27.00 -45.01
N ALA C 150 -48.17 -26.63 -44.88
CA ALA C 150 -47.06 -27.54 -45.13
C ALA C 150 -46.31 -27.91 -43.86
N ARG C 151 -46.68 -27.36 -42.70
CA ARG C 151 -46.01 -27.65 -41.44
C ARG C 151 -44.51 -27.46 -41.57
N VAL C 152 -44.12 -26.27 -42.03
CA VAL C 152 -42.72 -25.92 -42.19
C VAL C 152 -42.05 -25.79 -40.83
N ALA C 153 -42.80 -25.36 -39.82
CA ALA C 153 -42.28 -25.33 -38.46
C ALA C 153 -41.78 -26.69 -38.00
N GLU C 154 -42.28 -27.78 -38.58
CA GLU C 154 -41.74 -29.10 -38.30
C GLU C 154 -40.27 -29.18 -38.68
N GLN C 155 -39.96 -28.84 -39.94
CA GLN C 155 -38.57 -28.82 -40.40
C GLN C 155 -37.73 -27.85 -39.59
N ASP C 156 -38.27 -26.66 -39.31
CA ASP C 156 -37.55 -25.68 -38.51
C ASP C 156 -37.20 -26.23 -37.14
N ARG C 157 -38.19 -26.83 -36.46
CA ARG C 157 -37.95 -27.41 -35.14
C ARG C 157 -36.91 -28.52 -35.22
N ALA C 158 -37.00 -29.36 -36.26
CA ALA C 158 -36.03 -30.44 -36.43
C ALA C 158 -34.61 -29.91 -36.54
N TYR C 159 -34.43 -28.84 -37.31
CA TYR C 159 -33.08 -28.26 -37.41
C TYR C 159 -32.67 -27.58 -36.11
N LEU C 160 -33.58 -26.82 -35.49
CA LEU C 160 -33.24 -26.01 -34.33
C LEU C 160 -32.83 -26.88 -33.13
N GLU C 161 -33.62 -27.91 -32.82
CA GLU C 161 -33.22 -28.82 -31.75
C GLU C 161 -32.14 -29.80 -32.19
N GLY C 162 -31.97 -30.00 -33.50
CA GLY C 162 -31.00 -30.95 -33.99
C GLY C 162 -29.70 -30.32 -34.47
N LEU C 163 -29.57 -30.16 -35.78
CA LEU C 163 -28.29 -29.74 -36.36
C LEU C 163 -27.79 -28.42 -35.79
N CYS C 164 -28.70 -27.50 -35.47
CA CYS C 164 -28.32 -26.20 -34.92
C CYS C 164 -27.43 -26.35 -33.70
N VAL C 165 -27.97 -26.95 -32.63
CA VAL C 165 -27.24 -27.03 -31.38
C VAL C 165 -26.06 -27.99 -31.51
N GLU C 166 -26.19 -29.01 -32.34
CA GLU C 166 -25.11 -29.96 -32.57
C GLU C 166 -23.86 -29.25 -33.11
N SER C 167 -24.01 -28.63 -34.28
CA SER C 167 -22.90 -27.91 -34.88
C SER C 167 -22.44 -26.75 -34.02
N LEU C 168 -23.39 -26.08 -33.35
CA LEU C 168 -23.05 -24.96 -32.45
C LEU C 168 -22.08 -25.48 -31.38
N ARG C 169 -22.47 -26.55 -30.69
CA ARG C 169 -21.64 -27.19 -29.67
C ARG C 169 -20.26 -27.52 -30.22
N ARG C 170 -20.22 -28.09 -31.42
CA ARG C 170 -18.94 -28.40 -32.06
C ARG C 170 -18.09 -27.15 -32.24
N TYR C 171 -18.71 -26.07 -32.73
CA TYR C 171 -17.98 -24.82 -32.97
C TYR C 171 -17.41 -24.28 -31.67
N LEU C 172 -18.20 -24.34 -30.59
CA LEU C 172 -17.78 -23.85 -29.25
C LEU C 172 -16.62 -24.69 -28.73
N GLU C 173 -16.62 -25.99 -29.03
CA GLU C 173 -15.56 -26.87 -28.57
C GLU C 173 -14.26 -26.64 -29.35
N ASN C 174 -14.37 -26.39 -30.65
CA ASN C 174 -13.17 -26.16 -31.46
C ASN C 174 -12.50 -24.83 -31.15
N GLY C 175 -13.27 -23.83 -30.68
CA GLY C 175 -12.70 -22.54 -30.41
C GLY C 175 -12.90 -22.09 -28.97
N LYS C 176 -12.74 -23.03 -28.03
CA LYS C 176 -12.96 -22.73 -26.62
C LYS C 176 -11.97 -21.72 -26.06
N GLU C 177 -10.80 -21.56 -26.69
CA GLU C 177 -9.82 -20.61 -26.18
C GLU C 177 -10.19 -19.17 -26.49
N THR C 178 -11.09 -18.94 -27.44
CA THR C 178 -11.54 -17.61 -27.82
C THR C 178 -13.01 -17.39 -27.55
N LEU C 179 -13.86 -18.36 -27.88
CA LEU C 179 -15.31 -18.17 -27.77
C LEU C 179 -15.80 -18.30 -26.34
N GLN C 180 -15.16 -19.16 -25.55
CA GLN C 180 -15.59 -19.41 -24.14
C GLN C 180 -14.77 -18.58 -23.15
N ARG C 181 -13.84 -17.75 -23.63
CA ARG C 181 -13.03 -16.92 -22.75
C ARG C 181 -13.74 -15.60 -22.50
N ALA C 182 -13.59 -15.07 -21.29
CA ALA C 182 -14.25 -13.83 -20.88
C ALA C 182 -13.23 -12.69 -20.87
N ASP C 183 -13.43 -11.71 -21.75
CA ASP C 183 -12.51 -10.59 -21.85
C ASP C 183 -13.11 -9.38 -21.15
N PRO C 184 -12.57 -8.96 -20.00
CA PRO C 184 -13.17 -7.86 -19.27
C PRO C 184 -12.90 -6.54 -19.98
N PRO C 185 -13.75 -5.54 -19.80
CA PRO C 185 -13.50 -4.23 -20.41
C PRO C 185 -12.38 -3.49 -19.69
N LYS C 186 -11.76 -2.57 -20.43
CA LYS C 186 -10.76 -1.67 -19.88
C LYS C 186 -11.41 -0.30 -19.77
N THR C 187 -11.56 0.20 -18.54
CA THR C 187 -12.35 1.39 -18.27
C THR C 187 -11.49 2.51 -17.73
N HIS C 188 -11.88 3.74 -18.08
CA HIS C 188 -11.27 4.92 -17.47
C HIS C 188 -12.17 6.12 -17.67
N VAL C 189 -11.96 7.14 -16.84
CA VAL C 189 -12.74 8.37 -16.87
C VAL C 189 -11.86 9.49 -17.40
N THR C 190 -12.46 10.38 -18.19
CA THR C 190 -11.76 11.50 -18.80
C THR C 190 -12.50 12.79 -18.50
N HIS C 191 -11.75 13.82 -18.15
CA HIS C 191 -12.29 15.15 -17.90
C HIS C 191 -11.91 16.06 -19.07
N HIS C 192 -12.90 16.66 -19.70
CA HIS C 192 -12.68 17.50 -20.87
C HIS C 192 -13.34 18.85 -20.64
N PRO C 193 -12.58 19.90 -20.33
CA PRO C 193 -13.18 21.22 -20.11
C PRO C 193 -13.81 21.73 -21.40
N ILE C 194 -15.12 21.98 -21.35
CA ILE C 194 -15.82 22.59 -22.47
C ILE C 194 -15.75 24.11 -22.38
N SER C 195 -15.85 24.65 -21.17
CA SER C 195 -15.65 26.07 -20.92
C SER C 195 -14.79 26.24 -19.69
N ASP C 196 -14.71 27.46 -19.15
CA ASP C 196 -13.93 27.70 -17.94
C ASP C 196 -14.65 27.20 -16.69
N HIS C 197 -15.98 27.08 -16.74
CA HIS C 197 -16.78 26.70 -15.58
C HIS C 197 -17.60 25.45 -15.80
N GLU C 198 -17.37 24.72 -16.89
CA GLU C 198 -18.16 23.53 -17.19
C GLU C 198 -17.26 22.51 -17.89
N VAL C 199 -17.26 21.27 -17.40
CA VAL C 199 -16.45 20.22 -17.98
C VAL C 199 -17.32 19.00 -18.22
N THR C 200 -17.01 18.25 -19.28
CA THR C 200 -17.69 17.01 -19.58
C THR C 200 -16.87 15.83 -19.08
N LEU C 201 -17.50 14.96 -18.30
CA LEU C 201 -16.90 13.74 -17.81
C LEU C 201 -17.36 12.58 -18.67
N ARG C 202 -16.41 11.77 -19.14
CA ARG C 202 -16.70 10.67 -20.04
C ARG C 202 -16.14 9.37 -19.45
N CYS C 203 -17.01 8.37 -19.34
CA CYS C 203 -16.64 7.02 -18.93
C CYS C 203 -16.44 6.18 -20.19
N TRP C 204 -15.24 5.64 -20.36
CA TRP C 204 -14.84 4.90 -21.54
C TRP C 204 -14.59 3.44 -21.18
N ALA C 205 -15.18 2.53 -21.96
CA ALA C 205 -14.92 1.09 -21.82
C ALA C 205 -14.47 0.55 -23.18
N LEU C 206 -13.27 -0.02 -23.21
CA LEU C 206 -12.61 -0.40 -24.45
C LEU C 206 -12.16 -1.86 -24.39
N GLY C 207 -12.25 -2.56 -25.52
CA GLY C 207 -11.71 -3.89 -25.64
C GLY C 207 -12.38 -4.89 -24.73
N PHE C 208 -13.62 -5.26 -25.07
CA PHE C 208 -14.38 -6.21 -24.27
C PHE C 208 -15.19 -7.10 -25.19
N TYR C 209 -15.61 -8.25 -24.65
CA TYR C 209 -16.35 -9.25 -25.39
C TYR C 209 -17.26 -9.98 -24.42
N PRO C 210 -18.54 -10.16 -24.74
CA PRO C 210 -19.24 -9.74 -25.97
C PRO C 210 -19.53 -8.24 -26.00
N ALA C 211 -20.44 -7.81 -26.89
CA ALA C 211 -20.71 -6.38 -27.06
C ALA C 211 -21.60 -5.80 -25.96
N GLU C 212 -22.45 -6.61 -25.34
CA GLU C 212 -23.40 -6.08 -24.37
C GLU C 212 -22.69 -5.57 -23.13
N ILE C 213 -23.03 -4.35 -22.72
CA ILE C 213 -22.40 -3.70 -21.58
C ILE C 213 -23.30 -2.55 -21.17
N THR C 214 -23.12 -2.06 -19.95
CA THR C 214 -23.93 -0.95 -19.44
C THR C 214 -23.05 0.04 -18.70
N LEU C 215 -23.20 1.32 -19.00
CA LEU C 215 -22.45 2.39 -18.35
C LEU C 215 -23.42 3.49 -17.97
N THR C 216 -23.54 3.76 -16.67
CA THR C 216 -24.46 4.77 -16.18
C THR C 216 -23.71 5.78 -15.32
N TRP C 217 -24.12 7.05 -15.41
CA TRP C 217 -23.55 8.11 -14.60
C TRP C 217 -24.51 8.42 -13.46
N GLN C 218 -23.99 8.43 -12.24
CA GLN C 218 -24.81 8.64 -11.05
C GLN C 218 -24.12 9.64 -10.14
N ARG C 219 -24.87 10.63 -9.66
CA ARG C 219 -24.33 11.65 -8.78
C ARG C 219 -24.60 11.24 -7.34
N ASP C 220 -23.62 10.60 -6.71
CA ASP C 220 -23.66 10.23 -5.30
C ASP C 220 -24.83 9.29 -4.99
N GLY C 221 -25.27 8.52 -5.98
CA GLY C 221 -26.29 7.51 -5.82
C GLY C 221 -27.53 7.72 -6.67
N GLU C 222 -27.90 8.98 -6.91
CA GLU C 222 -29.09 9.26 -7.71
C GLU C 222 -28.73 9.17 -9.19
N ASP C 223 -29.57 8.48 -9.95
CA ASP C 223 -29.31 8.18 -11.36
C ASP C 223 -29.79 9.32 -12.26
N GLN C 224 -28.92 9.77 -13.15
CA GLN C 224 -29.22 10.81 -14.11
C GLN C 224 -29.31 10.18 -15.49
N THR C 225 -30.40 9.44 -15.72
CA THR C 225 -30.62 8.67 -16.94
C THR C 225 -31.16 9.48 -18.11
N GLN C 226 -31.24 10.81 -18.01
CA GLN C 226 -31.72 11.61 -19.13
C GLN C 226 -30.72 12.65 -19.62
N ASP C 227 -29.92 13.25 -18.74
CA ASP C 227 -28.91 14.21 -19.14
C ASP C 227 -27.55 13.56 -19.41
N THR C 228 -27.55 12.31 -19.87
CA THR C 228 -26.32 11.58 -20.18
C THR C 228 -26.32 11.22 -21.65
N GLU C 229 -25.30 11.67 -22.37
CA GLU C 229 -25.15 11.31 -23.78
C GLU C 229 -24.52 9.92 -23.90
N LEU C 230 -25.18 9.05 -24.66
CA LEU C 230 -24.73 7.67 -24.83
C LEU C 230 -24.38 7.43 -26.28
N VAL C 231 -23.35 6.61 -26.51
CA VAL C 231 -22.88 6.28 -27.85
C VAL C 231 -23.14 4.81 -28.12
N GLU C 232 -23.56 4.50 -29.35
CA GLU C 232 -23.74 3.12 -29.76
C GLU C 232 -22.41 2.37 -29.76
N THR C 233 -22.44 1.14 -29.25
CA THR C 233 -21.23 0.32 -29.18
C THR C 233 -20.65 0.09 -30.57
N ARG C 234 -19.33 0.23 -30.70
CA ARG C 234 -18.67 0.19 -31.99
C ARG C 234 -17.61 -0.90 -32.02
N PRO C 235 -17.54 -1.70 -33.08
CA PRO C 235 -16.47 -2.71 -33.17
C PRO C 235 -15.12 -2.05 -33.40
N ALA C 236 -14.10 -2.59 -32.74
CA ALA C 236 -12.74 -2.10 -32.91
C ALA C 236 -12.04 -2.67 -34.14
N GLY C 237 -12.46 -3.83 -34.62
CA GLY C 237 -11.81 -4.49 -35.73
C GLY C 237 -10.94 -5.67 -35.34
N ASP C 238 -10.53 -5.75 -34.07
CA ASP C 238 -9.78 -6.89 -33.56
C ASP C 238 -10.67 -7.83 -32.76
N ARG C 239 -11.96 -7.90 -33.11
CA ARG C 239 -12.98 -8.76 -32.53
C ARG C 239 -13.38 -8.33 -31.12
N THR C 240 -13.00 -7.13 -30.69
CA THR C 240 -13.47 -6.55 -29.44
C THR C 240 -14.43 -5.39 -29.73
N PHE C 241 -14.88 -4.73 -28.67
CA PHE C 241 -15.88 -3.67 -28.80
C PHE C 241 -15.54 -2.54 -27.82
N GLN C 242 -16.09 -1.36 -28.10
CA GLN C 242 -15.84 -0.19 -27.28
C GLN C 242 -17.09 0.67 -27.21
N LYS C 243 -17.23 1.41 -26.11
CA LYS C 243 -18.38 2.28 -25.91
C LYS C 243 -18.09 3.22 -24.75
N TRP C 244 -18.48 4.49 -24.90
CA TRP C 244 -18.32 5.47 -23.84
C TRP C 244 -19.60 6.26 -23.66
N ALA C 245 -19.75 6.85 -22.48
CA ALA C 245 -20.90 7.68 -22.15
C ALA C 245 -20.42 8.93 -21.43
N ALA C 246 -20.99 10.08 -21.78
CA ALA C 246 -20.52 11.36 -21.27
C ALA C 246 -21.67 12.14 -20.63
N VAL C 247 -21.31 12.97 -19.65
CA VAL C 247 -22.24 13.87 -19.00
C VAL C 247 -21.54 15.20 -18.77
N VAL C 248 -22.23 16.29 -19.09
CA VAL C 248 -21.70 17.63 -18.86
C VAL C 248 -22.01 18.03 -17.42
N VAL C 249 -21.00 18.50 -16.71
CA VAL C 249 -21.15 18.82 -15.28
C VAL C 249 -20.54 20.20 -15.01
N PRO C 250 -21.03 20.89 -13.99
CA PRO C 250 -20.40 22.16 -13.59
C PRO C 250 -19.02 21.94 -12.99
N SER C 251 -18.23 23.00 -13.00
CA SER C 251 -16.90 22.97 -12.42
C SER C 251 -17.01 22.75 -10.91
N GLY C 252 -16.34 21.70 -10.42
CA GLY C 252 -16.35 21.34 -9.01
C GLY C 252 -17.10 20.06 -8.70
N GLU C 253 -18.15 19.75 -9.47
CA GLU C 253 -18.97 18.56 -9.24
C GLU C 253 -18.39 17.31 -9.91
N GLU C 254 -17.07 17.23 -10.07
CA GLU C 254 -16.46 16.05 -10.66
C GLU C 254 -16.24 14.94 -9.64
N GLN C 255 -16.35 15.24 -8.35
CA GLN C 255 -16.16 14.26 -7.29
C GLN C 255 -17.42 13.47 -6.99
N ARG C 256 -18.59 14.13 -6.98
CA ARG C 256 -19.85 13.45 -6.70
C ARG C 256 -20.30 12.56 -7.85
N TYR C 257 -19.84 12.85 -9.07
CA TYR C 257 -20.28 12.08 -10.23
C TYR C 257 -19.43 10.82 -10.34
N THR C 258 -20.08 9.66 -10.38
CA THR C 258 -19.40 8.38 -10.47
C THR C 258 -20.01 7.58 -11.60
N CYS C 259 -19.23 6.62 -12.08
CA CYS C 259 -19.60 5.81 -13.23
C CYS C 259 -19.79 4.37 -12.78
N HIS C 260 -20.91 3.77 -13.15
CA HIS C 260 -21.20 2.38 -12.83
C HIS C 260 -21.17 1.60 -14.13
N VAL C 261 -20.22 0.68 -14.22
CA VAL C 261 -20.03 -0.17 -15.38
C VAL C 261 -20.53 -1.57 -15.04
N GLN C 262 -21.07 -2.24 -16.06
CA GLN C 262 -21.67 -3.56 -15.91
C GLN C 262 -21.36 -4.36 -17.16
N HIS C 263 -20.51 -5.38 -17.03
CA HIS C 263 -20.22 -6.29 -18.12
C HIS C 263 -20.40 -7.72 -17.65
N GLU C 264 -20.67 -8.61 -18.61
CA GLU C 264 -20.98 -10.00 -18.28
C GLU C 264 -19.74 -10.82 -17.97
N GLY C 265 -18.55 -10.35 -18.36
CA GLY C 265 -17.33 -11.02 -18.00
C GLY C 265 -16.59 -10.43 -16.82
N LEU C 266 -17.17 -9.43 -16.17
CA LEU C 266 -16.59 -8.78 -15.00
C LEU C 266 -17.65 -8.42 -13.97
N PRO C 267 -17.61 -8.94 -12.75
CA PRO C 267 -18.59 -8.54 -11.75
C PRO C 267 -18.35 -7.11 -11.29
N LYS C 268 -19.26 -6.61 -10.46
CA LYS C 268 -19.20 -5.24 -9.94
C LYS C 268 -19.16 -4.19 -11.05
N MET D 1 -37.65 1.05 -49.46
CA MET D 1 -38.75 1.51 -48.64
C MET D 1 -38.34 1.64 -47.18
N ILE D 2 -39.01 2.54 -46.45
CA ILE D 2 -38.72 2.79 -45.04
C ILE D 2 -37.25 3.19 -44.96
N GLN D 3 -36.95 4.42 -45.35
CA GLN D 3 -35.56 4.89 -45.37
C GLN D 3 -35.25 5.57 -44.05
N ARG D 4 -34.10 5.20 -43.48
CA ARG D 4 -33.66 5.66 -42.17
C ARG D 4 -32.27 6.26 -42.31
N THR D 5 -32.08 7.43 -41.70
CA THR D 5 -30.81 8.13 -41.82
C THR D 5 -29.73 7.36 -41.08
N PRO D 6 -28.55 7.18 -41.67
CA PRO D 6 -27.50 6.41 -41.01
C PRO D 6 -26.84 7.19 -39.87
N LYS D 7 -26.16 6.43 -39.01
CA LYS D 7 -25.37 6.97 -37.92
C LYS D 7 -23.89 6.66 -38.20
N ILE D 8 -23.06 7.70 -38.14
CA ILE D 8 -21.66 7.64 -38.55
C ILE D 8 -20.78 7.80 -37.32
N GLN D 9 -19.75 6.97 -37.23
CA GLN D 9 -18.75 7.03 -36.17
C GLN D 9 -17.36 6.94 -36.77
N VAL D 10 -16.46 7.81 -36.29
CA VAL D 10 -15.06 7.79 -36.71
C VAL D 10 -14.20 7.68 -35.46
N TYR D 11 -13.29 6.72 -35.47
CA TYR D 11 -12.50 6.46 -34.27
C TYR D 11 -11.24 5.69 -34.64
N SER D 12 -10.46 5.36 -33.63
CA SER D 12 -9.30 4.50 -33.74
C SER D 12 -9.49 3.28 -32.85
N ARG D 13 -8.60 2.30 -33.01
CA ARG D 13 -8.66 1.11 -32.17
C ARG D 13 -8.29 1.43 -30.74
N HIS D 14 -7.01 1.61 -30.49
CA HIS D 14 -6.49 1.94 -29.18
C HIS D 14 -6.42 3.45 -29.00
N PRO D 15 -6.36 3.92 -27.75
CA PRO D 15 -6.31 5.37 -27.49
C PRO D 15 -5.29 6.09 -28.37
N ALA D 16 -5.69 7.26 -28.86
CA ALA D 16 -4.88 8.03 -29.80
C ALA D 16 -3.67 8.62 -29.09
N GLU D 17 -2.47 8.14 -29.44
CA GLU D 17 -1.22 8.72 -28.99
C GLU D 17 -0.42 9.10 -30.22
N ASN D 18 -0.04 10.37 -30.32
CA ASN D 18 0.62 10.87 -31.51
C ASN D 18 1.97 10.17 -31.73
N GLY D 19 2.14 9.61 -32.92
CA GLY D 19 3.36 8.94 -33.32
C GLY D 19 3.25 7.43 -33.42
N LYS D 20 2.46 6.82 -32.54
CA LYS D 20 2.31 5.37 -32.53
C LYS D 20 1.18 4.94 -33.45
N SER D 21 1.44 3.87 -34.21
CA SER D 21 0.48 3.41 -35.22
C SER D 21 -0.84 2.98 -34.57
N ASN D 22 -1.91 3.08 -35.36
CA ASN D 22 -3.26 2.76 -34.90
C ASN D 22 -4.09 2.37 -36.12
N PHE D 23 -5.36 2.10 -35.88
CA PHE D 23 -6.29 1.68 -36.94
C PHE D 23 -7.49 2.63 -36.93
N LEU D 24 -7.64 3.39 -38.01
CA LEU D 24 -8.78 4.30 -38.17
C LEU D 24 -9.96 3.54 -38.76
N ASN D 25 -11.12 3.68 -38.11
CA ASN D 25 -12.35 2.99 -38.48
C ASN D 25 -13.50 3.97 -38.59
N CYS D 26 -14.37 3.72 -39.58
CA CYS D 26 -15.62 4.43 -39.78
C CYS D 26 -16.75 3.40 -39.71
N TYR D 27 -17.53 3.47 -38.64
CA TYR D 27 -18.66 2.57 -38.41
C TYR D 27 -19.94 3.29 -38.80
N VAL D 28 -20.61 2.80 -39.84
CA VAL D 28 -21.87 3.37 -40.31
C VAL D 28 -22.96 2.34 -40.04
N SER D 29 -23.87 2.69 -39.13
CA SER D 29 -24.86 1.74 -38.64
C SER D 29 -26.26 2.36 -38.69
N GLY D 30 -27.26 1.50 -38.65
CA GLY D 30 -28.62 1.97 -38.54
C GLY D 30 -29.20 2.56 -39.81
N PHE D 31 -28.74 2.10 -40.97
CA PHE D 31 -29.20 2.63 -42.25
C PHE D 31 -29.97 1.58 -43.04
N HIS D 32 -30.78 2.06 -43.97
CA HIS D 32 -31.58 1.26 -44.88
C HIS D 32 -32.03 2.18 -46.02
N PRO D 33 -31.94 1.75 -47.29
CA PRO D 33 -31.45 0.46 -47.81
C PRO D 33 -29.96 0.18 -47.62
N SER D 34 -29.45 -0.82 -48.35
CA SER D 34 -28.07 -1.26 -48.16
C SER D 34 -27.07 -0.38 -48.89
N ASP D 35 -27.44 0.14 -50.07
CA ASP D 35 -26.52 0.90 -50.91
C ASP D 35 -25.98 2.13 -50.19
N ILE D 36 -24.68 2.11 -49.86
CA ILE D 36 -24.01 3.22 -49.20
C ILE D 36 -22.62 3.36 -49.83
N GLU D 37 -22.05 4.55 -49.70
CA GLU D 37 -20.68 4.80 -50.16
C GLU D 37 -19.92 5.51 -49.05
N VAL D 38 -18.75 5.00 -48.71
CA VAL D 38 -17.97 5.52 -47.59
C VAL D 38 -16.52 5.67 -48.01
N ASP D 39 -15.96 6.86 -47.77
CA ASP D 39 -14.56 7.14 -48.02
C ASP D 39 -13.93 7.72 -46.76
N LEU D 40 -12.66 7.38 -46.54
CA LEU D 40 -11.90 7.91 -45.42
C LEU D 40 -10.96 8.98 -45.94
N LEU D 41 -11.05 10.19 -45.39
CA LEU D 41 -10.33 11.35 -45.89
C LEU D 41 -9.27 11.78 -44.90
N LYS D 42 -8.07 12.09 -45.43
CA LYS D 42 -6.99 12.66 -44.65
C LYS D 42 -6.71 14.07 -45.16
N ASN D 43 -6.89 15.06 -44.27
CA ASN D 43 -6.74 16.47 -44.62
C ASN D 43 -7.57 16.86 -45.84
N GLY D 44 -8.65 16.11 -46.09
CA GLY D 44 -9.45 16.29 -47.27
C GLY D 44 -9.08 15.38 -48.43
N GLU D 45 -8.01 14.61 -48.30
CA GLU D 45 -7.56 13.69 -49.34
C GLU D 45 -8.05 12.29 -49.03
N ARG D 46 -8.82 11.70 -49.95
CA ARG D 46 -9.35 10.37 -49.77
C ARG D 46 -8.21 9.35 -49.82
N ILE D 47 -8.04 8.58 -48.75
CA ILE D 47 -7.05 7.50 -48.75
C ILE D 47 -7.58 6.36 -49.60
N GLU D 48 -6.73 5.86 -50.49
CA GLU D 48 -7.12 4.83 -51.43
C GLU D 48 -6.87 3.44 -50.86
N LYS D 49 -7.52 2.45 -51.46
CA LYS D 49 -7.40 1.04 -51.06
C LYS D 49 -7.75 0.86 -49.58
N VAL D 50 -9.01 1.16 -49.26
CA VAL D 50 -9.55 1.02 -47.91
C VAL D 50 -10.31 -0.29 -47.80
N GLU D 51 -10.16 -0.97 -46.67
CA GLU D 51 -10.84 -2.23 -46.40
C GLU D 51 -12.12 -1.99 -45.61
N HIS D 52 -13.06 -2.93 -45.75
CA HIS D 52 -14.34 -2.85 -45.05
C HIS D 52 -14.78 -4.25 -44.65
N SER D 53 -15.88 -4.31 -43.89
CA SER D 53 -16.38 -5.53 -43.31
C SER D 53 -17.49 -6.13 -44.19
N ASP D 54 -18.23 -7.07 -43.63
CA ASP D 54 -19.30 -7.77 -44.35
C ASP D 54 -20.66 -7.23 -43.93
N LEU D 55 -21.61 -7.30 -44.86
CA LEU D 55 -22.95 -6.74 -44.69
C LEU D 55 -23.74 -7.56 -43.69
N SER D 56 -23.87 -7.06 -42.47
CA SER D 56 -24.73 -7.62 -41.45
C SER D 56 -25.71 -6.55 -40.98
N PHE D 57 -26.71 -6.97 -40.19
CA PHE D 57 -27.71 -6.04 -39.67
C PHE D 57 -27.94 -6.34 -38.19
N SER D 58 -28.87 -5.60 -37.60
CA SER D 58 -29.08 -5.64 -36.15
C SER D 58 -30.53 -5.99 -35.85
N LYS D 59 -30.95 -5.72 -34.60
CA LYS D 59 -32.26 -6.14 -34.14
C LYS D 59 -33.39 -5.43 -34.87
N ASP D 60 -33.18 -4.19 -35.32
CA ASP D 60 -34.21 -3.44 -36.02
C ASP D 60 -34.17 -3.69 -37.52
N TRP D 61 -33.39 -4.67 -37.98
CA TRP D 61 -33.18 -5.02 -39.38
C TRP D 61 -32.35 -3.97 -40.11
N SER D 62 -31.74 -3.04 -39.40
CA SER D 62 -30.92 -2.00 -39.99
C SER D 62 -29.46 -2.45 -40.04
N PHE D 63 -28.81 -2.25 -41.18
CA PHE D 63 -27.48 -2.79 -41.40
C PHE D 63 -26.44 -2.04 -40.57
N TYR D 64 -25.19 -2.47 -40.72
CA TYR D 64 -24.04 -1.80 -40.14
C TYR D 64 -22.79 -2.30 -40.85
N LEU D 65 -21.90 -1.36 -41.18
CA LEU D 65 -20.67 -1.66 -41.89
C LEU D 65 -19.53 -0.90 -41.24
N LEU D 66 -18.32 -1.41 -41.41
CA LEU D 66 -17.11 -0.80 -40.85
C LEU D 66 -16.06 -0.71 -41.95
N TYR D 67 -15.76 0.53 -42.36
CA TYR D 67 -14.70 0.78 -43.33
C TYR D 67 -13.45 1.18 -42.53
N TYR D 68 -12.37 0.44 -42.68
CA TYR D 68 -11.23 0.63 -41.81
C TYR D 68 -9.91 0.51 -42.58
N THR D 69 -8.88 1.13 -42.01
CA THR D 69 -7.51 1.02 -42.51
C THR D 69 -6.59 1.51 -41.41
N GLU D 70 -5.31 1.13 -41.50
CA GLU D 70 -4.35 1.51 -40.49
C GLU D 70 -3.70 2.85 -40.86
N PHE D 71 -3.25 3.57 -39.84
CA PHE D 71 -2.69 4.91 -40.02
C PHE D 71 -1.75 5.21 -38.86
N THR D 72 -1.12 6.37 -38.93
CA THR D 72 -0.25 6.87 -37.87
C THR D 72 -0.67 8.29 -37.53
N PRO D 73 -1.03 8.57 -36.28
CA PRO D 73 -1.54 9.91 -35.94
C PRO D 73 -0.41 10.94 -35.83
N THR D 74 -0.73 12.16 -36.27
CA THR D 74 0.13 13.32 -36.11
C THR D 74 -0.66 14.41 -35.39
N GLU D 75 0.06 15.46 -34.97
CA GLU D 75 -0.57 16.49 -34.15
C GLU D 75 -1.61 17.30 -34.90
N LYS D 76 -1.41 17.55 -36.19
CA LYS D 76 -2.29 18.45 -36.93
C LYS D 76 -2.64 17.85 -38.30
N ASP D 77 -3.16 16.63 -38.29
CA ASP D 77 -3.70 16.00 -39.48
C ASP D 77 -5.20 15.83 -39.31
N GLU D 78 -5.96 16.45 -40.21
CA GLU D 78 -7.42 16.39 -40.15
C GLU D 78 -7.89 15.09 -40.79
N TYR D 79 -8.60 14.28 -40.02
CA TYR D 79 -9.13 12.99 -40.47
C TYR D 79 -10.65 13.03 -40.42
N ALA D 80 -11.29 12.49 -41.46
CA ALA D 80 -12.73 12.58 -41.55
C ALA D 80 -13.29 11.41 -42.36
N CYS D 81 -14.61 11.31 -42.38
CA CYS D 81 -15.33 10.29 -43.12
C CYS D 81 -16.37 10.94 -44.01
N ARG D 82 -16.40 10.55 -45.27
CA ARG D 82 -17.40 11.00 -46.22
C ARG D 82 -18.35 9.86 -46.50
N VAL D 83 -19.62 10.05 -46.16
CA VAL D 83 -20.63 9.00 -46.25
C VAL D 83 -21.79 9.51 -47.09
N ASN D 84 -22.16 8.77 -48.13
CA ASN D 84 -23.25 9.14 -49.01
C ASN D 84 -24.24 7.99 -49.07
N HIS D 85 -25.52 8.33 -48.85
CA HIS D 85 -26.61 7.36 -48.81
C HIS D 85 -27.74 7.89 -49.69
N VAL D 86 -28.73 7.02 -49.95
CA VAL D 86 -29.89 7.45 -50.71
C VAL D 86 -30.82 8.37 -49.91
N THR D 87 -30.62 8.46 -48.60
CA THR D 87 -31.42 9.32 -47.75
C THR D 87 -30.77 10.66 -47.48
N LEU D 88 -29.56 10.89 -48.01
CA LEU D 88 -28.84 12.14 -47.81
C LEU D 88 -28.77 12.92 -49.11
N SER D 89 -28.93 14.24 -49.01
CA SER D 89 -28.86 15.09 -50.19
C SER D 89 -27.44 15.13 -50.75
N GLN D 90 -26.49 15.58 -49.95
CA GLN D 90 -25.07 15.65 -50.32
C GLN D 90 -24.26 14.74 -49.41
N PRO D 91 -23.09 14.28 -49.87
CA PRO D 91 -22.23 13.45 -49.01
C PRO D 91 -21.93 14.12 -47.69
N LYS D 92 -22.29 13.46 -46.59
CA LYS D 92 -22.08 14.00 -45.25
C LYS D 92 -20.65 13.73 -44.79
N ILE D 93 -19.99 14.75 -44.26
CA ILE D 93 -18.63 14.64 -43.77
C ILE D 93 -18.65 14.73 -42.26
N VAL D 94 -17.90 13.83 -41.61
CA VAL D 94 -17.85 13.73 -40.16
C VAL D 94 -16.40 13.79 -39.71
N LYS D 95 -16.10 14.70 -38.78
CA LYS D 95 -14.74 14.92 -38.31
C LYS D 95 -14.35 13.85 -37.28
N TRP D 96 -13.09 13.43 -37.33
CA TRP D 96 -12.56 12.53 -36.31
C TRP D 96 -12.10 13.35 -35.11
N ASP D 97 -12.71 13.10 -33.96
CA ASP D 97 -12.26 13.66 -32.70
C ASP D 97 -11.59 12.55 -31.90
N ARG D 98 -10.29 12.70 -31.64
CA ARG D 98 -9.55 11.68 -30.90
C ARG D 98 -10.13 11.45 -29.51
N ASP D 99 -10.85 12.42 -28.97
CA ASP D 99 -11.50 12.28 -27.68
C ASP D 99 -12.94 11.76 -27.79
N MET D 100 -13.32 11.27 -28.97
CA MET D 100 -14.67 10.76 -29.19
C MET D 100 -14.64 9.46 -29.99
N GLU E 1 -23.84 -25.14 -38.52
CA GLU E 1 -24.02 -25.11 -39.96
C GLU E 1 -25.35 -24.46 -40.35
N GLU E 2 -25.61 -24.42 -41.65
CA GLU E 2 -26.78 -23.76 -42.20
C GLU E 2 -27.89 -24.77 -42.47
N PHE E 3 -29.12 -24.36 -42.18
CA PHE E 3 -30.27 -25.20 -42.44
C PHE E 3 -30.45 -25.34 -43.95
N GLY E 4 -30.23 -26.53 -44.47
CA GLY E 4 -30.27 -26.79 -45.89
C GLY E 4 -31.64 -26.81 -46.55
N ARG E 5 -32.68 -26.31 -45.89
CA ARG E 5 -34.01 -26.28 -46.47
C ARG E 5 -34.57 -24.86 -46.39
N ALA E 6 -34.98 -24.32 -47.55
CA ALA E 6 -35.53 -22.99 -47.64
C ALA E 6 -36.99 -23.05 -48.07
N PHE E 7 -37.77 -22.08 -47.59
CA PHE E 7 -39.21 -22.07 -47.79
C PHE E 7 -39.57 -20.86 -48.65
N SER E 8 -40.14 -21.13 -49.82
CA SER E 8 -40.53 -20.06 -50.73
C SER E 8 -41.65 -19.20 -50.13
N PHE E 9 -41.70 -17.94 -50.55
CA PHE E 9 -42.73 -17.02 -50.09
C PHE E 9 -44.08 -17.35 -50.71
N VAL F 1 -3.66 40.30 49.76
CA VAL F 1 -5.06 39.99 49.52
C VAL F 1 -5.16 38.88 48.48
N GLN F 2 -4.13 38.79 47.64
CA GLN F 2 -4.02 37.79 46.59
C GLN F 2 -2.88 36.83 46.91
N LEU F 3 -2.70 35.84 46.03
CA LEU F 3 -1.73 34.77 46.22
C LEU F 3 -0.84 34.65 44.99
N GLU F 4 0.44 34.39 45.22
CA GLU F 4 1.45 34.32 44.17
C GLU F 4 1.97 32.90 44.07
N GLN F 5 1.88 32.31 42.89
CA GLN F 5 2.25 30.92 42.69
C GLN F 5 3.70 30.82 42.19
N SER F 6 4.10 29.59 41.86
CA SER F 6 5.44 29.32 41.37
C SER F 6 5.51 29.58 39.86
N GLY F 7 6.69 29.32 39.27
CA GLY F 7 6.87 29.47 37.85
C GLY F 7 6.62 28.19 37.07
N THR F 8 6.46 28.35 35.75
CA THR F 8 6.19 27.22 34.87
C THR F 8 7.32 26.20 34.94
N VAL F 9 6.96 24.95 35.20
CA VAL F 9 7.97 23.90 35.36
C VAL F 9 7.72 22.75 34.39
N LEU F 10 8.82 22.09 34.03
CA LEU F 10 8.84 20.97 33.12
C LEU F 10 9.72 19.89 33.74
N ALA F 11 9.34 18.63 33.54
CA ALA F 11 10.04 17.53 34.19
C ALA F 11 10.01 16.31 33.28
N ARG F 12 10.77 15.29 33.69
CA ARG F 12 10.85 14.03 32.99
C ARG F 12 9.86 13.03 33.58
N PRO F 13 9.44 12.03 32.79
CA PRO F 13 8.54 11.01 33.32
C PRO F 13 9.23 10.17 34.38
N GLY F 14 8.57 10.03 35.53
CA GLY F 14 9.10 9.28 36.65
C GLY F 14 9.73 10.11 37.74
N SER F 15 9.96 11.40 37.50
CA SER F 15 10.56 12.26 38.51
C SER F 15 9.48 12.82 39.43
N SER F 16 9.85 13.79 40.27
CA SER F 16 8.93 14.43 41.18
C SER F 16 9.22 15.93 41.20
N VAL F 17 8.18 16.74 41.39
CA VAL F 17 8.31 18.19 41.40
C VAL F 17 7.55 18.78 42.58
N LYS F 18 7.85 20.04 42.87
CA LYS F 18 7.31 20.77 44.01
C LYS F 18 6.98 22.19 43.58
N MET F 19 5.72 22.58 43.73
CA MET F 19 5.28 23.93 43.42
C MET F 19 4.92 24.67 44.71
N SER F 20 4.97 26.00 44.64
CA SER F 20 4.77 26.83 45.82
C SER F 20 3.54 27.72 45.65
N CYS F 21 3.14 28.35 46.76
CA CYS F 21 1.98 29.23 46.77
C CYS F 21 2.11 30.16 47.98
N LYS F 22 2.58 31.38 47.74
CA LYS F 22 2.79 32.39 48.77
C LYS F 22 1.51 33.19 48.95
N ALA F 23 1.01 33.25 50.18
CA ALA F 23 -0.22 33.95 50.47
C ALA F 23 0.07 35.24 51.24
N SER F 24 -0.76 36.25 50.98
CA SER F 24 -0.61 37.54 51.64
C SER F 24 -1.97 38.22 51.76
N GLY F 25 -2.05 39.15 52.70
CA GLY F 25 -3.25 39.95 52.91
C GLY F 25 -4.21 39.42 53.94
N TYR F 26 -4.09 38.15 54.32
CA TYR F 26 -4.98 37.56 55.31
C TYR F 26 -4.18 36.59 56.18
N SER F 27 -4.84 36.10 57.23
CA SER F 27 -4.23 35.12 58.12
C SER F 27 -4.06 33.80 57.39
N PHE F 28 -2.81 33.47 57.04
CA PHE F 28 -2.55 32.27 56.24
C PHE F 28 -2.87 31.00 57.01
N THR F 29 -2.59 30.99 58.31
CA THR F 29 -2.71 29.78 59.13
C THR F 29 -4.00 29.83 59.95
N SER F 30 -5.12 29.92 59.24
CA SER F 30 -6.43 29.95 59.89
C SER F 30 -7.52 29.56 58.91
N TYR F 31 -7.13 29.26 57.67
CA TYR F 31 -8.07 28.88 56.63
C TYR F 31 -7.46 27.73 55.83
N TRP F 32 -8.31 27.07 55.03
CA TRP F 32 -7.90 25.87 54.32
C TRP F 32 -7.51 26.24 52.90
N MET F 33 -6.26 25.94 52.54
CA MET F 33 -5.75 26.14 51.19
C MET F 33 -6.09 24.91 50.35
N HIS F 34 -6.81 25.13 49.25
CA HIS F 34 -7.23 24.05 48.36
C HIS F 34 -6.38 24.08 47.09
N TRP F 35 -6.02 22.89 46.62
CA TRP F 35 -5.23 22.71 45.41
C TRP F 35 -6.08 21.95 44.40
N VAL F 36 -6.18 22.52 43.20
CA VAL F 36 -7.06 22.03 42.14
C VAL F 36 -6.27 21.91 40.85
N LYS F 37 -6.58 20.89 40.04
CA LYS F 37 -5.88 20.64 38.79
C LYS F 37 -6.81 20.87 37.59
N GLN F 38 -6.27 21.51 36.54
CA GLN F 38 -6.97 21.74 35.29
C GLN F 38 -6.19 21.10 34.16
N ARG F 39 -6.83 20.16 33.49
CA ARG F 39 -6.25 19.53 32.31
C ARG F 39 -7.02 19.97 31.07
N PRO F 40 -6.31 20.27 29.96
CA PRO F 40 -7.01 20.77 28.77
C PRO F 40 -8.18 19.92 28.31
N GLY F 41 -8.09 18.60 28.42
CA GLY F 41 -9.17 17.75 27.96
C GLY F 41 -10.25 17.59 29.02
N GLN F 42 -9.83 17.47 30.28
CA GLN F 42 -10.76 17.30 31.37
C GLN F 42 -11.27 18.66 31.83
N GLY F 43 -11.85 18.72 33.02
CA GLY F 43 -12.32 19.98 33.54
C GLY F 43 -11.51 20.42 34.74
N LEU F 44 -12.15 21.09 35.68
CA LEU F 44 -11.51 21.49 36.93
C LEU F 44 -11.77 20.38 37.95
N GLU F 45 -10.71 19.91 38.60
CA GLU F 45 -10.85 18.80 39.53
C GLU F 45 -10.04 19.06 40.79
N TRP F 46 -10.66 18.76 41.94
CA TRP F 46 -10.06 19.01 43.24
C TRP F 46 -8.97 17.99 43.54
N ILE F 47 -7.83 18.47 44.02
CA ILE F 47 -6.74 17.58 44.42
C ILE F 47 -6.80 17.43 45.93
N GLY F 48 -6.59 18.53 46.65
CA GLY F 48 -6.47 18.38 48.09
C GLY F 48 -6.69 19.68 48.83
N ALA F 49 -6.51 19.60 50.14
CA ALA F 49 -6.67 20.76 51.00
C ALA F 49 -5.76 20.62 52.22
N ILE F 50 -5.27 21.75 52.70
CA ILE F 50 -4.33 21.75 53.82
C ILE F 50 -4.64 22.92 54.75
N TYR F 51 -4.54 22.66 56.04
CA TYR F 51 -4.64 23.69 57.08
C TYR F 51 -3.24 23.92 57.62
N PRO F 52 -2.62 25.06 57.31
CA PRO F 52 -1.21 25.28 57.71
C PRO F 52 -1.02 25.63 59.17
N GLY F 53 -2.09 25.88 59.94
CA GLY F 53 -1.93 26.11 61.36
C GLY F 53 -1.31 24.95 62.10
N ASN F 54 -1.35 23.76 61.50
CA ASN F 54 -0.70 22.57 62.04
C ASN F 54 -0.44 21.59 60.90
N SER F 55 -0.70 22.03 59.67
CA SER F 55 -0.40 21.26 58.46
C SER F 55 -1.20 19.96 58.43
N ASP F 56 -2.52 20.08 58.63
CA ASP F 56 -3.41 18.93 58.48
C ASP F 56 -3.92 18.89 57.05
N ALA F 57 -3.76 17.76 56.38
CA ALA F 57 -4.04 17.67 54.96
C ALA F 57 -5.04 16.57 54.66
N THR F 58 -6.03 16.89 53.83
CA THR F 58 -6.94 15.91 53.27
C THR F 58 -6.73 15.85 51.76
N TYR F 59 -6.92 14.67 51.18
CA TYR F 59 -6.64 14.43 49.78
C TYR F 59 -7.82 13.70 49.15
N ASN F 60 -7.83 13.70 47.82
CA ASN F 60 -8.77 12.92 47.05
C ASN F 60 -8.21 11.51 46.89
N GLN F 61 -9.11 10.51 46.95
CA GLN F 61 -8.69 9.13 46.83
C GLN F 61 -7.97 8.86 45.50
N LYS F 62 -8.22 9.69 44.48
CA LYS F 62 -7.52 9.55 43.22
C LYS F 62 -6.07 10.05 43.32
N PHE F 63 -5.80 10.97 44.24
CA PHE F 63 -4.48 11.56 44.41
C PHE F 63 -3.75 11.07 45.64
N LYS F 64 -4.31 10.11 46.39
CA LYS F 64 -3.64 9.58 47.57
C LYS F 64 -2.33 8.91 47.17
N GLY F 65 -1.23 9.36 47.78
CA GLY F 65 0.09 8.86 47.49
C GLY F 65 0.81 9.58 46.36
N LYS F 66 0.07 10.20 45.44
CA LYS F 66 0.70 10.97 44.37
C LYS F 66 1.03 12.38 44.82
N ALA F 67 0.06 13.07 45.42
CA ALA F 67 0.24 14.44 45.83
C ALA F 67 0.51 14.52 47.33
N LYS F 68 1.30 15.52 47.71
CA LYS F 68 1.62 15.75 49.11
C LYS F 68 1.61 17.25 49.36
N LEU F 69 0.77 17.71 50.29
CA LEU F 69 0.64 19.13 50.59
C LEU F 69 1.47 19.44 51.83
N THR F 70 2.39 20.38 51.69
CA THR F 70 3.21 20.85 52.80
C THR F 70 3.01 22.35 52.97
N ALA F 71 3.43 22.87 54.12
CA ALA F 71 3.27 24.30 54.38
C ALA F 71 4.36 24.78 55.31
N VAL F 72 4.87 25.98 55.03
CA VAL F 72 5.82 26.66 55.91
C VAL F 72 5.13 27.92 56.41
N THR F 73 4.94 28.00 57.73
CA THR F 73 4.19 29.09 58.32
C THR F 73 5.01 30.37 58.46
N SER F 74 6.31 30.24 58.70
CA SER F 74 7.14 31.44 58.86
C SER F 74 7.23 32.24 57.57
N ALA F 75 7.26 31.57 56.42
CA ALA F 75 7.28 32.23 55.13
C ALA F 75 5.89 32.39 54.52
N ASN F 76 4.85 31.93 55.21
CA ASN F 76 3.47 31.99 54.72
C ASN F 76 3.36 31.40 53.31
N THR F 77 3.86 30.16 53.17
CA THR F 77 3.93 29.51 51.88
C THR F 77 3.34 28.12 51.97
N ALA F 78 2.68 27.70 50.89
CA ALA F 78 2.09 26.37 50.79
C ALA F 78 2.67 25.68 49.56
N TYR F 79 3.30 24.53 49.76
CA TYR F 79 3.91 23.75 48.69
C TYR F 79 3.09 22.50 48.41
N MET F 80 3.25 21.99 47.20
CA MET F 80 2.56 20.80 46.73
C MET F 80 3.52 19.96 45.89
N GLU F 81 3.68 18.71 46.26
CA GLU F 81 4.63 17.79 45.65
C GLU F 81 3.89 16.71 44.86
N LEU F 82 4.41 16.41 43.68
CA LEU F 82 3.90 15.33 42.84
C LEU F 82 5.03 14.36 42.54
N SER F 83 4.74 13.06 42.67
CA SER F 83 5.72 12.01 42.47
C SER F 83 5.28 11.09 41.34
N SER F 84 6.26 10.37 40.78
CA SER F 84 6.05 9.43 39.69
C SER F 84 5.25 10.07 38.55
N LEU F 85 5.81 11.16 38.02
CA LEU F 85 5.09 11.97 37.07
C LEU F 85 4.92 11.26 35.72
N THR F 86 3.71 11.36 35.17
CA THR F 86 3.39 10.85 33.85
C THR F 86 2.78 11.98 33.01
N ASN F 87 2.58 11.70 31.73
CA ASN F 87 2.01 12.71 30.84
C ASN F 87 0.59 13.10 31.26
N GLU F 88 -0.08 12.28 32.06
CA GLU F 88 -1.39 12.64 32.58
C GLU F 88 -1.32 13.72 33.65
N ASP F 89 -0.12 14.01 34.16
CA ASP F 89 0.08 15.09 35.13
C ASP F 89 0.37 16.43 34.45
N SER F 90 0.58 16.44 33.14
CA SER F 90 0.77 17.68 32.40
C SER F 90 -0.48 18.53 32.50
N ALA F 91 -0.44 19.60 33.29
CA ALA F 91 -1.67 20.32 33.63
C ALA F 91 -1.32 21.64 34.30
N VAL F 92 -2.36 22.41 34.63
CA VAL F 92 -2.23 23.70 35.29
C VAL F 92 -2.81 23.56 36.69
N TYR F 93 -2.00 23.84 37.71
CA TYR F 93 -2.38 23.63 39.10
C TYR F 93 -2.58 24.96 39.81
N TYR F 94 -3.74 25.09 40.46
CA TYR F 94 -4.13 26.32 41.16
C TYR F 94 -4.19 26.08 42.66
N CYS F 95 -3.81 27.10 43.41
CA CYS F 95 -3.98 27.15 44.86
C CYS F 95 -4.95 28.28 45.20
N THR F 96 -5.87 28.01 46.14
CA THR F 96 -6.86 28.99 46.55
C THR F 96 -7.00 28.95 48.06
N ASN F 97 -7.46 30.07 48.64
CA ASN F 97 -7.76 30.13 50.06
C ASN F 97 -9.28 29.96 50.21
N TYR F 98 -9.68 28.76 50.64
CA TYR F 98 -11.08 28.34 50.73
C TYR F 98 -11.91 28.83 49.55
N PHE F 99 -11.31 28.78 48.35
CA PHE F 99 -11.98 29.21 47.10
C PHE F 99 -12.41 30.67 47.16
N ASP F 100 -11.63 31.50 47.85
CA ASP F 100 -11.84 32.95 47.84
C ASP F 100 -11.10 33.60 46.68
N GLN F 101 -9.77 33.54 46.73
CA GLN F 101 -8.92 34.17 45.74
C GLN F 101 -7.94 33.13 45.23
N TRP F 102 -7.81 33.03 43.92
CA TRP F 102 -6.94 32.04 43.30
C TRP F 102 -5.63 32.69 42.90
N GLY F 103 -4.63 31.86 42.63
CA GLY F 103 -3.37 32.32 42.10
C GLY F 103 -3.27 31.94 40.63
N GLN F 104 -2.26 32.52 39.97
CA GLN F 104 -2.02 32.16 38.58
C GLN F 104 -1.59 30.71 38.51
N GLY F 105 -2.24 29.94 37.65
CA GLY F 105 -1.96 28.53 37.55
C GLY F 105 -0.53 28.21 37.22
N THR F 106 0.08 27.29 37.95
CA THR F 106 1.43 26.83 37.62
C THR F 106 1.32 25.72 36.59
N THR F 107 2.03 25.88 35.48
CA THR F 107 1.97 24.91 34.40
C THR F 107 3.05 23.86 34.58
N LEU F 108 2.67 22.60 34.37
CA LEU F 108 3.55 21.46 34.53
C LEU F 108 3.52 20.64 33.26
N THR F 109 4.67 20.45 32.64
CA THR F 109 4.76 19.61 31.45
C THR F 109 5.72 18.44 31.72
N VAL F 110 5.22 17.23 31.54
CA VAL F 110 5.99 16.01 31.76
C VAL F 110 6.27 15.38 30.40
N SER F 111 7.54 15.45 29.97
CA SER F 111 7.93 14.89 28.68
C SER F 111 9.39 14.45 28.75
N SER F 112 9.68 13.33 28.06
CA SER F 112 11.03 12.81 27.95
C SER F 112 11.74 13.28 26.67
N ALA F 113 11.31 14.39 26.08
CA ALA F 113 11.90 14.89 24.84
C ALA F 113 12.97 15.92 25.13
N LYS F 114 13.94 16.00 24.21
CA LYS F 114 15.04 16.95 24.33
C LYS F 114 14.72 18.22 23.53
N THR F 115 15.51 19.27 23.80
CA THR F 115 15.36 20.53 23.07
C THR F 115 15.68 20.33 21.60
N THR F 116 14.69 20.51 20.74
CA THR F 116 14.83 20.26 19.32
C THR F 116 14.50 21.52 18.53
N ALA F 117 15.33 21.82 17.53
CA ALA F 117 15.12 22.96 16.66
C ALA F 117 14.06 22.65 15.61
N PRO F 118 13.20 23.62 15.28
CA PRO F 118 12.11 23.36 14.32
C PRO F 118 12.57 23.22 12.88
N SER F 119 11.60 22.90 12.01
CA SER F 119 11.77 22.90 10.57
C SER F 119 10.68 23.81 10.00
N VAL F 120 11.08 24.90 9.36
CA VAL F 120 10.15 25.88 8.81
C VAL F 120 9.96 25.62 7.33
N TYR F 121 8.72 25.61 6.86
CA TYR F 121 8.40 25.37 5.47
C TYR F 121 7.34 26.35 4.97
N PRO F 122 7.56 26.92 3.78
CA PRO F 122 6.55 27.81 3.20
C PRO F 122 5.36 27.03 2.66
N LEU F 123 4.25 27.74 2.50
CA LEU F 123 3.00 27.13 2.02
C LEU F 123 2.42 28.09 0.98
N ALA F 124 2.57 27.73 -0.28
CA ALA F 124 2.10 28.52 -1.42
C ALA F 124 0.97 27.80 -2.14
N PRO F 125 0.12 28.53 -2.87
CA PRO F 125 -0.97 27.89 -3.61
C PRO F 125 -0.47 26.95 -4.70
N VAL F 126 -1.42 26.23 -5.28
CA VAL F 126 -1.12 25.14 -6.21
C VAL F 126 -0.76 25.69 -7.58
N CYS F 127 0.36 25.20 -8.13
CA CYS F 127 0.78 25.45 -9.52
C CYS F 127 0.73 26.92 -9.91
N GLY F 128 1.09 27.78 -8.95
CA GLY F 128 1.11 29.22 -9.18
C GLY F 128 -0.20 29.78 -9.70
N ASP F 129 -1.29 29.44 -9.01
CA ASP F 129 -2.64 29.88 -9.39
C ASP F 129 -2.97 31.12 -8.57
N THR F 130 -3.00 32.28 -9.24
CA THR F 130 -3.37 33.52 -8.58
C THR F 130 -4.78 33.97 -8.93
N THR F 131 -5.54 33.15 -9.65
CA THR F 131 -6.93 33.47 -9.96
C THR F 131 -7.74 33.42 -8.66
N GLY F 132 -8.34 34.53 -8.29
CA GLY F 132 -9.06 34.61 -7.03
C GLY F 132 -8.99 36.02 -6.47
N SER F 133 -10.05 36.42 -5.77
CA SER F 133 -10.10 37.74 -5.17
C SER F 133 -9.00 37.94 -4.14
N SER F 134 -8.61 36.88 -3.44
CA SER F 134 -7.60 36.97 -2.40
C SER F 134 -6.75 35.71 -2.42
N VAL F 135 -5.48 35.86 -2.03
CA VAL F 135 -4.54 34.75 -1.97
C VAL F 135 -4.21 34.45 -0.52
N THR F 136 -4.18 33.16 -0.18
CA THR F 136 -3.88 32.69 1.16
C THR F 136 -2.60 31.86 1.13
N LEU F 137 -1.65 32.20 2.00
CA LEU F 137 -0.39 31.47 2.10
C LEU F 137 -0.08 31.21 3.57
N GLY F 138 0.88 30.33 3.82
CA GLY F 138 1.11 29.84 5.17
C GLY F 138 2.56 29.56 5.49
N CYS F 139 2.83 29.44 6.79
CA CYS F 139 4.15 29.09 7.31
C CYS F 139 3.98 27.94 8.29
N LEU F 140 4.71 26.84 8.07
CA LEU F 140 4.55 25.62 8.86
C LEU F 140 5.82 25.36 9.66
N VAL F 141 5.70 25.29 10.98
CA VAL F 141 6.80 25.06 11.90
C VAL F 141 6.61 23.66 12.48
N LYS F 142 7.35 22.68 11.97
CA LYS F 142 7.21 21.28 12.36
C LYS F 142 8.36 20.85 13.26
N GLY F 143 8.09 19.89 14.14
CA GLY F 143 9.15 19.23 14.88
C GLY F 143 10.02 20.12 15.75
N TYR F 144 9.44 20.71 16.79
CA TYR F 144 10.22 21.55 17.69
C TYR F 144 9.87 21.23 19.14
N PHE F 145 10.80 21.58 20.03
CA PHE F 145 10.67 21.41 21.48
C PHE F 145 11.83 22.16 22.14
N PRO F 146 11.61 22.82 23.28
CA PRO F 146 10.35 22.99 24.02
C PRO F 146 9.40 24.01 23.43
N GLU F 147 8.96 24.93 24.28
CA GLU F 147 7.94 25.92 23.96
C GLU F 147 8.18 27.15 24.82
N PRO F 148 7.76 28.34 24.37
CA PRO F 148 7.00 28.62 23.13
C PRO F 148 7.89 28.82 21.90
N VAL F 149 7.24 29.06 20.77
CA VAL F 149 7.91 29.51 19.55
C VAL F 149 7.20 30.77 19.08
N THR F 150 7.98 31.77 18.67
CA THR F 150 7.40 33.03 18.20
C THR F 150 7.43 33.05 16.68
N LEU F 151 6.33 33.47 16.07
CA LEU F 151 6.26 33.53 14.61
C LEU F 151 5.62 34.86 14.23
N THR F 152 6.34 35.66 13.45
CA THR F 152 5.81 36.91 12.93
C THR F 152 5.86 36.87 11.40
N TRP F 153 5.25 37.87 10.79
CA TRP F 153 5.17 37.98 9.33
C TRP F 153 5.83 39.26 8.87
N ASN F 154 6.69 39.16 7.87
CA ASN F 154 7.41 40.28 7.26
C ASN F 154 8.05 41.17 8.32
N SER F 155 8.84 40.54 9.20
CA SER F 155 9.56 41.23 10.26
C SER F 155 8.62 42.03 11.17
N GLY F 156 7.39 41.56 11.30
CA GLY F 156 6.42 42.19 12.19
C GLY F 156 5.58 43.27 11.56
N SER F 157 5.63 43.44 10.24
CA SER F 157 4.84 44.49 9.59
C SER F 157 3.42 44.01 9.28
N LEU F 158 3.29 42.90 8.57
CA LEU F 158 1.99 42.35 8.24
C LEU F 158 1.30 41.82 9.50
N SER F 159 0.08 42.29 9.76
CA SER F 159 -0.64 41.92 10.98
C SER F 159 -2.11 41.58 10.77
N SER F 160 -2.72 41.95 9.66
CA SER F 160 -4.10 41.60 9.38
C SER F 160 -4.16 40.33 8.53
N GLY F 161 -5.26 39.60 8.66
CA GLY F 161 -5.37 38.31 8.00
C GLY F 161 -4.44 37.25 8.53
N VAL F 162 -3.91 37.44 9.74
CA VAL F 162 -2.91 36.55 10.32
C VAL F 162 -3.60 35.68 11.37
N HIS F 163 -3.53 34.37 11.18
CA HIS F 163 -4.03 33.39 12.13
C HIS F 163 -2.88 32.48 12.54
N THR F 164 -2.74 32.23 13.83
CA THR F 164 -1.74 31.31 14.35
C THR F 164 -2.46 30.18 15.07
N PHE F 165 -2.36 28.96 14.53
CA PHE F 165 -3.05 27.85 15.16
C PHE F 165 -2.27 27.34 16.36
N PRO F 166 -2.94 26.95 17.44
CA PRO F 166 -2.22 26.45 18.62
C PRO F 166 -1.40 25.21 18.27
N ALA F 167 -0.25 25.08 18.93
CA ALA F 167 0.67 23.99 18.64
C ALA F 167 0.05 22.65 19.02
N VAL F 168 0.14 21.69 18.10
CA VAL F 168 -0.37 20.34 18.34
C VAL F 168 0.82 19.41 18.51
N LEU F 169 0.80 18.64 19.59
CA LEU F 169 1.91 17.74 19.91
C LEU F 169 1.73 16.42 19.18
N GLN F 170 2.71 16.06 18.34
CA GLN F 170 2.73 14.79 17.63
C GLN F 170 4.04 14.09 17.94
N SER F 171 4.01 13.15 18.89
CA SER F 171 5.17 12.33 19.22
C SER F 171 6.34 13.19 19.71
N ASP F 172 6.27 13.63 20.97
CA ASP F 172 7.36 14.32 21.66
C ASP F 172 7.58 15.75 21.16
N LEU F 173 7.38 15.97 19.86
CA LEU F 173 7.62 17.25 19.22
C LEU F 173 6.30 17.91 18.81
N TYR F 174 6.29 19.24 18.82
CA TYR F 174 5.11 20.00 18.44
C TYR F 174 5.11 20.33 16.96
N THR F 175 3.95 20.76 16.48
CA THR F 175 3.77 21.25 15.11
C THR F 175 2.77 22.38 15.15
N LEU F 176 3.18 23.54 14.63
CA LEU F 176 2.37 24.74 14.61
C LEU F 176 2.31 25.26 13.18
N SER F 177 1.25 26.01 12.87
CA SER F 177 1.10 26.59 11.55
C SER F 177 0.47 27.97 11.68
N SER F 178 0.80 28.83 10.71
CA SER F 178 0.23 30.17 10.63
C SER F 178 -0.19 30.46 9.21
N SER F 179 -1.18 31.32 9.07
CA SER F 179 -1.78 31.63 7.77
C SER F 179 -1.98 33.12 7.63
N VAL F 180 -1.54 33.67 6.50
CA VAL F 180 -1.83 35.05 6.14
C VAL F 180 -2.66 35.04 4.86
N THR F 181 -3.60 35.98 4.77
CA THR F 181 -4.49 36.09 3.62
C THR F 181 -4.47 37.54 3.14
N VAL F 182 -3.92 37.76 1.94
CA VAL F 182 -3.87 39.12 1.40
C VAL F 182 -4.65 39.16 0.10
N THR F 183 -4.61 40.29 -0.59
CA THR F 183 -5.38 40.47 -1.81
C THR F 183 -4.53 40.21 -3.05
N SER F 184 -5.18 39.67 -4.08
CA SER F 184 -4.55 39.34 -5.35
C SER F 184 -3.89 40.56 -6.01
N SER F 185 -2.88 41.13 -5.37
CA SER F 185 -2.11 42.22 -5.94
C SER F 185 -0.81 42.35 -5.14
N THR F 186 -0.80 41.78 -3.94
CA THR F 186 0.37 41.78 -3.09
C THR F 186 1.27 40.59 -3.39
N TRP F 187 0.69 39.44 -3.69
CA TRP F 187 1.45 38.23 -3.94
C TRP F 187 1.07 37.65 -5.30
N PRO F 188 2.04 37.16 -6.08
CA PRO F 188 3.49 37.13 -5.81
C PRO F 188 4.20 38.44 -6.08
N SER F 189 3.46 39.55 -6.24
CA SER F 189 4.08 40.81 -6.62
C SER F 189 5.03 41.33 -5.54
N GLN F 190 4.62 41.25 -4.27
CA GLN F 190 5.45 41.66 -3.16
C GLN F 190 6.02 40.44 -2.45
N SER F 191 7.23 40.59 -1.93
CA SER F 191 7.90 39.51 -1.23
C SER F 191 7.34 39.37 0.18
N ILE F 192 6.70 38.23 0.45
CA ILE F 192 6.13 37.93 1.76
C ILE F 192 7.03 36.92 2.47
N THR F 193 7.25 37.15 3.76
CA THR F 193 8.20 36.36 4.53
C THR F 193 7.66 36.16 5.94
N CYS F 194 7.88 34.96 6.48
CA CYS F 194 7.56 34.67 7.88
C CYS F 194 8.85 34.38 8.62
N ASN F 195 9.02 34.99 9.79
CA ASN F 195 10.19 34.70 10.62
C ASN F 195 9.75 33.92 11.85
N VAL F 196 10.49 32.87 12.16
CA VAL F 196 10.20 31.97 13.26
C VAL F 196 11.42 31.95 14.18
N ALA F 197 11.18 32.06 15.48
CA ALA F 197 12.23 32.10 16.48
C ALA F 197 11.89 31.11 17.58
N HIS F 198 12.79 30.16 17.79
CA HIS F 198 12.73 29.17 18.87
C HIS F 198 13.89 29.48 19.81
N PRO F 199 13.67 30.22 20.90
CA PRO F 199 14.80 30.64 21.74
C PRO F 199 15.47 29.50 22.48
N ALA F 200 14.75 28.44 22.82
CA ALA F 200 15.35 27.36 23.59
C ALA F 200 16.39 26.58 22.77
N SER F 201 16.17 26.46 21.47
CA SER F 201 17.14 25.85 20.58
C SER F 201 18.00 26.88 19.86
N SER F 202 17.81 28.17 20.15
CA SER F 202 18.58 29.26 19.54
C SER F 202 18.44 29.25 18.02
N THR F 203 17.20 29.19 17.55
CA THR F 203 16.93 29.08 16.13
C THR F 203 16.16 30.31 15.65
N LYS F 204 16.68 30.96 14.60
CA LYS F 204 16.03 32.09 13.94
C LYS F 204 16.02 31.81 12.46
N VAL F 205 14.83 31.68 11.87
CA VAL F 205 14.68 31.36 10.46
C VAL F 205 13.79 32.40 9.79
N ASP F 206 14.21 32.87 8.62
CA ASP F 206 13.45 33.81 7.81
C ASP F 206 13.11 33.12 6.49
N LYS F 207 11.85 32.80 6.28
CA LYS F 207 11.41 32.06 5.11
C LYS F 207 10.64 32.98 4.19
N LYS F 208 10.89 32.85 2.88
CA LYS F 208 10.23 33.67 1.87
C LYS F 208 9.29 32.78 1.06
N ILE F 209 8.05 33.22 0.88
CA ILE F 209 7.04 32.41 0.21
C ILE F 209 6.95 32.84 -1.25
N GLU F 210 7.44 31.99 -2.14
CA GLU F 210 7.36 32.15 -3.59
C GLU F 210 6.73 30.91 -4.18
N PRO F 211 6.00 31.03 -5.29
CA PRO F 211 5.33 29.85 -5.86
C PRO F 211 6.27 28.96 -6.65
N ALA F 212 5.96 27.66 -6.61
CA ALA F 212 6.68 26.65 -7.38
C ALA F 212 5.70 25.85 -8.24
N ALA F 213 6.15 24.73 -8.78
CA ALA F 213 5.26 23.81 -9.51
C ALA F 213 5.93 22.45 -9.71
N THR G 1 -23.71 15.11 45.15
CA THR G 1 -22.45 14.37 45.14
C THR G 1 -21.82 14.35 43.75
N THR G 2 -22.66 14.43 42.72
CA THR G 2 -22.19 14.57 41.34
C THR G 2 -22.95 15.71 40.69
N VAL G 3 -22.21 16.71 40.18
CA VAL G 3 -22.81 17.87 39.53
C VAL G 3 -22.52 17.81 38.03
N THR G 4 -23.56 17.98 37.24
CA THR G 4 -23.51 18.06 35.78
C THR G 4 -23.88 19.49 35.39
N GLN G 5 -22.99 20.16 34.68
CA GLN G 5 -23.22 21.54 34.24
C GLN G 5 -23.64 21.57 32.78
N THR G 6 -24.62 22.42 32.48
CA THR G 6 -25.14 22.60 31.13
C THR G 6 -25.43 24.07 30.89
N PRO G 7 -25.28 24.54 29.63
CA PRO G 7 -24.79 23.81 28.45
C PRO G 7 -23.27 23.71 28.44
N SER G 8 -22.69 22.81 27.64
CA SER G 8 -21.23 22.73 27.54
C SER G 8 -20.66 24.00 26.91
N SER G 9 -21.28 24.48 25.84
CA SER G 9 -20.86 25.71 25.19
C SER G 9 -22.09 26.38 24.60
N MET G 10 -21.95 27.67 24.29
CA MET G 10 -23.08 28.43 23.77
C MET G 10 -22.61 29.72 23.14
N TYR G 11 -23.45 30.26 22.26
CA TYR G 11 -23.21 31.55 21.60
C TYR G 11 -24.27 32.55 22.06
N ALA G 12 -23.82 33.75 22.45
CA ALA G 12 -24.72 34.77 22.95
C ALA G 12 -24.33 36.14 22.39
N SER G 13 -25.34 36.97 22.18
CA SER G 13 -25.14 38.32 21.68
C SER G 13 -24.92 39.30 22.84
N LEU G 14 -24.46 40.49 22.49
CA LEU G 14 -24.22 41.52 23.50
C LEU G 14 -25.52 41.99 24.12
N GLY G 15 -25.50 42.20 25.43
CA GLY G 15 -26.64 42.69 26.17
C GLY G 15 -27.68 41.65 26.55
N GLU G 16 -27.70 40.49 25.90
CA GLU G 16 -28.69 39.47 26.22
C GLU G 16 -28.44 38.89 27.61
N ARG G 17 -29.50 38.36 28.21
CA ARG G 17 -29.39 37.65 29.47
C ARG G 17 -29.15 36.18 29.23
N VAL G 18 -28.20 35.60 29.96
CA VAL G 18 -27.76 34.22 29.73
C VAL G 18 -27.74 33.48 31.06
N THR G 19 -28.34 32.29 31.09
CA THR G 19 -28.43 31.46 32.28
C THR G 19 -27.69 30.15 32.09
N ILE G 20 -26.82 29.81 33.04
CA ILE G 20 -26.05 28.59 33.05
C ILE G 20 -26.54 27.74 34.22
N THR G 21 -26.92 26.49 33.94
CA THR G 21 -27.54 25.64 34.95
C THR G 21 -26.56 24.55 35.38
N CYS G 22 -26.55 24.27 36.67
CA CYS G 22 -25.74 23.19 37.23
C CYS G 22 -26.66 22.34 38.10
N LYS G 23 -26.83 21.06 37.72
CA LYS G 23 -27.75 20.17 38.40
C LYS G 23 -26.97 19.08 39.12
N ALA G 24 -27.33 18.80 40.36
CA ALA G 24 -26.63 17.79 41.15
C ALA G 24 -27.42 16.49 41.13
N SER G 25 -26.72 15.40 41.43
CA SER G 25 -27.35 14.09 41.52
C SER G 25 -28.12 13.92 42.83
N GLN G 26 -27.90 14.82 43.79
CA GLN G 26 -28.58 14.77 45.07
C GLN G 26 -28.58 16.17 45.67
N ASP G 27 -29.46 16.40 46.63
CA ASP G 27 -29.55 17.70 47.27
C ASP G 27 -28.24 18.03 47.95
N ILE G 28 -27.61 19.10 47.51
CA ILE G 28 -26.34 19.53 48.10
C ILE G 28 -26.54 20.67 49.09
N ASN G 29 -27.77 20.93 49.51
CA ASN G 29 -28.05 21.91 50.55
C ASN G 29 -27.46 23.29 50.24
N SER G 30 -27.57 23.69 48.97
CA SER G 30 -27.19 25.05 48.55
C SER G 30 -25.70 25.33 48.68
N TYR G 31 -24.88 24.28 48.82
CA TYR G 31 -23.43 24.43 48.98
C TYR G 31 -22.80 24.43 47.58
N LEU G 32 -22.88 25.55 46.86
CA LEU G 32 -22.34 25.60 45.47
C LEU G 32 -21.73 26.96 45.19
N ASN G 33 -20.53 26.99 44.58
CA ASN G 33 -19.84 28.20 44.17
C ASN G 33 -19.67 28.24 42.64
N TRP G 34 -19.68 29.46 42.10
CA TRP G 34 -19.50 29.70 40.68
C TRP G 34 -18.21 30.48 40.45
N PHE G 35 -17.40 30.01 39.48
CA PHE G 35 -16.09 30.58 39.17
C PHE G 35 -15.99 30.93 37.69
N GLN G 36 -15.29 32.01 37.40
CA GLN G 36 -15.01 32.47 36.04
C GLN G 36 -13.56 32.18 35.67
N LEU G 37 -13.34 31.86 34.39
CA LEU G 37 -12.00 31.57 33.87
C LEU G 37 -11.89 32.27 32.52
N LYS G 38 -11.11 33.34 32.48
CA LYS G 38 -10.76 34.05 31.26
C LYS G 38 -9.32 33.76 30.90
N PRO G 39 -9.04 33.44 29.63
CA PRO G 39 -7.70 32.97 29.23
C PRO G 39 -6.54 33.80 29.76
N GLY G 40 -5.71 33.20 30.61
CA GLY G 40 -4.53 33.82 31.15
C GLY G 40 -4.71 34.42 32.54
N LYS G 41 -5.91 34.91 32.85
CA LYS G 41 -6.16 35.50 34.15
C LYS G 41 -6.41 34.42 35.19
N SER G 42 -5.95 34.66 36.42
CA SER G 42 -6.22 33.74 37.51
C SER G 42 -7.73 33.66 37.74
N PRO G 43 -8.30 32.45 37.86
CA PRO G 43 -9.74 32.32 38.05
C PRO G 43 -10.29 33.22 39.15
N LYS G 44 -11.49 33.76 38.89
CA LYS G 44 -12.16 34.71 39.78
C LYS G 44 -13.40 34.04 40.36
N THR G 45 -13.48 34.02 41.68
CA THR G 45 -14.67 33.53 42.37
C THR G 45 -15.80 34.53 42.17
N LEU G 46 -16.83 34.12 41.42
CA LEU G 46 -17.94 35.01 41.15
C LEU G 46 -19.04 34.91 42.19
N ILE G 47 -19.48 33.70 42.51
CA ILE G 47 -20.62 33.50 43.39
C ILE G 47 -20.26 32.45 44.43
N TYR G 48 -20.67 32.68 45.67
CA TYR G 48 -20.53 31.68 46.74
C TYR G 48 -21.87 31.52 47.43
N ARG G 49 -22.04 30.37 48.09
CA ARG G 49 -23.32 29.97 48.69
C ARG G 49 -24.45 29.95 47.67
N ALA G 50 -24.13 29.65 46.41
CA ALA G 50 -25.12 29.50 45.35
C ALA G 50 -25.84 30.80 45.01
N ASN G 51 -25.88 31.76 45.95
CA ASN G 51 -26.66 32.97 45.73
C ASN G 51 -26.08 34.20 46.45
N ARG G 52 -24.78 34.21 46.73
CA ARG G 52 -24.14 35.37 47.33
C ARG G 52 -23.09 35.91 46.35
N LEU G 53 -23.24 37.17 45.98
CA LEU G 53 -22.30 37.81 45.08
C LEU G 53 -21.06 38.26 45.83
N VAL G 54 -19.89 37.86 45.34
CA VAL G 54 -18.63 38.27 45.94
C VAL G 54 -18.50 39.78 45.88
N ASP G 55 -17.98 40.37 46.96
CA ASP G 55 -17.79 41.83 47.00
C ASP G 55 -16.99 42.28 45.79
N GLY G 56 -17.47 43.34 45.15
CA GLY G 56 -17.01 43.65 43.81
C GLY G 56 -17.95 42.91 42.89
N VAL G 57 -17.51 42.55 41.69
CA VAL G 57 -18.27 41.79 40.70
C VAL G 57 -19.51 42.55 40.24
N PRO G 58 -19.76 42.62 38.93
CA PRO G 58 -20.93 43.35 38.43
C PRO G 58 -22.25 42.80 38.95
N SER G 59 -23.17 43.71 39.26
CA SER G 59 -24.51 43.31 39.68
C SER G 59 -25.24 42.53 38.59
N ARG G 60 -24.74 42.60 37.36
CA ARG G 60 -25.24 41.79 36.27
C ARG G 60 -25.20 40.31 36.59
N PHE G 61 -24.39 39.90 37.56
CA PHE G 61 -24.28 38.51 37.97
C PHE G 61 -25.27 38.21 39.08
N SER G 62 -25.94 37.07 38.98
CA SER G 62 -26.91 36.67 39.99
C SER G 62 -26.89 35.16 40.13
N GLY G 63 -26.99 34.68 41.36
CA GLY G 63 -27.00 33.25 41.64
C GLY G 63 -28.32 32.81 42.24
N SER G 64 -28.80 31.66 41.79
CA SER G 64 -30.07 31.17 42.31
C SER G 64 -30.06 29.66 42.30
N GLY G 65 -31.09 29.08 42.90
CA GLY G 65 -31.27 27.65 42.94
C GLY G 65 -31.29 27.10 44.35
N SER G 66 -31.68 25.84 44.44
CA SER G 66 -31.75 25.19 45.74
C SER G 66 -31.83 23.68 45.55
N GLY G 67 -31.74 22.98 46.66
CA GLY G 67 -31.89 21.54 46.65
C GLY G 67 -30.94 20.87 45.69
N GLN G 68 -31.46 20.56 44.50
CA GLN G 68 -30.73 19.81 43.51
C GLN G 68 -30.32 20.62 42.29
N ASP G 69 -31.04 21.70 41.97
CA ASP G 69 -30.80 22.47 40.75
C ASP G 69 -30.40 23.91 41.08
N TYR G 70 -29.27 24.35 40.53
CA TYR G 70 -28.81 25.71 40.73
C TYR G 70 -28.46 26.35 39.40
N SER G 71 -28.21 27.65 39.43
CA SER G 71 -27.91 28.35 38.19
C SER G 71 -27.26 29.70 38.49
N LEU G 72 -26.50 30.17 37.50
CA LEU G 72 -25.90 31.48 37.48
C LEU G 72 -26.38 32.25 36.25
N THR G 73 -26.73 33.52 36.45
CA THR G 73 -27.32 34.33 35.40
C THR G 73 -26.54 35.63 35.20
N ILE G 74 -26.37 35.99 33.92
CA ILE G 74 -25.83 37.28 33.48
C ILE G 74 -26.98 38.10 32.92
N SER G 75 -27.32 39.19 33.61
CA SER G 75 -28.51 39.97 33.28
C SER G 75 -28.43 40.59 31.89
N SER G 76 -27.35 41.31 31.60
CA SER G 76 -27.12 41.89 30.28
C SER G 76 -25.69 41.60 29.89
N LEU G 77 -25.48 40.66 28.97
CA LEU G 77 -24.14 40.13 28.74
C LEU G 77 -23.27 41.15 28.03
N GLU G 78 -22.12 41.43 28.63
CA GLU G 78 -21.10 42.31 28.07
C GLU G 78 -19.99 41.47 27.45
N TYR G 79 -19.09 42.15 26.73
CA TYR G 79 -17.99 41.45 26.08
C TYR G 79 -16.95 40.96 27.08
N GLU G 80 -16.94 41.52 28.29
CA GLU G 80 -16.05 41.12 29.38
C GLU G 80 -16.38 39.76 29.95
N ASP G 81 -17.24 38.97 29.29
CA ASP G 81 -17.81 37.77 29.89
C ASP G 81 -17.57 36.50 29.07
N MET G 82 -16.69 36.55 28.07
CA MET G 82 -16.44 35.40 27.22
C MET G 82 -15.36 34.56 27.87
N GLY G 83 -15.73 33.36 28.29
CA GLY G 83 -14.79 32.50 29.00
C GLY G 83 -15.49 31.24 29.45
N ILE G 84 -14.82 30.48 30.31
CA ILE G 84 -15.39 29.24 30.82
C ILE G 84 -15.80 29.44 32.28
N TYR G 85 -17.03 29.05 32.59
CA TYR G 85 -17.59 29.16 33.93
C TYR G 85 -17.78 27.78 34.53
N TYR G 86 -17.53 27.67 35.83
CA TYR G 86 -17.52 26.38 36.53
C TYR G 86 -18.36 26.45 37.80
N CYS G 87 -19.13 25.40 38.06
CA CYS G 87 -19.90 25.28 39.32
C CYS G 87 -19.20 24.20 40.13
N LEU G 88 -19.10 24.42 41.43
CA LEU G 88 -18.42 23.54 42.37
C LEU G 88 -19.33 23.28 43.55
N GLN G 89 -19.64 22.02 43.81
CA GLN G 89 -20.41 21.64 44.97
C GLN G 89 -19.45 21.13 46.04
N TYR G 90 -19.71 21.50 47.28
CA TYR G 90 -18.88 21.03 48.38
C TYR G 90 -19.73 20.62 49.56
N ASP G 91 -20.93 20.11 49.29
CA ASP G 91 -21.72 19.41 50.30
C ASP G 91 -21.29 17.95 50.23
N GLU G 92 -20.54 17.49 51.23
CA GLU G 92 -19.96 16.16 51.23
C GLU G 92 -18.99 16.03 50.06
N LEU G 93 -17.73 16.41 50.29
CA LEU G 93 -16.65 16.35 49.33
C LEU G 93 -16.83 17.33 48.17
N TYR G 94 -15.77 17.60 47.43
CA TYR G 94 -15.70 18.69 46.46
C TYR G 94 -15.60 18.12 45.05
N THR G 95 -16.66 18.29 44.26
CA THR G 95 -16.64 17.93 42.85
C THR G 95 -17.16 19.11 42.02
N PHE G 96 -16.58 19.29 40.85
CA PHE G 96 -16.88 20.42 39.97
C PHE G 96 -17.82 20.00 38.85
N GLY G 97 -18.40 21.00 38.19
CA GLY G 97 -19.16 20.79 36.99
C GLY G 97 -18.27 20.56 35.79
N GLY G 98 -18.90 20.25 34.66
CA GLY G 98 -18.17 19.99 33.43
C GLY G 98 -17.55 21.23 32.80
N GLY G 99 -18.03 22.42 33.14
CA GLY G 99 -17.54 23.62 32.51
C GLY G 99 -18.43 24.08 31.37
N THR G 100 -18.75 25.38 31.35
CA THR G 100 -19.58 25.95 30.28
C THR G 100 -18.78 27.05 29.57
N LYS G 101 -18.80 27.01 28.23
CA LYS G 101 -18.04 27.96 27.42
C LYS G 101 -18.99 29.04 26.90
N LEU G 102 -18.79 30.27 27.37
CA LEU G 102 -19.57 31.41 26.94
C LEU G 102 -18.80 32.19 25.89
N GLU G 103 -19.44 32.40 24.73
CA GLU G 103 -18.80 32.95 23.55
C GLU G 103 -19.78 33.89 22.85
N MET G 104 -19.32 34.52 21.77
CA MET G 104 -20.10 35.52 21.07
C MET G 104 -20.89 34.93 19.91
N LYS G 105 -22.13 35.38 19.75
CA LYS G 105 -22.95 35.03 18.61
C LYS G 105 -22.76 36.03 17.48
N ARG G 106 -22.77 35.53 16.25
CA ARG G 106 -22.63 36.38 15.07
C ARG G 106 -23.30 35.69 13.90
N ALA G 107 -23.19 36.31 12.73
CA ALA G 107 -23.81 35.75 11.54
C ALA G 107 -23.03 34.54 11.04
N ASP G 108 -23.75 33.58 10.47
CA ASP G 108 -23.11 32.39 9.93
C ASP G 108 -22.17 32.77 8.80
N ALA G 109 -20.94 32.26 8.85
CA ALA G 109 -19.91 32.56 7.87
C ALA G 109 -19.32 31.26 7.35
N ALA G 110 -19.10 31.21 6.03
CA ALA G 110 -18.52 30.03 5.42
C ALA G 110 -17.00 30.07 5.53
N PRO G 111 -16.37 28.91 5.66
CA PRO G 111 -14.90 28.88 5.79
C PRO G 111 -14.21 29.11 4.46
N THR G 112 -12.99 29.63 4.55
CA THR G 112 -12.13 29.83 3.39
C THR G 112 -11.15 28.65 3.35
N VAL G 113 -11.30 27.78 2.36
CA VAL G 113 -10.54 26.54 2.28
C VAL G 113 -9.38 26.73 1.32
N SER G 114 -8.17 26.55 1.82
CA SER G 114 -6.94 26.64 1.04
C SER G 114 -6.08 25.42 1.31
N ILE G 115 -5.66 24.73 0.25
CA ILE G 115 -4.91 23.48 0.37
C ILE G 115 -3.52 23.70 -0.21
N PHE G 116 -2.50 23.27 0.53
CA PHE G 116 -1.11 23.51 0.19
C PHE G 116 -0.33 22.21 0.11
N PRO G 117 0.47 22.01 -0.93
CA PRO G 117 1.26 20.79 -1.07
C PRO G 117 2.50 20.83 -0.19
N PRO G 118 3.28 19.75 -0.16
CA PRO G 118 4.54 19.77 0.60
C PRO G 118 5.57 20.71 0.00
N SER G 119 6.41 21.26 0.87
CA SER G 119 7.46 22.18 0.47
C SER G 119 8.66 21.44 -0.09
N SER G 120 9.51 22.19 -0.81
CA SER G 120 10.68 21.59 -1.45
C SER G 120 11.67 21.07 -0.41
N GLU G 121 11.97 21.88 0.60
CA GLU G 121 12.95 21.49 1.62
C GLU G 121 12.51 20.22 2.35
N GLN G 122 11.21 20.09 2.61
CA GLN G 122 10.73 18.91 3.32
C GLN G 122 10.75 17.68 2.42
N LEU G 123 10.38 17.84 1.14
CA LEU G 123 10.48 16.73 0.20
C LEU G 123 11.93 16.29 0.04
N THR G 124 12.89 17.20 0.18
CA THR G 124 14.29 16.82 0.21
C THR G 124 14.75 16.34 1.57
N SER G 125 13.93 16.50 2.61
CA SER G 125 14.22 15.99 3.94
C SER G 125 13.54 14.65 4.22
N GLY G 126 12.81 14.09 3.25
CA GLY G 126 12.19 12.80 3.37
C GLY G 126 10.71 12.81 3.67
N GLY G 127 10.17 13.94 4.17
CA GLY G 127 8.77 14.02 4.52
C GLY G 127 7.93 14.71 3.46
N ALA G 128 6.62 14.80 3.76
CA ALA G 128 5.68 15.46 2.87
C ALA G 128 4.43 15.79 3.67
N SER G 129 4.24 17.06 4.02
CA SER G 129 3.10 17.51 4.80
C SER G 129 2.14 18.30 3.92
N VAL G 130 0.94 17.78 3.75
CA VAL G 130 -0.13 18.46 3.02
C VAL G 130 -0.99 19.22 4.01
N VAL G 131 -1.18 20.51 3.79
CA VAL G 131 -1.83 21.37 4.77
C VAL G 131 -3.17 21.86 4.22
N CYS G 132 -4.13 22.03 5.12
CA CYS G 132 -5.45 22.53 4.75
C CYS G 132 -5.87 23.58 5.78
N PHE G 133 -6.03 24.82 5.33
CA PHE G 133 -6.53 25.90 6.17
C PHE G 133 -8.00 26.13 5.88
N LEU G 134 -8.82 26.12 6.92
CA LEU G 134 -10.24 26.46 6.85
C LEU G 134 -10.41 27.70 7.73
N ASN G 135 -10.39 28.87 7.11
CA ASN G 135 -10.25 30.12 7.82
C ASN G 135 -11.59 30.83 8.02
N ASN G 136 -11.65 31.63 9.09
CA ASN G 136 -12.77 32.47 9.50
C ASN G 136 -14.15 31.92 9.15
N PHE G 137 -14.75 31.17 10.08
CA PHE G 137 -16.09 30.64 9.92
C PHE G 137 -16.76 30.57 11.29
N TYR G 138 -18.04 30.21 11.27
CA TYR G 138 -18.86 30.18 12.48
C TYR G 138 -20.14 29.41 12.17
N PRO G 139 -20.58 28.50 13.04
CA PRO G 139 -20.04 28.15 14.36
C PRO G 139 -18.76 27.31 14.33
N LYS G 140 -18.27 26.90 15.51
CA LYS G 140 -17.04 26.13 15.58
C LYS G 140 -17.18 24.75 14.95
N ASP G 141 -18.39 24.17 15.00
CA ASP G 141 -18.58 22.78 14.61
C ASP G 141 -18.37 22.61 13.12
N ILE G 142 -17.41 21.77 12.75
CA ILE G 142 -17.06 21.54 11.36
C ILE G 142 -16.35 20.19 11.28
N ASN G 143 -16.57 19.46 10.20
CA ASN G 143 -15.90 18.18 10.02
C ASN G 143 -15.06 18.20 8.74
N VAL G 144 -13.98 17.42 8.75
CA VAL G 144 -13.01 17.42 7.67
C VAL G 144 -12.72 15.99 7.27
N LYS G 145 -12.55 15.76 5.96
CA LYS G 145 -12.26 14.44 5.41
C LYS G 145 -11.10 14.56 4.43
N TRP G 146 -10.00 13.89 4.73
CA TRP G 146 -8.88 13.84 3.80
C TRP G 146 -9.11 12.74 2.77
N LYS G 147 -8.72 13.01 1.53
CA LYS G 147 -8.93 12.07 0.44
C LYS G 147 -7.64 11.95 -0.35
N ILE G 148 -7.17 10.72 -0.51
CA ILE G 148 -5.92 10.40 -1.19
C ILE G 148 -6.29 9.64 -2.44
N ASP G 149 -6.00 10.24 -3.61
CA ASP G 149 -6.31 9.65 -4.91
C ASP G 149 -7.78 9.24 -5.01
N GLY G 150 -8.65 9.89 -4.23
CA GLY G 150 -10.08 9.64 -4.26
C GLY G 150 -10.60 8.75 -3.15
N SER G 151 -9.74 8.12 -2.36
CA SER G 151 -10.15 7.26 -1.26
C SER G 151 -9.88 7.96 0.06
N GLU G 152 -10.85 7.90 0.98
CA GLU G 152 -10.72 8.64 2.23
C GLU G 152 -9.61 8.05 3.10
N ARG G 153 -8.79 8.94 3.66
CA ARG G 153 -7.65 8.58 4.51
C ARG G 153 -7.82 9.27 5.86
N GLN G 154 -7.62 8.51 6.94
CA GLN G 154 -7.78 9.05 8.29
C GLN G 154 -6.58 8.85 9.19
N ASN G 155 -5.50 8.25 8.70
CA ASN G 155 -4.33 7.94 9.51
C ASN G 155 -3.26 9.03 9.38
N GLY G 156 -2.63 9.36 10.50
CA GLY G 156 -1.55 10.32 10.50
C GLY G 156 -1.95 11.76 10.33
N VAL G 157 -3.19 12.11 10.67
CA VAL G 157 -3.67 13.47 10.52
C VAL G 157 -3.49 14.22 11.83
N LEU G 158 -3.26 15.52 11.72
CA LEU G 158 -3.17 16.43 12.86
C LEU G 158 -4.17 17.56 12.65
N ASN G 159 -4.82 17.98 13.73
CA ASN G 159 -5.87 18.98 13.68
C ASN G 159 -5.62 20.03 14.74
N SER G 160 -5.68 21.30 14.35
CA SER G 160 -5.51 22.41 15.28
C SER G 160 -6.68 23.36 15.11
N TRP G 161 -7.28 23.77 16.23
CA TRP G 161 -8.45 24.63 16.23
C TRP G 161 -8.11 25.97 16.89
N THR G 162 -8.66 27.04 16.33
CA THR G 162 -8.45 28.38 16.86
C THR G 162 -9.60 28.76 17.78
N ASP G 163 -9.28 29.56 18.79
CA ASP G 163 -10.33 30.11 19.65
C ASP G 163 -11.15 31.13 18.86
N GLN G 164 -12.11 31.76 19.53
CA GLN G 164 -12.91 32.79 18.88
C GLN G 164 -12.05 34.03 18.64
N ASP G 165 -11.94 34.43 17.38
CA ASP G 165 -11.19 35.63 17.04
C ASP G 165 -11.87 36.85 17.67
N SER G 166 -11.11 37.58 18.50
CA SER G 166 -11.67 38.75 19.17
C SER G 166 -12.09 39.84 18.20
N LYS G 167 -11.57 39.83 16.97
CA LYS G 167 -11.90 40.88 16.00
C LYS G 167 -13.27 40.64 15.38
N ASP G 168 -13.41 39.58 14.57
CA ASP G 168 -14.63 39.34 13.82
C ASP G 168 -15.44 38.16 14.35
N SER G 169 -15.07 37.62 15.52
CA SER G 169 -15.85 36.61 16.24
C SER G 169 -16.02 35.31 15.46
N THR G 170 -15.05 34.98 14.61
CA THR G 170 -15.08 33.74 13.85
C THR G 170 -14.05 32.76 14.39
N TYR G 171 -14.07 31.55 13.83
CA TYR G 171 -13.14 30.49 14.18
C TYR G 171 -12.38 30.05 12.92
N SER G 172 -11.24 29.40 13.14
CA SER G 172 -10.46 28.84 12.05
C SER G 172 -9.96 27.46 12.45
N MET G 173 -9.40 26.74 11.47
CA MET G 173 -8.96 25.37 11.70
C MET G 173 -7.89 25.01 10.70
N SER G 174 -6.93 24.20 11.14
CA SER G 174 -5.85 23.69 10.29
C SER G 174 -5.80 22.18 10.39
N SER G 175 -5.61 21.52 9.25
CA SER G 175 -5.49 20.07 9.20
C SER G 175 -4.24 19.71 8.41
N THR G 176 -3.29 19.07 9.08
CA THR G 176 -2.03 18.65 8.49
C THR G 176 -2.06 17.14 8.25
N LEU G 177 -1.44 16.71 7.16
CA LEU G 177 -1.29 15.28 6.86
C LEU G 177 0.18 15.02 6.56
N THR G 178 0.83 14.26 7.44
CA THR G 178 2.25 13.95 7.31
C THR G 178 2.42 12.59 6.64
N LEU G 179 3.26 12.55 5.61
CA LEU G 179 3.56 11.34 4.87
C LEU G 179 5.06 11.31 4.59
N THR G 180 5.53 10.20 4.04
CA THR G 180 6.90 10.15 3.55
C THR G 180 6.93 10.62 2.09
N LYS G 181 8.13 10.83 1.57
CA LYS G 181 8.27 11.35 0.22
C LYS G 181 7.62 10.42 -0.80
N ASP G 182 7.99 9.14 -0.77
CA ASP G 182 7.46 8.20 -1.78
C ASP G 182 6.04 7.74 -1.45
N GLU G 183 5.68 7.65 -0.15
CA GLU G 183 4.28 7.45 0.21
C GLU G 183 3.44 8.52 -0.46
N TYR G 184 3.88 9.78 -0.34
CA TYR G 184 3.25 10.88 -1.03
C TYR G 184 3.18 10.62 -2.54
N GLU G 185 4.31 10.24 -3.14
CA GLU G 185 4.33 10.04 -4.59
C GLU G 185 3.84 8.67 -5.05
N ARG G 186 2.97 8.03 -4.28
CA ARG G 186 2.18 6.94 -4.84
C ARG G 186 0.85 7.40 -5.44
N HIS G 187 0.49 8.67 -5.29
CA HIS G 187 -0.85 9.17 -5.62
C HIS G 187 -0.75 10.49 -6.36
N ASN G 188 -1.90 10.99 -6.86
CA ASN G 188 -1.87 12.28 -7.55
C ASN G 188 -2.93 13.25 -7.06
N SER G 189 -4.12 12.77 -6.72
CA SER G 189 -5.18 13.62 -6.19
C SER G 189 -5.04 13.75 -4.68
N TYR G 190 -5.01 14.99 -4.20
CA TYR G 190 -4.92 15.25 -2.77
C TYR G 190 -6.07 16.20 -2.47
N THR G 191 -7.17 15.64 -1.97
CA THR G 191 -8.40 16.37 -1.64
C THR G 191 -8.54 16.59 -0.14
N CYS G 192 -9.12 17.74 0.22
CA CYS G 192 -9.42 18.09 1.60
C CYS G 192 -10.86 18.60 1.66
N GLU G 193 -11.81 17.71 1.95
CA GLU G 193 -13.21 18.08 2.01
C GLU G 193 -13.56 18.64 3.39
N ALA G 194 -14.36 19.71 3.40
CA ALA G 194 -14.84 20.31 4.64
C ALA G 194 -16.36 20.38 4.60
N THR G 195 -16.99 20.09 5.74
CA THR G 195 -18.44 20.11 5.86
C THR G 195 -18.84 20.98 7.05
N HIS G 196 -19.68 21.97 6.77
CA HIS G 196 -20.22 22.94 7.72
C HIS G 196 -21.71 23.06 7.49
N LYS G 197 -22.41 23.70 8.44
CA LYS G 197 -23.85 23.87 8.30
C LYS G 197 -24.23 24.91 7.24
N THR G 198 -23.29 25.76 6.84
CA THR G 198 -23.61 26.81 5.87
C THR G 198 -23.81 26.26 4.46
N SER G 199 -23.37 25.04 4.19
CA SER G 199 -23.49 24.44 2.88
C SER G 199 -24.04 23.03 2.98
N THR G 200 -24.94 22.67 2.07
CA THR G 200 -25.44 21.31 2.02
C THR G 200 -24.40 20.35 1.43
N SER G 201 -23.54 20.85 0.51
CA SER G 201 -22.45 20.11 -0.09
C SER G 201 -21.12 20.48 0.56
N PRO G 202 -20.16 19.56 0.60
CA PRO G 202 -18.87 19.86 1.24
C PRO G 202 -17.97 20.69 0.34
N ILE G 203 -17.38 21.73 0.90
CA ILE G 203 -16.37 22.52 0.19
C ILE G 203 -15.14 21.65 -0.05
N VAL G 204 -14.81 21.43 -1.32
CA VAL G 204 -13.75 20.49 -1.71
C VAL G 204 -12.65 21.26 -2.43
N LYS G 205 -11.44 21.19 -1.88
CA LYS G 205 -10.23 21.72 -2.51
C LYS G 205 -9.24 20.58 -2.66
N SER G 206 -8.77 20.35 -3.89
CA SER G 206 -7.87 19.24 -4.17
C SER G 206 -6.76 19.72 -5.09
N PHE G 207 -5.73 18.89 -5.24
CA PHE G 207 -4.66 19.27 -6.17
C PHE G 207 -3.89 18.04 -6.62
N ASN G 208 -3.34 18.16 -7.82
CA ASN G 208 -2.31 17.25 -8.31
C ASN G 208 -0.95 17.88 -8.00
N ARG G 209 0.09 17.05 -7.96
CA ARG G 209 1.40 17.54 -7.58
C ARG G 209 2.13 18.20 -8.75
N ASN G 210 2.47 17.42 -9.77
CA ASN G 210 3.22 17.95 -10.90
C ASN G 210 2.34 18.42 -12.05
N GLU G 211 1.01 18.29 -11.92
CA GLU G 211 0.10 18.76 -12.96
C GLU G 211 -0.39 20.17 -12.62
N VAL H 1 -0.03 -18.20 15.62
CA VAL H 1 1.39 -18.26 15.24
C VAL H 1 1.50 -18.65 13.76
N GLN H 2 0.49 -19.33 13.24
CA GLN H 2 0.46 -19.75 11.85
C GLN H 2 -0.63 -18.99 11.09
N LEU H 3 -0.66 -19.22 9.78
CA LEU H 3 -1.54 -18.49 8.88
C LEU H 3 -2.31 -19.45 7.97
N GLU H 4 -3.57 -19.13 7.70
CA GLU H 4 -4.48 -19.97 6.95
C GLU H 4 -4.89 -19.28 5.65
N GLN H 5 -4.79 -20.01 4.55
CA GLN H 5 -5.04 -19.46 3.22
C GLN H 5 -6.50 -19.69 2.83
N SER H 6 -6.84 -19.32 1.60
CA SER H 6 -8.19 -19.50 1.08
C SER H 6 -8.38 -20.93 0.54
N GLY H 7 -9.56 -21.19 -0.02
CA GLY H 7 -9.84 -22.48 -0.61
C GLY H 7 -9.53 -22.53 -2.10
N THR H 8 -9.46 -23.75 -2.63
CA THR H 8 -9.14 -23.95 -4.03
C THR H 8 -10.17 -23.26 -4.91
N VAL H 9 -9.69 -22.44 -5.85
CA VAL H 9 -10.53 -21.63 -6.72
C VAL H 9 -10.31 -22.02 -8.18
N LEU H 10 -11.33 -21.79 -8.97
CA LEU H 10 -11.36 -22.14 -10.39
C LEU H 10 -11.92 -20.96 -11.16
N ALA H 11 -11.38 -20.74 -12.37
CA ALA H 11 -11.76 -19.58 -13.15
C ALA H 11 -11.71 -19.92 -14.63
N ARG H 12 -12.18 -18.97 -15.46
CA ARG H 12 -12.20 -19.03 -16.91
C ARG H 12 -10.93 -18.37 -17.48
N PRO H 13 -10.52 -18.77 -18.68
CA PRO H 13 -9.38 -18.08 -19.32
C PRO H 13 -9.76 -16.66 -19.68
N GLY H 14 -8.95 -15.70 -19.24
CA GLY H 14 -9.20 -14.31 -19.50
C GLY H 14 -9.88 -13.56 -18.37
N SER H 15 -10.39 -14.27 -17.36
CA SER H 15 -11.07 -13.65 -16.24
C SER H 15 -10.05 -13.26 -15.18
N SER H 16 -10.53 -12.91 -13.98
CA SER H 16 -9.66 -12.52 -12.88
C SER H 16 -10.16 -13.19 -11.60
N VAL H 17 -9.21 -13.51 -10.72
CA VAL H 17 -9.51 -14.19 -9.46
C VAL H 17 -8.78 -13.47 -8.32
N LYS H 18 -9.22 -13.74 -7.10
CA LYS H 18 -8.71 -13.07 -5.90
C LYS H 18 -8.57 -14.09 -4.79
N MET H 19 -7.36 -14.19 -4.22
CA MET H 19 -7.09 -15.09 -3.11
C MET H 19 -6.83 -14.30 -1.84
N SER H 20 -7.09 -14.95 -0.71
CA SER H 20 -6.92 -14.37 0.62
C SER H 20 -5.90 -15.16 1.40
N CYS H 21 -5.44 -14.58 2.52
CA CYS H 21 -4.44 -15.23 3.35
C CYS H 21 -4.49 -14.57 4.73
N LYS H 22 -5.16 -15.21 5.68
CA LYS H 22 -5.34 -14.65 7.02
C LYS H 22 -4.19 -15.09 7.92
N ALA H 23 -3.51 -14.12 8.52
CA ALA H 23 -2.37 -14.38 9.39
C ALA H 23 -2.75 -14.09 10.83
N SER H 24 -2.13 -14.84 11.74
CA SER H 24 -2.38 -14.69 13.17
C SER H 24 -1.12 -15.06 13.94
N GLY H 25 -1.05 -14.60 15.18
CA GLY H 25 0.04 -14.93 16.07
C GLY H 25 1.17 -13.92 16.12
N TYR H 26 1.25 -13.00 15.17
CA TYR H 26 2.30 -12.00 15.14
C TYR H 26 1.74 -10.65 14.70
N SER H 27 2.55 -9.62 14.82
CA SER H 27 2.17 -8.27 14.41
C SER H 27 2.06 -8.22 12.89
N PHE H 28 0.83 -8.18 12.39
CA PHE H 28 0.58 -8.27 10.96
C PHE H 28 1.10 -7.05 10.20
N THR H 29 0.99 -5.87 10.80
CA THR H 29 1.32 -4.62 10.11
C THR H 29 2.68 -4.08 10.54
N SER H 30 3.72 -4.91 10.33
CA SER H 30 5.08 -4.49 10.65
C SER H 30 6.08 -5.39 9.92
N TYR H 31 5.58 -6.34 9.13
CA TYR H 31 6.42 -7.26 8.40
C TYR H 31 5.86 -7.44 6.99
N TRP H 32 6.68 -8.02 6.12
CA TRP H 32 6.35 -8.15 4.70
C TRP H 32 5.82 -9.55 4.41
N MET H 33 4.60 -9.62 3.89
CA MET H 33 4.01 -10.88 3.45
C MET H 33 4.41 -11.14 2.01
N HIS H 34 5.05 -12.28 1.76
CA HIS H 34 5.51 -12.65 0.42
C HIS H 34 4.59 -13.71 -0.18
N TRP H 35 4.36 -13.58 -1.48
CA TRP H 35 3.51 -14.48 -2.23
C TRP H 35 4.34 -15.19 -3.29
N VAL H 36 4.24 -16.52 -3.32
CA VAL H 36 5.07 -17.41 -4.13
C VAL H 36 4.16 -18.33 -4.92
N LYS H 37 4.60 -18.67 -6.13
CA LYS H 37 3.84 -19.51 -7.04
C LYS H 37 4.55 -20.84 -7.25
N GLN H 38 3.79 -21.93 -7.25
CA GLN H 38 4.28 -23.26 -7.51
C GLN H 38 3.53 -23.84 -8.69
N ARG H 39 4.25 -24.13 -9.76
CA ARG H 39 3.69 -24.78 -10.92
C ARG H 39 4.25 -26.20 -11.04
N PRO H 40 3.40 -27.19 -11.34
CA PRO H 40 3.90 -28.58 -11.41
C PRO H 40 5.08 -28.76 -12.34
N GLY H 41 5.12 -28.04 -13.47
CA GLY H 41 6.18 -28.21 -14.43
C GLY H 41 7.44 -27.40 -14.17
N GLN H 42 7.28 -26.15 -13.74
CA GLN H 42 8.43 -25.28 -13.53
C GLN H 42 9.06 -25.50 -12.17
N GLY H 43 8.52 -24.86 -11.14
CA GLY H 43 9.04 -25.03 -9.80
C GLY H 43 8.49 -23.97 -8.87
N LEU H 44 9.33 -23.55 -7.93
CA LEU H 44 8.97 -22.47 -7.02
C LEU H 44 9.45 -21.14 -7.58
N GLU H 45 8.54 -20.16 -7.66
CA GLU H 45 8.84 -18.86 -8.25
C GLU H 45 8.20 -17.76 -7.42
N TRP H 46 8.96 -16.70 -7.17
CA TRP H 46 8.49 -15.58 -6.37
C TRP H 46 7.52 -14.71 -7.16
N ILE H 47 6.41 -14.34 -6.52
CA ILE H 47 5.46 -13.43 -7.16
C ILE H 47 5.66 -12.02 -6.61
N GLY H 48 5.41 -11.83 -5.32
CA GLY H 48 5.42 -10.47 -4.81
C GLY H 48 5.57 -10.37 -3.31
N ALA H 49 5.48 -9.14 -2.81
CA ALA H 49 5.56 -8.88 -1.38
C ALA H 49 4.79 -7.62 -1.06
N ILE H 50 4.18 -7.59 0.14
CA ILE H 50 3.34 -6.47 0.54
C ILE H 50 3.58 -6.17 2.02
N TYR H 51 3.63 -4.87 2.34
CA TYR H 51 3.70 -4.34 3.69
C TYR H 51 2.36 -3.72 4.03
N PRO H 52 1.57 -4.33 4.91
CA PRO H 52 0.20 -3.84 5.17
C PRO H 52 0.12 -2.63 6.08
N GLY H 53 1.23 -2.21 6.71
CA GLY H 53 1.19 -1.00 7.54
C GLY H 53 0.82 0.25 6.78
N ASN H 54 0.97 0.24 5.46
CA ASN H 54 0.59 1.33 4.58
C ASN H 54 0.39 0.78 3.17
N SER H 55 0.44 -0.55 3.06
CA SER H 55 0.12 -1.27 1.82
C SER H 55 1.11 -0.93 0.70
N ASP H 56 2.39 -1.04 0.99
CA ASP H 56 3.41 -0.89 -0.05
C ASP H 56 3.75 -2.26 -0.63
N ALA H 57 3.68 -2.38 -1.95
CA ALA H 57 3.81 -3.67 -2.60
C ALA H 57 4.91 -3.63 -3.66
N THR H 58 5.75 -4.66 -3.65
CA THR H 58 6.72 -4.89 -4.71
C THR H 58 6.34 -6.17 -5.46
N TYR H 59 6.66 -6.18 -6.75
CA TYR H 59 6.23 -7.26 -7.63
C TYR H 59 7.41 -7.78 -8.44
N ASN H 60 7.20 -8.94 -9.07
CA ASN H 60 8.17 -9.49 -10.01
C ASN H 60 7.91 -8.88 -11.37
N GLN H 61 9.00 -8.59 -12.10
CA GLN H 61 8.86 -7.98 -13.42
C GLN H 61 8.05 -8.86 -14.36
N LYS H 62 8.03 -10.18 -14.12
CA LYS H 62 7.18 -11.06 -14.89
C LYS H 62 5.71 -10.95 -14.49
N PHE H 63 5.44 -10.50 -13.27
CA PHE H 63 4.08 -10.38 -12.76
C PHE H 63 3.60 -8.94 -12.68
N LYS H 64 4.42 -7.98 -13.08
CA LYS H 64 3.98 -6.59 -13.11
C LYS H 64 2.85 -6.44 -14.12
N GLY H 65 1.70 -5.94 -13.67
CA GLY H 65 0.52 -5.88 -14.50
C GLY H 65 -0.38 -7.08 -14.41
N LYS H 66 0.16 -8.24 -14.02
CA LYS H 66 -0.63 -9.44 -13.80
C LYS H 66 -1.21 -9.52 -12.38
N ALA H 67 -0.37 -9.31 -11.38
CA ALA H 67 -0.76 -9.47 -9.97
C ALA H 67 -0.98 -8.13 -9.29
N LYS H 68 -1.88 -8.13 -8.31
CA LYS H 68 -2.14 -6.95 -7.48
C LYS H 68 -2.30 -7.38 -6.04
N LEU H 69 -1.48 -6.82 -5.15
CA LEU H 69 -1.46 -7.17 -3.73
C LEU H 69 -2.26 -6.13 -2.94
N THR H 70 -3.24 -6.60 -2.17
CA THR H 70 -4.06 -5.77 -1.30
C THR H 70 -3.93 -6.27 0.13
N ALA H 71 -4.35 -5.45 1.09
CA ALA H 71 -4.25 -5.85 2.49
C ALA H 71 -5.34 -5.16 3.31
N VAL H 72 -5.95 -5.91 4.22
CA VAL H 72 -6.91 -5.39 5.19
C VAL H 72 -6.33 -5.59 6.59
N THR H 73 -6.08 -4.49 7.29
CA THR H 73 -5.45 -4.56 8.59
C THR H 73 -6.43 -4.96 9.70
N SER H 74 -7.70 -4.56 9.57
CA SER H 74 -8.68 -4.88 10.60
C SER H 74 -8.95 -6.39 10.65
N ALA H 75 -8.94 -7.05 9.49
CA ALA H 75 -9.16 -8.49 9.42
C ALA H 75 -7.87 -9.29 9.38
N ASN H 76 -6.71 -8.62 9.47
CA ASN H 76 -5.40 -9.29 9.41
C ASN H 76 -5.30 -10.20 8.19
N THR H 77 -5.60 -9.64 7.02
CA THR H 77 -5.67 -10.45 5.81
C THR H 77 -4.88 -9.78 4.70
N ALA H 78 -4.27 -10.61 3.84
CA ALA H 78 -3.54 -10.15 2.67
C ALA H 78 -4.13 -10.83 1.45
N TYR H 79 -4.63 -10.03 0.51
CA TYR H 79 -5.26 -10.56 -0.70
C TYR H 79 -4.34 -10.34 -1.90
N MET H 80 -4.54 -11.18 -2.91
CA MET H 80 -3.78 -11.04 -4.15
C MET H 80 -4.69 -11.44 -5.31
N GLU H 81 -4.84 -10.53 -6.28
CA GLU H 81 -5.71 -10.77 -7.43
C GLU H 81 -4.87 -10.89 -8.70
N LEU H 82 -5.27 -11.83 -9.55
CA LEU H 82 -4.63 -12.05 -10.84
C LEU H 82 -5.65 -11.89 -11.95
N SER H 83 -5.27 -11.19 -13.01
CA SER H 83 -6.14 -10.88 -14.12
C SER H 83 -5.62 -11.50 -15.40
N SER H 84 -6.51 -11.63 -16.39
CA SER H 84 -6.20 -12.24 -17.68
C SER H 84 -5.56 -13.61 -17.49
N LEU H 85 -6.30 -14.49 -16.82
CA LEU H 85 -5.75 -15.77 -16.43
C LEU H 85 -5.58 -16.68 -17.64
N THR H 86 -4.45 -17.38 -17.69
CA THR H 86 -4.15 -18.36 -18.70
C THR H 86 -3.79 -19.67 -17.99
N ASN H 87 -3.60 -20.74 -18.77
CA ASN H 87 -3.27 -22.03 -18.15
C ASN H 87 -1.95 -21.98 -17.41
N GLU H 88 -1.10 -20.99 -17.67
CA GLU H 88 0.13 -20.83 -16.91
C GLU H 88 -0.12 -20.29 -15.50
N ASP H 89 -1.32 -19.77 -15.22
CA ASP H 89 -1.65 -19.31 -13.88
C ASP H 89 -2.26 -20.40 -13.01
N SER H 90 -2.64 -21.53 -13.59
CA SER H 90 -3.12 -22.67 -12.81
C SER H 90 -1.97 -23.20 -11.97
N ALA H 91 -2.00 -22.95 -10.66
CA ALA H 91 -0.84 -23.21 -9.82
C ALA H 91 -1.25 -23.14 -8.36
N VAL H 92 -0.30 -23.40 -7.47
CA VAL H 92 -0.55 -23.35 -6.04
C VAL H 92 0.23 -22.16 -5.48
N TYR H 93 -0.48 -21.22 -4.86
CA TYR H 93 0.10 -19.98 -4.40
C TYR H 93 0.17 -19.98 -2.88
N TYR H 94 1.36 -19.69 -2.36
CA TYR H 94 1.62 -19.71 -0.93
C TYR H 94 1.93 -18.29 -0.44
N CYS H 95 1.46 -17.97 0.76
CA CYS H 95 1.80 -16.73 1.43
C CYS H 95 2.62 -17.03 2.67
N THR H 96 3.68 -16.25 2.89
CA THR H 96 4.54 -16.46 4.03
C THR H 96 4.93 -15.12 4.65
N ASN H 97 5.26 -15.14 5.94
CA ASN H 97 5.73 -13.93 6.63
C ASN H 97 7.26 -13.98 6.69
N TYR H 98 7.90 -13.17 5.85
CA TYR H 98 9.35 -13.15 5.67
C TYR H 98 9.95 -14.55 5.67
N PHE H 99 9.27 -15.48 5.01
CA PHE H 99 9.72 -16.87 4.87
C PHE H 99 9.93 -17.55 6.22
N ASP H 100 9.09 -17.19 7.19
CA ASP H 100 9.08 -17.87 8.48
C ASP H 100 8.16 -19.08 8.46
N GLN H 101 6.86 -18.85 8.26
CA GLN H 101 5.86 -19.91 8.27
C GLN H 101 4.99 -19.79 7.03
N TRP H 102 4.76 -20.92 6.37
CA TRP H 102 3.99 -20.96 5.13
C TRP H 102 2.55 -21.40 5.39
N GLY H 103 1.71 -21.18 4.38
CA GLY H 103 0.32 -21.61 4.41
C GLY H 103 0.11 -22.87 3.59
N GLN H 104 -1.12 -23.41 3.71
CA GLN H 104 -1.49 -24.62 2.98
C GLN H 104 -1.47 -24.42 1.47
N GLY H 105 -1.34 -23.19 0.99
CA GLY H 105 -1.37 -22.89 -0.43
C GLY H 105 -2.74 -22.98 -1.06
N THR H 106 -3.13 -21.94 -1.78
CA THR H 106 -4.39 -21.92 -2.51
C THR H 106 -4.18 -22.46 -3.93
N THR H 107 -5.01 -23.41 -4.32
CA THR H 107 -4.91 -24.01 -5.64
C THR H 107 -5.78 -23.24 -6.61
N LEU H 108 -5.25 -22.99 -7.81
CA LEU H 108 -5.96 -22.22 -8.83
C LEU H 108 -5.99 -23.05 -10.10
N THR H 109 -7.19 -23.28 -10.64
CA THR H 109 -7.36 -24.00 -11.89
C THR H 109 -8.04 -23.09 -12.91
N VAL H 110 -7.40 -22.90 -14.06
CA VAL H 110 -7.92 -22.07 -15.14
C VAL H 110 -8.37 -22.98 -16.26
N SER H 111 -9.69 -23.09 -16.43
CA SER H 111 -10.26 -23.91 -17.48
C SER H 111 -11.61 -23.35 -17.88
N SER H 112 -11.92 -23.43 -19.17
CA SER H 112 -13.21 -23.02 -19.70
C SER H 112 -14.18 -24.19 -19.79
N ALA H 113 -13.98 -25.23 -18.98
CA ALA H 113 -14.82 -26.41 -19.02
C ALA H 113 -15.93 -26.31 -17.98
N LYS H 114 -17.05 -26.97 -18.28
CA LYS H 114 -18.20 -26.99 -17.40
C LYS H 114 -18.14 -28.21 -16.49
N THR H 115 -18.99 -28.19 -15.45
CA THR H 115 -19.11 -29.34 -14.56
C THR H 115 -19.72 -30.50 -15.34
N THR H 116 -18.95 -31.56 -15.56
CA THR H 116 -19.38 -32.71 -16.34
C THR H 116 -19.23 -33.97 -15.50
N ALA H 117 -20.21 -34.85 -15.59
CA ALA H 117 -20.16 -36.11 -14.87
C ALA H 117 -19.19 -37.06 -15.56
N PRO H 118 -18.45 -37.87 -14.80
CA PRO H 118 -17.43 -38.73 -15.41
C PRO H 118 -18.05 -39.85 -16.24
N SER H 119 -17.17 -40.59 -16.90
CA SER H 119 -17.52 -41.81 -17.62
C SER H 119 -16.63 -42.92 -17.10
N VAL H 120 -17.26 -43.93 -16.48
CA VAL H 120 -16.55 -45.03 -15.84
C VAL H 120 -16.53 -46.21 -16.80
N TYR H 121 -15.36 -46.83 -16.97
CA TYR H 121 -15.21 -47.96 -17.86
C TYR H 121 -14.40 -49.06 -17.19
N PRO H 122 -14.86 -50.31 -17.31
CA PRO H 122 -14.12 -51.44 -16.73
C PRO H 122 -12.88 -51.78 -17.55
N LEU H 123 -11.93 -52.43 -16.88
CA LEU H 123 -10.68 -52.83 -17.52
C LEU H 123 -10.34 -54.25 -17.08
N ALA H 124 -10.57 -55.20 -17.96
CA ALA H 124 -10.28 -56.61 -17.75
C ALA H 124 -9.15 -57.07 -18.66
N PRO H 125 -8.41 -58.12 -18.28
CA PRO H 125 -7.32 -58.60 -19.13
C PRO H 125 -7.80 -59.10 -20.49
N VAL H 126 -6.88 -59.48 -21.35
CA VAL H 126 -7.25 -59.82 -22.72
C VAL H 126 -7.95 -61.17 -22.73
N CYS H 127 -9.12 -61.21 -23.39
CA CYS H 127 -9.90 -62.43 -23.57
C CYS H 127 -10.11 -63.17 -22.25
N GLY H 128 -10.32 -62.40 -21.18
CA GLY H 128 -10.56 -62.97 -19.87
C GLY H 128 -9.47 -63.94 -19.43
N ASP H 129 -8.22 -63.47 -19.39
CA ASP H 129 -7.09 -64.33 -19.08
C ASP H 129 -6.82 -64.34 -17.59
N THR H 130 -7.22 -65.43 -16.93
CA THR H 130 -6.95 -65.68 -15.53
C THR H 130 -5.96 -66.82 -15.33
N THR H 131 -5.30 -67.26 -16.40
CA THR H 131 -4.38 -68.39 -16.30
C THR H 131 -3.19 -68.06 -15.41
N GLY H 132 -2.48 -66.98 -15.71
CA GLY H 132 -1.30 -66.64 -14.92
C GLY H 132 -1.69 -66.17 -13.54
N SER H 133 -0.88 -66.53 -12.55
CA SER H 133 -1.15 -66.13 -11.18
C SER H 133 -1.04 -64.62 -11.05
N SER H 134 -1.77 -64.07 -10.07
CA SER H 134 -1.85 -62.63 -9.82
C SER H 134 -2.40 -61.91 -11.05
N VAL H 135 -3.66 -61.53 -10.99
CA VAL H 135 -4.36 -60.85 -12.08
C VAL H 135 -4.55 -59.39 -11.69
N THR H 136 -4.37 -58.50 -12.65
CA THR H 136 -4.49 -57.06 -12.46
C THR H 136 -5.69 -56.55 -13.23
N LEU H 137 -6.52 -55.75 -12.56
CA LEU H 137 -7.75 -55.22 -13.12
C LEU H 137 -7.77 -53.71 -12.96
N GLY H 138 -8.64 -53.03 -13.69
CA GLY H 138 -8.61 -51.58 -13.68
C GLY H 138 -9.96 -50.92 -13.82
N CYS H 139 -9.98 -49.66 -13.39
CA CYS H 139 -11.15 -48.79 -13.51
C CYS H 139 -10.71 -47.47 -14.12
N LEU H 140 -11.38 -47.06 -15.20
CA LEU H 140 -10.99 -45.87 -15.96
C LEU H 140 -12.06 -44.80 -15.84
N VAL H 141 -11.69 -43.63 -15.32
CA VAL H 141 -12.60 -42.50 -15.14
C VAL H 141 -12.20 -41.46 -16.17
N LYS H 142 -12.93 -41.38 -17.27
CA LYS H 142 -12.61 -40.50 -18.38
C LYS H 142 -13.57 -39.32 -18.43
N GLY H 143 -13.07 -38.16 -18.87
CA GLY H 143 -13.90 -37.03 -19.21
C GLY H 143 -14.76 -36.52 -18.07
N TYR H 144 -14.15 -35.98 -17.02
CA TYR H 144 -14.87 -35.43 -15.89
C TYR H 144 -14.30 -34.07 -15.52
N PHE H 145 -15.12 -33.30 -14.81
CA PHE H 145 -14.73 -31.97 -14.36
C PHE H 145 -15.74 -31.49 -13.32
N PRO H 146 -15.29 -30.81 -12.26
CA PRO H 146 -13.88 -30.51 -11.93
C PRO H 146 -13.15 -31.66 -11.23
N GLU H 147 -12.62 -31.40 -10.04
CA GLU H 147 -11.77 -32.32 -9.32
C GLU H 147 -11.92 -32.03 -7.83
N PRO H 148 -11.74 -33.03 -6.95
CA PRO H 148 -11.34 -34.42 -7.19
C PRO H 148 -12.47 -35.40 -7.50
N VAL H 149 -12.08 -36.65 -7.75
CA VAL H 149 -12.99 -37.78 -7.85
C VAL H 149 -12.49 -38.85 -6.91
N THR H 150 -13.40 -39.48 -6.17
CA THR H 150 -13.04 -40.54 -5.25
C THR H 150 -13.32 -41.89 -5.90
N LEU H 151 -12.38 -42.82 -5.75
CA LEU H 151 -12.51 -44.15 -6.33
C LEU H 151 -12.13 -45.17 -5.28
N THR H 152 -13.04 -46.09 -4.99
CA THR H 152 -12.77 -47.21 -4.11
C THR H 152 -12.92 -48.51 -4.86
N TRP H 153 -12.50 -49.59 -4.19
CA TRP H 153 -12.59 -50.95 -4.74
C TRP H 153 -13.41 -51.78 -3.78
N ASN H 154 -14.41 -52.50 -4.33
CA ASN H 154 -15.31 -53.33 -3.55
C ASN H 154 -15.86 -52.57 -2.33
N SER H 155 -16.42 -51.38 -2.60
CA SER H 155 -17.02 -50.53 -1.59
C SER H 155 -16.04 -50.18 -0.47
N GLY H 156 -14.75 -50.12 -0.80
CA GLY H 156 -13.74 -49.74 0.17
C GLY H 156 -13.16 -50.88 0.97
N SER H 157 -13.51 -52.13 0.65
CA SER H 157 -12.99 -53.27 1.39
C SER H 157 -11.63 -53.69 0.84
N LEU H 158 -11.53 -53.93 -0.46
CA LEU H 158 -10.25 -54.26 -1.07
C LEU H 158 -9.36 -53.03 -1.05
N SER H 159 -8.19 -53.15 -0.43
CA SER H 159 -7.31 -51.99 -0.25
C SER H 159 -5.83 -52.25 -0.53
N SER H 160 -5.38 -53.50 -0.57
CA SER H 160 -3.98 -53.78 -0.88
C SER H 160 -3.84 -54.08 -2.37
N GLY H 161 -2.66 -53.78 -2.90
CA GLY H 161 -2.43 -53.88 -4.33
C GLY H 161 -3.22 -52.89 -5.15
N VAL H 162 -3.79 -51.87 -4.52
CA VAL H 162 -4.64 -50.89 -5.17
C VAL H 162 -3.86 -49.58 -5.25
N HIS H 163 -3.58 -49.12 -6.47
CA HIS H 163 -3.04 -47.78 -6.66
C HIS H 163 -3.85 -47.05 -7.72
N THR H 164 -4.15 -45.79 -7.45
CA THR H 164 -4.88 -44.92 -8.37
C THR H 164 -3.95 -43.80 -8.83
N PHE H 165 -3.72 -43.73 -10.14
CA PHE H 165 -2.76 -42.77 -10.68
C PHE H 165 -3.36 -41.37 -10.69
N PRO H 166 -2.54 -40.34 -10.45
CA PRO H 166 -3.05 -38.97 -10.43
C PRO H 166 -3.70 -38.58 -11.75
N ALA H 167 -4.75 -37.77 -11.66
CA ALA H 167 -5.53 -37.39 -12.82
C ALA H 167 -4.69 -36.56 -13.79
N VAL H 168 -4.73 -36.93 -15.07
CA VAL H 168 -4.01 -36.22 -16.12
C VAL H 168 -5.04 -35.46 -16.97
N LEU H 169 -4.77 -34.19 -17.21
CA LEU H 169 -5.69 -33.33 -17.94
C LEU H 169 -5.46 -33.51 -19.44
N GLN H 170 -6.52 -33.90 -20.16
CA GLN H 170 -6.50 -34.02 -21.62
C GLN H 170 -7.59 -33.13 -22.16
N SER H 171 -7.21 -31.89 -22.51
CA SER H 171 -8.10 -30.91 -23.13
C SER H 171 -9.31 -30.62 -22.22
N ASP H 172 -9.02 -29.86 -21.15
CA ASP H 172 -10.02 -29.30 -20.25
C ASP H 172 -10.70 -30.35 -19.38
N LEU H 173 -10.74 -31.60 -19.84
CA LEU H 173 -11.36 -32.69 -19.09
C LEU H 173 -10.28 -33.64 -18.57
N TYR H 174 -10.55 -34.24 -17.41
CA TYR H 174 -9.56 -35.05 -16.74
C TYR H 174 -9.66 -36.52 -17.16
N THR H 175 -8.62 -37.29 -16.81
CA THR H 175 -8.61 -38.73 -17.03
C THR H 175 -7.84 -39.38 -15.90
N LEU H 176 -8.47 -40.34 -15.23
CA LEU H 176 -7.87 -41.05 -14.11
C LEU H 176 -7.99 -42.55 -14.38
N SER H 177 -7.07 -43.31 -13.77
CA SER H 177 -7.11 -44.76 -13.87
C SER H 177 -6.68 -45.33 -12.54
N SER H 178 -7.23 -46.50 -12.21
CA SER H 178 -6.86 -47.21 -11.01
C SER H 178 -6.64 -48.68 -11.33
N SER H 179 -5.75 -49.31 -10.54
CA SER H 179 -5.32 -50.67 -10.79
C SER H 179 -5.32 -51.45 -9.47
N VAL H 180 -5.93 -52.63 -9.50
CA VAL H 180 -5.93 -53.59 -8.41
C VAL H 180 -5.18 -54.83 -8.85
N THR H 181 -4.48 -55.46 -7.90
CA THR H 181 -3.71 -56.67 -8.17
C THR H 181 -4.13 -57.73 -7.16
N VAL H 182 -4.82 -58.76 -7.62
CA VAL H 182 -5.27 -59.85 -6.77
C VAL H 182 -4.68 -61.15 -7.29
N THR H 183 -5.11 -62.27 -6.73
CA THR H 183 -4.64 -63.58 -7.14
C THR H 183 -5.66 -64.23 -8.07
N SER H 184 -5.16 -65.04 -9.01
CA SER H 184 -6.03 -65.71 -9.97
C SER H 184 -7.12 -66.56 -9.30
N SER H 185 -6.89 -67.01 -8.06
CA SER H 185 -7.92 -67.73 -7.33
C SER H 185 -9.05 -66.83 -6.87
N THR H 186 -8.85 -65.51 -6.86
CA THR H 186 -9.87 -64.58 -6.43
C THR H 186 -10.81 -64.17 -7.55
N TRP H 187 -10.30 -64.02 -8.78
CA TRP H 187 -11.11 -63.56 -9.89
C TRP H 187 -11.03 -64.55 -11.05
N PRO H 188 -12.16 -64.84 -11.72
CA PRO H 188 -13.52 -64.31 -11.52
C PRO H 188 -14.26 -64.97 -10.37
N SER H 189 -13.56 -65.65 -9.47
CA SER H 189 -14.21 -66.38 -8.39
C SER H 189 -14.99 -65.44 -7.47
N GLN H 190 -14.39 -64.30 -7.14
CA GLN H 190 -15.05 -63.29 -6.31
C GLN H 190 -15.52 -62.13 -7.18
N SER H 191 -16.65 -61.54 -6.79
CA SER H 191 -17.22 -60.41 -7.52
C SER H 191 -16.42 -59.15 -7.22
N ILE H 192 -15.77 -58.61 -8.25
CA ILE H 192 -14.92 -57.43 -8.11
C ILE H 192 -15.66 -56.22 -8.68
N THR H 193 -15.57 -55.09 -7.97
CA THR H 193 -16.27 -53.89 -8.38
C THR H 193 -15.45 -52.65 -8.01
N CYS H 194 -15.49 -51.64 -8.86
CA CYS H 194 -14.91 -50.33 -8.59
C CYS H 194 -16.03 -49.30 -8.47
N ASN H 195 -15.96 -48.49 -7.42
CA ASN H 195 -16.94 -47.44 -7.16
C ASN H 195 -16.32 -46.08 -7.39
N VAL H 196 -17.03 -45.21 -8.12
CA VAL H 196 -16.55 -43.88 -8.48
C VAL H 196 -17.58 -42.86 -8.00
N ALA H 197 -17.09 -41.80 -7.36
CA ALA H 197 -17.94 -40.74 -6.83
C ALA H 197 -17.36 -39.39 -7.22
N HIS H 198 -18.17 -38.58 -7.91
CA HIS H 198 -17.81 -37.21 -8.25
C HIS H 198 -18.73 -36.26 -7.47
N PRO H 199 -18.29 -35.74 -6.33
CA PRO H 199 -19.20 -34.91 -5.51
C PRO H 199 -19.58 -33.60 -6.17
N ALA H 200 -18.69 -33.02 -6.98
CA ALA H 200 -18.99 -31.74 -7.61
C ALA H 200 -20.08 -31.87 -8.67
N SER H 201 -20.13 -33.01 -9.36
CA SER H 201 -21.20 -33.29 -10.30
C SER H 201 -22.28 -34.19 -9.70
N SER H 202 -22.13 -34.58 -8.43
CA SER H 202 -23.11 -35.41 -7.71
C SER H 202 -23.37 -36.71 -8.47
N THR H 203 -22.29 -37.41 -8.81
CA THR H 203 -22.36 -38.64 -9.60
C THR H 203 -21.85 -39.81 -8.78
N LYS H 204 -22.64 -40.88 -8.72
CA LYS H 204 -22.24 -42.10 -8.03
C LYS H 204 -22.43 -43.27 -8.98
N VAL H 205 -21.33 -43.95 -9.32
CA VAL H 205 -21.37 -45.08 -10.25
C VAL H 205 -20.67 -46.26 -9.60
N ASP H 206 -21.28 -47.43 -9.69
CA ASP H 206 -20.69 -48.68 -9.20
C ASP H 206 -20.59 -49.63 -10.39
N LYS H 207 -19.37 -49.88 -10.86
CA LYS H 207 -19.14 -50.72 -12.03
C LYS H 207 -18.48 -52.02 -11.62
N LYS H 208 -18.85 -53.10 -12.28
CA LYS H 208 -18.34 -54.44 -11.99
C LYS H 208 -17.45 -54.90 -13.13
N ILE H 209 -16.28 -55.45 -12.79
CA ILE H 209 -15.31 -55.90 -13.78
C ILE H 209 -15.57 -57.39 -13.97
N GLU H 210 -16.13 -57.76 -15.12
CA GLU H 210 -16.44 -59.15 -15.39
C GLU H 210 -15.76 -59.64 -16.65
N PRO H 211 -15.46 -60.94 -16.73
CA PRO H 211 -14.80 -61.47 -17.94
C PRO H 211 -15.77 -61.54 -19.10
N ALA H 212 -15.22 -61.47 -20.30
CA ALA H 212 -16.01 -61.54 -21.53
C ALA H 212 -15.56 -62.74 -22.36
N ALA H 213 -15.99 -62.75 -23.62
CA ALA H 213 -15.77 -63.88 -24.55
C ALA H 213 -16.29 -65.19 -23.95
N THR I 1 20.18 -13.10 -10.75
CA THR I 1 20.87 -14.18 -10.04
C THR I 1 20.19 -15.51 -10.34
N THR I 2 20.99 -16.55 -10.53
CA THR I 2 20.48 -17.91 -10.70
C THR I 2 21.22 -18.81 -9.71
N VAL I 3 20.45 -19.57 -8.94
CA VAL I 3 20.99 -20.52 -7.97
C VAL I 3 20.75 -21.91 -8.54
N THR I 4 21.79 -22.74 -8.53
CA THR I 4 21.72 -24.09 -9.04
C THR I 4 21.79 -25.07 -7.88
N GLN I 5 20.77 -25.91 -7.76
CA GLN I 5 20.69 -26.92 -6.73
C GLN I 5 21.06 -28.27 -7.32
N THR I 6 21.87 -29.02 -6.59
CA THR I 6 22.32 -30.33 -7.01
C THR I 6 22.33 -31.28 -5.82
N PRO I 7 22.01 -32.57 -6.06
CA PRO I 7 21.56 -33.15 -7.32
C PRO I 7 20.10 -32.81 -7.61
N SER I 8 19.63 -32.97 -8.85
CA SER I 8 18.22 -32.73 -9.14
C SER I 8 17.33 -33.71 -8.39
N SER I 9 17.71 -34.98 -8.37
CA SER I 9 17.03 -36.01 -7.61
C SER I 9 18.06 -37.03 -7.17
N MET I 10 17.69 -37.86 -6.19
CA MET I 10 18.62 -38.84 -5.68
C MET I 10 17.86 -39.91 -4.90
N TYR I 11 18.51 -41.07 -4.76
CA TYR I 11 18.00 -42.18 -3.98
C TYR I 11 18.91 -42.39 -2.78
N ALA I 12 18.33 -42.46 -1.59
CA ALA I 12 19.10 -42.60 -0.36
C ALA I 12 18.42 -43.60 0.57
N SER I 13 19.24 -44.34 1.30
CA SER I 13 18.76 -45.32 2.26
C SER I 13 18.60 -44.67 3.65
N LEU I 14 17.91 -45.41 4.53
CA LEU I 14 17.66 -44.94 5.91
C LEU I 14 18.99 -44.85 6.67
N GLY I 15 19.16 -43.78 7.47
CA GLY I 15 20.36 -43.58 8.23
C GLY I 15 21.49 -42.91 7.46
N GLU I 16 21.41 -42.87 6.13
CA GLU I 16 22.45 -42.29 5.30
C GLU I 16 22.58 -40.79 5.57
N ARG I 17 23.78 -40.28 5.28
CA ARG I 17 24.03 -38.85 5.32
C ARG I 17 23.74 -38.27 3.94
N VAL I 18 23.02 -37.16 3.89
CA VAL I 18 22.60 -36.57 2.63
C VAL I 18 22.97 -35.10 2.61
N THR I 19 23.68 -34.67 1.57
CA THR I 19 24.10 -33.29 1.41
C THR I 19 23.54 -32.75 0.11
N ILE I 20 22.85 -31.62 0.19
CA ILE I 20 22.27 -30.94 -0.98
C ILE I 20 22.98 -29.61 -1.13
N THR I 21 23.51 -29.33 -2.33
CA THR I 21 24.32 -28.15 -2.56
C THR I 21 23.58 -27.13 -3.42
N CYS I 22 23.69 -25.86 -3.05
CA CYS I 22 23.10 -24.76 -3.82
C CYS I 22 24.18 -23.72 -4.06
N LYS I 23 24.46 -23.45 -5.34
CA LYS I 23 25.50 -22.51 -5.74
C LYS I 23 24.89 -21.28 -6.39
N ALA I 24 25.38 -20.11 -6.00
CA ALA I 24 24.89 -18.84 -6.53
C ALA I 24 25.83 -18.30 -7.60
N SER I 25 25.29 -17.41 -8.44
CA SER I 25 26.06 -16.77 -9.49
C SER I 25 26.94 -15.64 -8.98
N GLN I 26 26.73 -15.19 -7.74
CA GLN I 26 27.52 -14.13 -7.15
C GLN I 26 27.43 -14.25 -5.64
N ASP I 27 28.33 -13.57 -4.95
CA ASP I 27 28.33 -13.62 -3.50
C ASP I 27 27.03 -13.05 -2.96
N ILE I 28 26.24 -13.88 -2.31
CA ILE I 28 24.97 -13.49 -1.71
C ILE I 28 25.08 -13.35 -0.19
N ASN I 29 26.30 -13.25 0.32
CA ASN I 29 26.55 -13.10 1.75
C ASN I 29 25.96 -14.27 2.52
N SER I 30 24.93 -14.03 3.33
CA SER I 30 24.27 -15.08 4.07
C SER I 30 22.80 -15.20 3.75
N TYR I 31 22.32 -14.57 2.68
CA TYR I 31 20.90 -14.53 2.37
C TYR I 31 20.49 -15.80 1.62
N LEU I 32 20.27 -16.87 2.38
CA LEU I 32 19.79 -18.11 1.82
C LEU I 32 18.93 -18.84 2.85
N ASN I 33 17.78 -19.33 2.39
CA ASN I 33 16.87 -20.13 3.18
C ASN I 33 16.60 -21.46 2.49
N TRP I 34 16.37 -22.49 3.30
CA TRP I 34 16.12 -23.85 2.82
C TRP I 34 14.69 -24.25 3.20
N PHE I 35 13.96 -24.81 2.24
CA PHE I 35 12.57 -25.16 2.44
C PHE I 35 12.31 -26.61 2.06
N GLN I 36 11.47 -27.28 2.85
CA GLN I 36 11.05 -28.64 2.60
C GLN I 36 9.62 -28.65 2.07
N LEU I 37 9.34 -29.60 1.18
CA LEU I 37 8.02 -29.72 0.57
C LEU I 37 7.64 -31.19 0.50
N LYS I 38 6.71 -31.59 1.35
CA LYS I 38 6.14 -32.94 1.35
C LYS I 38 4.76 -32.90 0.73
N PRO I 39 4.43 -33.83 -0.18
CA PRO I 39 3.19 -33.72 -0.96
C PRO I 39 1.95 -33.39 -0.14
N GLY I 40 1.39 -32.20 -0.37
CA GLY I 40 0.19 -31.75 0.28
C GLY I 40 0.43 -30.89 1.51
N LYS I 41 1.57 -31.06 2.17
CA LYS I 41 1.81 -30.38 3.44
C LYS I 41 2.33 -28.97 3.21
N SER I 42 2.05 -28.09 4.16
CA SER I 42 2.53 -26.72 4.09
C SER I 42 4.05 -26.70 4.10
N PRO I 43 4.69 -25.97 3.19
CA PRO I 43 6.16 -25.91 3.16
C PRO I 43 6.74 -25.61 4.53
N LYS I 44 7.84 -26.27 4.86
CA LYS I 44 8.50 -26.12 6.16
C LYS I 44 9.86 -25.48 5.95
N THR I 45 10.06 -24.31 6.55
CA THR I 45 11.36 -23.65 6.56
C THR I 45 12.27 -24.37 7.57
N LEU I 46 13.31 -25.02 7.06
CA LEU I 46 14.23 -25.77 7.90
C LEU I 46 15.40 -24.92 8.38
N ILE I 47 16.04 -24.20 7.45
CA ILE I 47 17.24 -23.43 7.73
C ILE I 47 17.01 -22.03 7.17
N TYR I 48 17.37 -21.02 7.95
CA TYR I 48 17.31 -19.64 7.47
C TYR I 48 18.63 -18.94 7.79
N ARG I 49 18.90 -17.88 7.04
CA ARG I 49 20.17 -17.16 7.14
C ARG I 49 21.35 -18.09 6.87
N ALA I 50 21.12 -19.05 5.97
CA ALA I 50 22.10 -19.99 5.44
C ALA I 50 22.62 -21.01 6.44
N ASN I 51 22.61 -20.72 7.75
CA ASN I 51 23.20 -21.66 8.70
C ASN I 51 22.59 -21.58 10.10
N ARG I 52 21.32 -21.26 10.22
CA ARG I 52 20.66 -21.23 11.52
C ARG I 52 19.45 -22.15 11.50
N LEU I 53 19.36 -23.03 12.49
CA LEU I 53 18.31 -24.03 12.54
C LEU I 53 17.06 -23.44 13.17
N VAL I 54 15.92 -23.58 12.47
CA VAL I 54 14.65 -23.14 13.03
C VAL I 54 14.34 -23.97 14.26
N ASP I 55 13.90 -23.28 15.32
CA ASP I 55 13.55 -23.96 16.56
C ASP I 55 12.49 -25.04 16.33
N GLY I 56 12.70 -26.20 16.93
CA GLY I 56 11.86 -27.35 16.70
C GLY I 56 12.27 -28.28 15.57
N VAL I 57 13.05 -27.80 14.61
CA VAL I 57 13.48 -28.68 13.52
C VAL I 57 14.49 -29.69 14.07
N PRO I 58 14.44 -30.95 13.65
CA PRO I 58 15.38 -31.95 14.21
C PRO I 58 16.83 -31.55 13.99
N SER I 59 17.64 -31.76 15.04
CA SER I 59 19.05 -31.39 15.00
C SER I 59 19.86 -32.09 13.92
N ARG I 60 19.37 -33.20 13.37
CA ARG I 60 20.05 -33.83 12.25
C ARG I 60 20.21 -32.91 11.05
N PHE I 61 19.44 -31.83 10.99
CA PHE I 61 19.51 -30.86 9.90
C PHE I 61 20.55 -29.79 10.23
N SER I 62 21.37 -29.46 9.23
CA SER I 62 22.42 -28.46 9.40
C SER I 62 22.60 -27.67 8.12
N GLY I 63 22.86 -26.37 8.27
CA GLY I 63 23.10 -25.48 7.14
C GLY I 63 24.51 -24.93 7.18
N SER I 64 25.14 -24.83 6.02
CA SER I 64 26.49 -24.33 5.93
C SER I 64 26.67 -23.62 4.59
N GLY I 65 27.81 -22.95 4.46
CA GLY I 65 28.17 -22.27 3.23
C GLY I 65 28.40 -20.79 3.43
N SER I 66 28.94 -20.18 2.38
CA SER I 66 29.24 -18.76 2.36
C SER I 66 29.46 -18.34 0.91
N GLY I 67 29.58 -17.02 0.71
CA GLY I 67 29.84 -16.46 -0.60
C GLY I 67 28.83 -16.91 -1.64
N GLN I 68 29.23 -17.89 -2.45
CA GLN I 68 28.39 -18.41 -3.52
C GLN I 68 27.93 -19.84 -3.29
N ASP I 69 28.61 -20.59 -2.43
CA ASP I 69 28.35 -22.02 -2.26
C ASP I 69 27.76 -22.27 -0.89
N TYR I 70 26.56 -22.87 -0.85
CA TYR I 70 25.92 -23.25 0.40
C TYR I 70 25.46 -24.70 0.29
N SER I 71 25.08 -25.27 1.43
CA SER I 71 24.67 -26.66 1.47
C SER I 71 23.84 -26.93 2.71
N LEU I 72 22.98 -27.94 2.60
CA LEU I 72 22.16 -28.44 3.69
C LEU I 72 22.47 -29.91 3.88
N THR I 73 22.67 -30.33 5.12
CA THR I 73 23.08 -31.69 5.43
C THR I 73 22.10 -32.32 6.41
N ILE I 74 21.74 -33.56 6.12
CA ILE I 74 20.99 -34.43 7.01
C ILE I 74 21.96 -35.52 7.47
N SER I 75 22.29 -35.50 8.76
CA SER I 75 23.30 -36.41 9.28
C SER I 75 22.87 -37.86 9.13
N SER I 76 21.66 -38.18 9.59
CA SER I 76 21.10 -39.53 9.50
C SER I 76 19.71 -39.43 8.91
N LEU I 77 19.55 -39.88 7.68
CA LEU I 77 18.30 -39.68 6.95
C LEU I 77 17.19 -40.56 7.52
N GLU I 78 16.08 -39.94 7.89
CA GLU I 78 14.89 -40.64 8.34
C GLU I 78 13.88 -40.71 7.20
N TYR I 79 12.83 -41.51 7.40
CA TYR I 79 11.84 -41.67 6.34
C TYR I 79 10.96 -40.44 6.18
N GLU I 80 10.70 -39.71 7.27
CA GLU I 80 9.84 -38.54 7.20
C GLU I 80 10.63 -37.31 6.76
N ASP I 81 11.72 -37.52 6.02
CA ASP I 81 12.51 -36.43 5.47
C ASP I 81 12.48 -36.44 3.95
N MET I 82 11.63 -37.23 3.34
CA MET I 82 11.60 -37.40 1.90
C MET I 82 10.63 -36.41 1.26
N GLY I 83 11.16 -35.56 0.40
CA GLY I 83 10.38 -34.52 -0.23
C GLY I 83 11.25 -33.72 -1.17
N ILE I 84 10.74 -32.57 -1.58
CA ILE I 84 11.46 -31.69 -2.48
C ILE I 84 12.04 -30.53 -1.67
N TYR I 85 13.32 -30.25 -1.87
CA TYR I 85 14.01 -29.21 -1.11
C TYR I 85 14.36 -28.05 -2.03
N TYR I 86 14.26 -26.84 -1.49
CA TYR I 86 14.45 -25.62 -2.28
C TYR I 86 15.36 -24.65 -1.54
N CYS I 87 16.29 -24.04 -2.27
CA CYS I 87 17.11 -22.96 -1.76
C CYS I 87 16.61 -21.63 -2.31
N LEU I 88 16.65 -20.60 -1.46
CA LEU I 88 16.15 -19.28 -1.80
C LEU I 88 17.18 -18.23 -1.40
N GLN I 89 17.58 -17.39 -2.35
CA GLN I 89 18.45 -16.27 -2.07
C GLN I 89 17.64 -14.97 -2.04
N TYR I 90 17.98 -14.09 -1.12
CA TYR I 90 17.32 -12.79 -1.01
C TYR I 90 18.35 -11.69 -0.79
N ASP I 91 19.49 -11.79 -1.50
CA ASP I 91 20.43 -10.67 -1.54
C ASP I 91 20.01 -9.63 -2.58
N GLU I 92 19.78 -10.06 -3.82
CA GLU I 92 19.37 -9.16 -4.87
C GLU I 92 17.86 -9.24 -5.03
N LEU I 93 17.40 -10.16 -5.86
CA LEU I 93 16.00 -10.50 -5.95
C LEU I 93 15.75 -11.81 -5.20
N TYR I 94 14.52 -12.29 -5.25
CA TYR I 94 14.16 -13.58 -4.66
C TYR I 94 14.08 -14.60 -5.79
N THR I 95 15.06 -15.50 -5.83
CA THR I 95 15.08 -16.59 -6.80
C THR I 95 15.30 -17.91 -6.10
N PHE I 96 14.63 -18.95 -6.59
CA PHE I 96 14.65 -20.26 -5.99
C PHE I 96 15.59 -21.20 -6.74
N GLY I 97 15.95 -22.30 -6.08
CA GLY I 97 16.68 -23.35 -6.75
C GLY I 97 15.79 -24.19 -7.63
N GLY I 98 16.41 -25.12 -8.36
CA GLY I 98 15.63 -25.98 -9.23
C GLY I 98 14.80 -26.99 -8.49
N GLY I 99 15.13 -27.27 -7.24
CA GLY I 99 14.42 -28.28 -6.47
C GLY I 99 15.11 -29.61 -6.52
N THR I 100 15.31 -30.24 -5.37
CA THR I 100 15.90 -31.57 -5.29
C THR I 100 14.91 -32.52 -4.62
N LYS I 101 14.71 -33.68 -5.22
CA LYS I 101 13.74 -34.66 -4.73
C LYS I 101 14.47 -35.75 -3.95
N LEU I 102 14.14 -35.87 -2.67
CA LEU I 102 14.73 -36.89 -1.81
C LEU I 102 13.80 -38.10 -1.79
N GLU I 103 14.36 -39.28 -2.06
CA GLU I 103 13.55 -40.46 -2.30
C GLU I 103 14.22 -41.68 -1.66
N MET I 104 13.52 -42.81 -1.72
CA MET I 104 13.93 -44.03 -1.03
C MET I 104 14.79 -44.92 -1.92
N LYS I 105 15.84 -45.48 -1.33
CA LYS I 105 16.65 -46.48 -2.00
C LYS I 105 16.11 -47.87 -1.70
N ARG I 106 16.08 -48.72 -2.72
CA ARG I 106 15.64 -50.10 -2.55
C ARG I 106 16.22 -50.93 -3.69
N ALA I 107 15.85 -52.21 -3.72
CA ALA I 107 16.33 -53.10 -4.75
C ALA I 107 15.62 -52.85 -6.08
N ASP I 108 16.35 -53.04 -7.17
CA ASP I 108 15.78 -52.88 -8.50
C ASP I 108 14.67 -53.90 -8.73
N ALA I 109 13.53 -53.43 -9.22
CA ALA I 109 12.37 -54.27 -9.48
C ALA I 109 11.88 -54.05 -10.91
N ALA I 110 11.52 -55.14 -11.58
CA ALA I 110 11.03 -55.04 -12.93
C ALA I 110 9.53 -54.70 -12.94
N PRO I 111 9.07 -53.93 -13.93
CA PRO I 111 7.66 -53.54 -13.95
C PRO I 111 6.75 -54.69 -14.37
N THR I 112 5.51 -54.64 -13.90
CA THR I 112 4.48 -55.57 -14.29
C THR I 112 3.61 -54.89 -15.35
N VAL I 113 3.67 -55.39 -16.58
CA VAL I 113 3.00 -54.75 -17.71
C VAL I 113 1.68 -55.45 -17.95
N SER I 114 0.59 -54.70 -17.86
CA SER I 114 -0.75 -55.23 -18.10
C SER I 114 -1.47 -54.31 -19.07
N ILE I 115 -1.95 -54.86 -20.18
CA ILE I 115 -2.58 -54.08 -21.24
C ILE I 115 -4.03 -54.54 -21.38
N PHE I 116 -4.94 -53.57 -21.43
CA PHE I 116 -6.37 -53.83 -21.48
C PHE I 116 -7.00 -53.11 -22.67
N PRO I 117 -7.84 -53.79 -23.43
CA PRO I 117 -8.50 -53.17 -24.58
C PRO I 117 -9.66 -52.28 -24.14
N PRO I 118 -10.31 -51.59 -25.08
CA PRO I 118 -11.47 -50.78 -24.70
C PRO I 118 -12.64 -51.64 -24.25
N SER I 119 -13.44 -51.06 -23.35
CA SER I 119 -14.62 -51.75 -22.85
C SER I 119 -15.78 -51.61 -23.84
N SER I 120 -16.76 -52.49 -23.70
CA SER I 120 -17.87 -52.54 -24.66
C SER I 120 -18.68 -51.24 -24.64
N GLU I 121 -19.05 -50.78 -23.44
CA GLU I 121 -19.83 -49.55 -23.34
C GLU I 121 -19.11 -48.38 -23.99
N GLN I 122 -17.79 -48.34 -23.89
CA GLN I 122 -17.04 -47.24 -24.49
C GLN I 122 -17.10 -47.31 -26.01
N LEU I 123 -17.00 -48.51 -26.60
CA LEU I 123 -17.20 -48.65 -28.03
C LEU I 123 -18.60 -48.24 -28.44
N THR I 124 -19.59 -48.42 -27.56
CA THR I 124 -20.92 -47.90 -27.87
C THR I 124 -21.05 -46.40 -27.60
N SER I 125 -20.06 -45.80 -26.93
CA SER I 125 -20.05 -44.35 -26.72
C SER I 125 -19.21 -43.60 -27.74
N GLY I 126 -18.62 -44.29 -28.71
CA GLY I 126 -17.88 -43.68 -29.79
C GLY I 126 -16.37 -43.69 -29.61
N GLY I 127 -15.88 -43.86 -28.38
CA GLY I 127 -14.46 -43.82 -28.11
C GLY I 127 -13.85 -45.21 -27.95
N ALA I 128 -12.54 -45.21 -27.70
CA ALA I 128 -11.82 -46.46 -27.48
C ALA I 128 -10.50 -46.14 -26.80
N SER I 129 -10.39 -46.44 -25.51
CA SER I 129 -9.19 -46.17 -24.73
C SER I 129 -8.50 -47.49 -24.43
N VAL I 130 -7.31 -47.66 -24.98
CA VAL I 130 -6.48 -48.84 -24.70
C VAL I 130 -5.50 -48.47 -23.59
N VAL I 131 -5.49 -49.23 -22.50
CA VAL I 131 -4.76 -48.84 -21.31
C VAL I 131 -3.60 -49.80 -21.05
N CYS I 132 -2.51 -49.26 -20.51
CA CYS I 132 -1.32 -50.02 -20.18
C CYS I 132 -0.82 -49.60 -18.80
N PHE I 133 -0.84 -50.52 -17.85
CA PHE I 133 -0.30 -50.29 -16.52
C PHE I 133 1.10 -50.89 -16.42
N LEU I 134 2.05 -50.11 -15.90
CA LEU I 134 3.40 -50.56 -15.61
C LEU I 134 3.56 -50.48 -14.09
N ASN I 135 3.46 -51.63 -13.44
CA ASN I 135 3.28 -51.77 -12.01
C ASN I 135 4.61 -51.99 -11.31
N ASN I 136 4.63 -51.63 -10.02
CA ASN I 136 5.74 -51.73 -9.07
C ASN I 136 7.10 -52.02 -9.70
N PHE I 137 7.88 -50.97 -9.89
CA PHE I 137 9.23 -51.10 -10.46
C PHE I 137 10.14 -50.06 -9.82
N TYR I 138 11.41 -50.14 -10.16
CA TYR I 138 12.45 -49.30 -9.58
C TYR I 138 13.72 -49.42 -10.41
N PRO I 139 14.39 -48.32 -10.75
CA PRO I 139 14.12 -46.91 -10.39
C PRO I 139 12.94 -46.28 -11.14
N LYS I 140 12.75 -44.97 -10.93
CA LYS I 140 11.64 -44.25 -11.53
C LYS I 140 11.73 -44.23 -13.05
N ASP I 141 12.94 -44.28 -13.60
CA ASP I 141 13.14 -44.09 -15.03
C ASP I 141 12.53 -45.25 -15.81
N ILE I 142 11.61 -44.92 -16.72
CA ILE I 142 10.90 -45.92 -17.51
C ILE I 142 10.42 -45.24 -18.78
N ASN I 143 10.47 -45.97 -19.90
CA ASN I 143 9.98 -45.46 -21.18
C ASN I 143 8.92 -46.40 -21.73
N VAL I 144 7.95 -45.84 -22.44
CA VAL I 144 6.83 -46.60 -22.98
C VAL I 144 6.59 -46.17 -24.42
N LYS I 145 6.30 -47.16 -25.29
CA LYS I 145 6.05 -46.91 -26.70
C LYS I 145 4.85 -47.72 -27.14
N TRP I 146 3.81 -47.04 -27.61
CA TRP I 146 2.65 -47.71 -28.17
C TRP I 146 2.90 -48.09 -29.62
N LYS I 147 2.40 -49.25 -30.02
CA LYS I 147 2.62 -49.76 -31.37
C LYS I 147 1.29 -50.24 -31.95
N ILE I 148 0.93 -49.70 -33.12
CA ILE I 148 -0.31 -50.00 -33.81
C ILE I 148 0.03 -50.68 -35.13
N ASP I 149 -0.42 -51.93 -35.29
CA ASP I 149 -0.16 -52.74 -36.48
C ASP I 149 1.33 -52.83 -36.81
N GLY I 150 2.18 -52.67 -35.80
CA GLY I 150 3.61 -52.79 -36.00
C GLY I 150 4.35 -51.47 -36.15
N SER I 151 3.62 -50.35 -36.26
CA SER I 151 4.23 -49.04 -36.40
C SER I 151 4.04 -48.24 -35.12
N GLU I 152 5.10 -47.55 -34.68
CA GLU I 152 5.02 -46.82 -33.43
C GLU I 152 4.07 -45.65 -33.57
N ARG I 153 3.22 -45.46 -32.56
CA ARG I 153 2.22 -44.39 -32.54
C ARG I 153 2.40 -43.56 -31.28
N GLN I 154 2.38 -42.23 -31.45
CA GLN I 154 2.55 -41.30 -30.35
C GLN I 154 1.42 -40.29 -30.25
N ASN I 155 0.38 -40.42 -31.09
CA ASN I 155 -0.70 -39.43 -31.14
C ASN I 155 -1.83 -39.84 -30.21
N GLY I 156 -2.37 -38.87 -29.48
CA GLY I 156 -3.49 -39.14 -28.60
C GLY I 156 -3.15 -39.94 -27.37
N VAL I 157 -1.90 -39.90 -26.92
CA VAL I 157 -1.46 -40.68 -25.78
C VAL I 157 -1.56 -39.85 -24.50
N LEU I 158 -1.83 -40.53 -23.39
CA LEU I 158 -1.88 -39.93 -22.07
C LEU I 158 -0.94 -40.69 -21.15
N ASN I 159 -0.23 -39.96 -20.29
CA ASN I 159 0.77 -40.56 -19.40
C ASN I 159 0.58 -40.02 -18.00
N SER I 160 0.48 -40.92 -17.02
CA SER I 160 0.37 -40.56 -15.61
C SER I 160 1.39 -41.33 -14.80
N TRP I 161 2.10 -40.65 -13.91
CA TRP I 161 3.15 -41.25 -13.11
C TRP I 161 2.76 -41.26 -11.64
N THR I 162 3.12 -42.34 -10.96
CA THR I 162 2.87 -42.49 -9.53
C THR I 162 4.12 -42.11 -8.75
N ASP I 163 3.90 -41.54 -7.56
CA ASP I 163 5.00 -41.26 -6.65
C ASP I 163 5.56 -42.56 -6.07
N GLN I 164 6.52 -42.42 -5.16
CA GLN I 164 7.10 -43.58 -4.50
C GLN I 164 6.07 -44.20 -3.56
N ASP I 165 5.75 -45.47 -3.77
CA ASP I 165 4.82 -46.16 -2.90
C ASP I 165 5.38 -46.25 -1.49
N SER I 166 4.61 -45.75 -0.52
CA SER I 166 5.06 -45.79 0.87
C SER I 166 5.24 -47.20 1.38
N LYS I 167 4.62 -48.19 0.73
CA LYS I 167 4.71 -49.57 1.18
C LYS I 167 6.05 -50.20 0.80
N ASP I 168 6.26 -50.41 -0.51
CA ASP I 168 7.42 -51.13 -1.01
C ASP I 168 8.41 -50.24 -1.76
N SER I 169 8.23 -48.92 -1.72
CA SER I 169 9.20 -47.96 -2.27
C SER I 169 9.37 -48.11 -3.78
N THR I 170 8.33 -48.57 -4.46
CA THR I 170 8.34 -48.74 -5.92
C THR I 170 7.51 -47.65 -6.58
N TYR I 171 7.53 -47.66 -7.91
CA TYR I 171 6.76 -46.74 -8.72
C TYR I 171 5.81 -47.50 -9.63
N SER I 172 4.79 -46.79 -10.10
CA SER I 172 3.84 -47.33 -11.07
C SER I 172 3.57 -46.25 -12.10
N MET I 173 2.92 -46.65 -13.20
CA MET I 173 2.69 -45.71 -14.29
C MET I 173 1.51 -46.20 -15.12
N SER I 174 0.75 -45.26 -15.66
CA SER I 174 -0.37 -45.58 -16.53
C SER I 174 -0.20 -44.84 -17.86
N SER I 175 -0.45 -45.55 -18.95
CA SER I 175 -0.38 -44.98 -20.30
C SER I 175 -1.64 -45.36 -21.04
N THR I 176 -2.43 -44.35 -21.41
CA THR I 176 -3.66 -44.55 -22.15
C THR I 176 -3.47 -44.12 -23.59
N LEU I 177 -4.16 -44.80 -24.51
CA LEU I 177 -4.18 -44.42 -25.92
C LEU I 177 -5.65 -44.27 -26.30
N THR I 178 -6.07 -43.04 -26.53
CA THR I 178 -7.45 -42.73 -26.85
C THR I 178 -7.63 -42.58 -28.34
N LEU I 179 -8.62 -43.30 -28.89
CA LEU I 179 -8.94 -43.26 -30.30
C LEU I 179 -10.46 -43.19 -30.44
N THR I 180 -10.92 -42.97 -31.67
CA THR I 180 -12.35 -43.05 -31.93
C THR I 180 -12.73 -44.48 -32.32
N LYS I 181 -14.04 -44.72 -32.37
CA LYS I 181 -14.54 -46.06 -32.65
C LYS I 181 -14.06 -46.55 -34.01
N ASP I 182 -14.22 -45.72 -35.05
CA ASP I 182 -13.86 -46.15 -36.40
C ASP I 182 -12.35 -46.16 -36.61
N GLU I 183 -11.64 -45.23 -35.95
CA GLU I 183 -10.18 -45.25 -35.94
C GLU I 183 -9.65 -46.54 -35.35
N TYR I 184 -10.11 -46.88 -34.15
CA TYR I 184 -9.74 -48.15 -33.52
C TYR I 184 -10.13 -49.33 -34.40
N GLU I 185 -11.32 -49.27 -35.02
CA GLU I 185 -11.85 -50.40 -35.77
C GLU I 185 -11.14 -50.62 -37.10
N ARG I 186 -10.33 -49.66 -37.56
CA ARG I 186 -9.57 -49.89 -38.78
C ARG I 186 -8.15 -50.44 -38.53
N HIS I 187 -7.91 -51.08 -37.39
CA HIS I 187 -6.58 -51.57 -37.09
C HIS I 187 -6.63 -52.86 -36.28
N ASN I 188 -5.48 -53.53 -36.21
CA ASN I 188 -5.28 -54.74 -35.44
C ASN I 188 -3.99 -54.67 -34.66
N SER I 189 -3.92 -55.47 -33.60
CA SER I 189 -2.77 -55.58 -32.71
C SER I 189 -2.39 -54.23 -32.09
N TYR I 190 -2.39 -54.20 -30.77
CA TYR I 190 -2.03 -53.01 -29.99
C TYR I 190 -0.97 -53.46 -28.98
N THR I 191 0.27 -53.09 -29.26
CA THR I 191 1.43 -53.43 -28.45
C THR I 191 1.79 -52.26 -27.54
N CYS I 192 2.30 -52.59 -26.36
CA CYS I 192 2.75 -51.60 -25.37
C CYS I 192 4.15 -51.99 -24.95
N GLU I 193 5.15 -51.50 -25.68
CA GLU I 193 6.54 -51.79 -25.38
C GLU I 193 7.01 -50.96 -24.19
N ALA I 194 7.77 -51.60 -23.30
CA ALA I 194 8.30 -50.95 -22.12
C ALA I 194 9.80 -51.11 -22.07
N THR I 195 10.50 -50.03 -21.66
CA THR I 195 11.95 -50.03 -21.55
C THR I 195 12.32 -49.58 -20.14
N HIS I 196 13.07 -50.42 -19.44
CA HIS I 196 13.51 -50.16 -18.07
C HIS I 196 15.00 -50.44 -17.97
N LYS I 197 15.58 -50.01 -16.85
CA LYS I 197 17.01 -50.23 -16.63
C LYS I 197 17.31 -51.68 -16.31
N THR I 198 16.31 -52.45 -15.87
CA THR I 198 16.51 -53.85 -15.52
C THR I 198 16.63 -54.75 -16.74
N SER I 199 16.22 -54.30 -17.92
CA SER I 199 16.25 -55.12 -19.12
C SER I 199 16.83 -54.35 -20.28
N THR I 200 17.67 -55.03 -21.07
CA THR I 200 18.21 -54.42 -22.28
C THR I 200 17.18 -54.39 -23.42
N SER I 201 16.26 -55.36 -23.45
CA SER I 201 15.21 -55.48 -24.44
C SER I 201 13.88 -54.99 -23.87
N PRO I 202 12.98 -54.50 -24.72
CA PRO I 202 11.70 -53.98 -24.22
C PRO I 202 10.74 -55.10 -23.86
N ILE I 203 10.16 -55.02 -22.67
CA ILE I 203 9.07 -55.92 -22.29
C ILE I 203 7.88 -55.60 -23.18
N VAL I 204 7.44 -56.59 -23.95
CA VAL I 204 6.41 -56.39 -24.96
C VAL I 204 5.17 -57.16 -24.55
N LYS I 205 4.09 -56.43 -24.31
CA LYS I 205 2.77 -57.01 -24.07
C LYS I 205 1.82 -56.41 -25.08
N SER I 206 1.13 -57.26 -25.83
CA SER I 206 0.27 -56.81 -26.90
C SER I 206 -1.03 -57.59 -26.86
N PHE I 207 -1.96 -57.17 -27.71
CA PHE I 207 -3.22 -57.90 -27.85
C PHE I 207 -3.76 -57.71 -29.25
N ASN I 208 -4.45 -58.72 -29.75
CA ASN I 208 -5.10 -58.64 -31.04
C ASN I 208 -6.53 -58.14 -30.89
N ARG I 209 -7.04 -57.54 -31.96
CA ARG I 209 -8.42 -57.06 -31.98
C ARG I 209 -9.39 -58.14 -32.45
N ASN I 210 -9.08 -59.40 -32.15
CA ASN I 210 -9.90 -60.53 -32.54
C ASN I 210 -11.01 -60.82 -31.54
N GLU J 1 30.79 -4.86 23.95
CA GLU J 1 31.62 -3.86 23.30
C GLU J 1 30.93 -3.49 21.99
N GLU J 2 31.54 -3.80 20.85
CA GLU J 2 30.97 -3.46 19.57
C GLU J 2 30.41 -4.72 18.91
N PHE J 3 29.24 -4.60 18.28
CA PHE J 3 28.63 -5.74 17.61
C PHE J 3 29.48 -6.17 16.42
N GLY J 4 30.10 -7.34 16.55
CA GLY J 4 31.03 -7.85 15.56
C GLY J 4 30.41 -8.37 14.29
N ARG J 5 29.09 -8.25 14.12
CA ARG J 5 28.41 -8.73 12.93
C ARG J 5 27.72 -7.56 12.26
N ALA J 6 28.03 -7.34 10.99
CA ALA J 6 27.44 -6.27 10.20
C ALA J 6 26.61 -6.87 9.07
N PHE J 7 25.53 -6.17 8.72
CA PHE J 7 24.55 -6.64 7.75
C PHE J 7 24.55 -5.69 6.56
N SER J 8 24.83 -6.24 5.37
CA SER J 8 24.84 -5.41 4.18
C SER J 8 23.44 -4.85 3.92
N PHE J 9 23.40 -3.69 3.27
CA PHE J 9 22.13 -3.05 2.94
C PHE J 9 21.42 -3.81 1.81
#